data_2GBO
# 
_entry.id   2GBO 
# 
_audit_conform.dict_name       mmcif_pdbx.dic 
_audit_conform.dict_version    5.398 
_audit_conform.dict_location   http://mmcif.pdb.org/dictionaries/ascii/mmcif_pdbx.dic 
# 
loop_
_database_2.database_id 
_database_2.database_code 
_database_2.pdbx_database_accession 
_database_2.pdbx_DOI 
PDB   2GBO         pdb_00002gbo 10.2210/pdb2gbo/pdb 
RCSB  RCSB036927   ?            ?                   
WWPDB D_1000036927 ?            ?                   
# 
loop_
_pdbx_audit_revision_history.ordinal 
_pdbx_audit_revision_history.data_content_type 
_pdbx_audit_revision_history.major_revision 
_pdbx_audit_revision_history.minor_revision 
_pdbx_audit_revision_history.revision_date 
1 'Structure model' 1 0 2006-04-11 
2 'Structure model' 1 1 2008-05-01 
3 'Structure model' 1 2 2011-07-13 
4 'Structure model' 1 3 2024-11-13 
# 
_pdbx_audit_revision_details.ordinal             1 
_pdbx_audit_revision_details.revision_ordinal    1 
_pdbx_audit_revision_details.data_content_type   'Structure model' 
_pdbx_audit_revision_details.provider            repository 
_pdbx_audit_revision_details.type                'Initial release' 
_pdbx_audit_revision_details.description         ? 
_pdbx_audit_revision_details.details             ? 
# 
loop_
_pdbx_audit_revision_group.ordinal 
_pdbx_audit_revision_group.revision_ordinal 
_pdbx_audit_revision_group.data_content_type 
_pdbx_audit_revision_group.group 
1 2 'Structure model' 'Version format compliance' 
2 3 'Structure model' Advisory                    
3 3 'Structure model' 'Source and taxonomy'       
4 3 'Structure model' 'Version format compliance' 
5 4 'Structure model' 'Data collection'           
6 4 'Structure model' 'Database references'       
7 4 'Structure model' 'Derived calculations'      
8 4 'Structure model' 'Structure summary'         
# 
loop_
_pdbx_audit_revision_category.ordinal 
_pdbx_audit_revision_category.revision_ordinal 
_pdbx_audit_revision_category.data_content_type 
_pdbx_audit_revision_category.category 
1 4 'Structure model' chem_comp_atom               
2 4 'Structure model' chem_comp_bond               
3 4 'Structure model' database_2                   
4 4 'Structure model' pdbx_entry_details           
5 4 'Structure model' pdbx_modification_feature    
6 4 'Structure model' pdbx_struct_special_symmetry 
7 4 'Structure model' struct_conn                  
8 4 'Structure model' struct_ref_seq_dif           
# 
loop_
_pdbx_audit_revision_item.ordinal 
_pdbx_audit_revision_item.revision_ordinal 
_pdbx_audit_revision_item.data_content_type 
_pdbx_audit_revision_item.item 
1 4 'Structure model' '_database_2.pdbx_DOI'                
2 4 'Structure model' '_database_2.pdbx_database_accession' 
3 4 'Structure model' '_struct_conn.pdbx_leaving_atom_flag' 
4 4 'Structure model' '_struct_ref_seq_dif.details'         
# 
_pdbx_database_status.status_code                     REL 
_pdbx_database_status.entry_id                        2GBO 
_pdbx_database_status.recvd_initial_deposition_date   2006-03-10 
_pdbx_database_status.deposit_site                    RCSB 
_pdbx_database_status.process_site                    RCSB 
_pdbx_database_status.status_code_sf                  REL 
_pdbx_database_status.status_code_mr                  ? 
_pdbx_database_status.SG_entry                        Y 
_pdbx_database_status.pdb_format_compatible           Y 
_pdbx_database_status.status_code_cs                  ? 
_pdbx_database_status.status_code_nmr_data            ? 
_pdbx_database_status.methods_development_category    ? 
# 
_pdbx_database_related.db_name        TargetDB 
_pdbx_database_related.db_id          APC85101 
_pdbx_database_related.details        . 
_pdbx_database_related.content_type   unspecified 
# 
loop_
_audit_author.name 
_audit_author.pdbx_ordinal 
'Osipiuk, J.'                                   1 
'Wu, R.'                                        2 
'Bargassa, M.'                                  3 
'Joachimiak, A.'                                4 
'Midwest Center for Structural Genomics (MCSG)' 5 
# 
_citation.id                        primary 
_citation.title                     'X-ray crystal structure of conserved hypothetical protein EF_2458 from Enterococcus faecalis.' 
_citation.journal_abbrev            'To be Published' 
_citation.journal_volume            ? 
_citation.page_first                ? 
_citation.page_last                 ? 
_citation.year                      ? 
_citation.journal_id_ASTM           ? 
_citation.country                   ? 
_citation.journal_id_ISSN           ? 
_citation.journal_id_CSD            0353 
_citation.book_publisher            ? 
_citation.pdbx_database_id_PubMed   ? 
_citation.pdbx_database_id_DOI      ? 
# 
loop_
_citation_author.citation_id 
_citation_author.name 
_citation_author.ordinal 
_citation_author.identifier_ORCID 
primary 'Osipiuk, J.'    1 ? 
primary 'Wu, R.'         2 ? 
primary 'Bargassa, M.'   3 ? 
primary 'Joachimiak, A.' 4 ? 
# 
loop_
_entity.id 
_entity.type 
_entity.src_method 
_entity.pdbx_description 
_entity.formula_weight 
_entity.pdbx_number_of_molecules 
_entity.pdbx_ec 
_entity.pdbx_mutation 
_entity.pdbx_fragment 
_entity.details 
1 polymer man 'UPF0358 protein EF2458' 12164.123 2  ? ? ? ? 
2 water   nat water                    18.015    56 ? ? ? ? 
# 
_entity_poly.entity_id                      1 
_entity_poly.type                           'polypeptide(L)' 
_entity_poly.nstd_linkage                   no 
_entity_poly.nstd_monomer                   yes 
_entity_poly.pdbx_seq_one_letter_code       
;SNA(MSE)DEGISKKFAIQLLEDDAERIK(MSE)LIRNQKNSLCISQCKAFEEVVDTQ(MSE)YGFSRQVTYATRLGILT
NDEGHRLLSDLERELNQLYTDVYEETQEKNEIGKEG
;
_entity_poly.pdbx_seq_one_letter_code_can   
;SNAMDEGISKKFAIQLLEDDAERIKMLIRNQKNSLCISQCKAFEEVVDTQMYGFSRQVTYATRLGILTNDEGHRLLSDLE
RELNQLYTDVYEETQEKNEIGKEG
;
_entity_poly.pdbx_strand_id                 A,B 
_entity_poly.pdbx_target_identifier         APC85101 
# 
_pdbx_entity_nonpoly.entity_id   2 
_pdbx_entity_nonpoly.name        water 
_pdbx_entity_nonpoly.comp_id     HOH 
# 
loop_
_entity_poly_seq.entity_id 
_entity_poly_seq.num 
_entity_poly_seq.mon_id 
_entity_poly_seq.hetero 
1 1   SER n 
1 2   ASN n 
1 3   ALA n 
1 4   MSE n 
1 5   ASP n 
1 6   GLU n 
1 7   GLY n 
1 8   ILE n 
1 9   SER n 
1 10  LYS n 
1 11  LYS n 
1 12  PHE n 
1 13  ALA n 
1 14  ILE n 
1 15  GLN n 
1 16  LEU n 
1 17  LEU n 
1 18  GLU n 
1 19  ASP n 
1 20  ASP n 
1 21  ALA n 
1 22  GLU n 
1 23  ARG n 
1 24  ILE n 
1 25  LYS n 
1 26  MSE n 
1 27  LEU n 
1 28  ILE n 
1 29  ARG n 
1 30  ASN n 
1 31  GLN n 
1 32  LYS n 
1 33  ASN n 
1 34  SER n 
1 35  LEU n 
1 36  CYS n 
1 37  ILE n 
1 38  SER n 
1 39  GLN n 
1 40  CYS n 
1 41  LYS n 
1 42  ALA n 
1 43  PHE n 
1 44  GLU n 
1 45  GLU n 
1 46  VAL n 
1 47  VAL n 
1 48  ASP n 
1 49  THR n 
1 50  GLN n 
1 51  MSE n 
1 52  TYR n 
1 53  GLY n 
1 54  PHE n 
1 55  SER n 
1 56  ARG n 
1 57  GLN n 
1 58  VAL n 
1 59  THR n 
1 60  TYR n 
1 61  ALA n 
1 62  THR n 
1 63  ARG n 
1 64  LEU n 
1 65  GLY n 
1 66  ILE n 
1 67  LEU n 
1 68  THR n 
1 69  ASN n 
1 70  ASP n 
1 71  GLU n 
1 72  GLY n 
1 73  HIS n 
1 74  ARG n 
1 75  LEU n 
1 76  LEU n 
1 77  SER n 
1 78  ASP n 
1 79  LEU n 
1 80  GLU n 
1 81  ARG n 
1 82  GLU n 
1 83  LEU n 
1 84  ASN n 
1 85  GLN n 
1 86  LEU n 
1 87  TYR n 
1 88  THR n 
1 89  ASP n 
1 90  VAL n 
1 91  TYR n 
1 92  GLU n 
1 93  GLU n 
1 94  THR n 
1 95  GLN n 
1 96  GLU n 
1 97  LYS n 
1 98  ASN n 
1 99  GLU n 
1 100 ILE n 
1 101 GLY n 
1 102 LYS n 
1 103 GLU n 
1 104 GLY n 
# 
_entity_src_gen.entity_id                          1 
_entity_src_gen.pdbx_src_id                        1 
_entity_src_gen.pdbx_alt_source_flag               sample 
_entity_src_gen.pdbx_seq_type                      ? 
_entity_src_gen.pdbx_beg_seq_num                   ? 
_entity_src_gen.pdbx_end_seq_num                   ? 
_entity_src_gen.gene_src_common_name               ? 
_entity_src_gen.gene_src_genus                     Enterococcus 
_entity_src_gen.pdbx_gene_src_gene                 EF_2458 
_entity_src_gen.gene_src_species                   'Enterococcus faecalis' 
_entity_src_gen.gene_src_strain                    V583 
_entity_src_gen.gene_src_tissue                    ? 
_entity_src_gen.gene_src_tissue_fraction           ? 
_entity_src_gen.gene_src_details                   ? 
_entity_src_gen.pdbx_gene_src_fragment             ? 
_entity_src_gen.pdbx_gene_src_scientific_name      'Enterococcus faecalis' 
_entity_src_gen.pdbx_gene_src_ncbi_taxonomy_id     226185 
_entity_src_gen.pdbx_gene_src_variant              ? 
_entity_src_gen.pdbx_gene_src_cell_line            ? 
_entity_src_gen.pdbx_gene_src_atcc                 ? 
_entity_src_gen.pdbx_gene_src_organ                ? 
_entity_src_gen.pdbx_gene_src_organelle            ? 
_entity_src_gen.pdbx_gene_src_cell                 ? 
_entity_src_gen.pdbx_gene_src_cellular_location    ? 
_entity_src_gen.host_org_common_name               ? 
_entity_src_gen.pdbx_host_org_scientific_name      'Escherichia coli BL21(DE3)' 
_entity_src_gen.pdbx_host_org_ncbi_taxonomy_id     469008 
_entity_src_gen.host_org_genus                     Escherichia 
_entity_src_gen.pdbx_host_org_gene                 ? 
_entity_src_gen.pdbx_host_org_organ                ? 
_entity_src_gen.host_org_species                   'Escherichia coli' 
_entity_src_gen.pdbx_host_org_tissue               ? 
_entity_src_gen.pdbx_host_org_tissue_fraction      ? 
_entity_src_gen.pdbx_host_org_strain               'BL21(DE3)' 
_entity_src_gen.pdbx_host_org_variant              ? 
_entity_src_gen.pdbx_host_org_cell_line            ? 
_entity_src_gen.pdbx_host_org_atcc                 ? 
_entity_src_gen.pdbx_host_org_culture_collection   ? 
_entity_src_gen.pdbx_host_org_cell                 ? 
_entity_src_gen.pdbx_host_org_organelle            ? 
_entity_src_gen.pdbx_host_org_cellular_location    ? 
_entity_src_gen.pdbx_host_org_vector_type          ? 
_entity_src_gen.pdbx_host_org_vector               ? 
_entity_src_gen.host_org_details                   ? 
_entity_src_gen.expression_system_id               ? 
_entity_src_gen.plasmid_name                       pMCSG7 
_entity_src_gen.plasmid_details                    ? 
_entity_src_gen.pdbx_description                   ? 
# 
loop_
_chem_comp.id 
_chem_comp.type 
_chem_comp.mon_nstd_flag 
_chem_comp.name 
_chem_comp.pdbx_synonyms 
_chem_comp.formula 
_chem_comp.formula_weight 
ALA 'L-peptide linking' y ALANINE          ? 'C3 H7 N O2'     89.093  
ARG 'L-peptide linking' y ARGININE         ? 'C6 H15 N4 O2 1' 175.209 
ASN 'L-peptide linking' y ASPARAGINE       ? 'C4 H8 N2 O3'    132.118 
ASP 'L-peptide linking' y 'ASPARTIC ACID'  ? 'C4 H7 N O4'     133.103 
CYS 'L-peptide linking' y CYSTEINE         ? 'C3 H7 N O2 S'   121.158 
GLN 'L-peptide linking' y GLUTAMINE        ? 'C5 H10 N2 O3'   146.144 
GLU 'L-peptide linking' y 'GLUTAMIC ACID'  ? 'C5 H9 N O4'     147.129 
GLY 'peptide linking'   y GLYCINE          ? 'C2 H5 N O2'     75.067  
HIS 'L-peptide linking' y HISTIDINE        ? 'C6 H10 N3 O2 1' 156.162 
HOH non-polymer         . WATER            ? 'H2 O'           18.015  
ILE 'L-peptide linking' y ISOLEUCINE       ? 'C6 H13 N O2'    131.173 
LEU 'L-peptide linking' y LEUCINE          ? 'C6 H13 N O2'    131.173 
LYS 'L-peptide linking' y LYSINE           ? 'C6 H15 N2 O2 1' 147.195 
MET 'L-peptide linking' y METHIONINE       ? 'C5 H11 N O2 S'  149.211 
MSE 'L-peptide linking' n SELENOMETHIONINE ? 'C5 H11 N O2 Se' 196.106 
PHE 'L-peptide linking' y PHENYLALANINE    ? 'C9 H11 N O2'    165.189 
SER 'L-peptide linking' y SERINE           ? 'C3 H7 N O3'     105.093 
THR 'L-peptide linking' y THREONINE        ? 'C4 H9 N O3'     119.119 
TYR 'L-peptide linking' y TYROSINE         ? 'C9 H11 N O3'    181.189 
VAL 'L-peptide linking' y VALINE           ? 'C5 H11 N O2'    117.146 
# 
loop_
_pdbx_poly_seq_scheme.asym_id 
_pdbx_poly_seq_scheme.entity_id 
_pdbx_poly_seq_scheme.seq_id 
_pdbx_poly_seq_scheme.mon_id 
_pdbx_poly_seq_scheme.ndb_seq_num 
_pdbx_poly_seq_scheme.pdb_seq_num 
_pdbx_poly_seq_scheme.auth_seq_num 
_pdbx_poly_seq_scheme.pdb_mon_id 
_pdbx_poly_seq_scheme.auth_mon_id 
_pdbx_poly_seq_scheme.pdb_strand_id 
_pdbx_poly_seq_scheme.pdb_ins_code 
_pdbx_poly_seq_scheme.hetero 
A 1 1   SER 1   -2  ?  ?   ?   A . n 
A 1 2   ASN 2   -1  ?  ?   ?   A . n 
A 1 3   ALA 3   0   ?  ?   ?   A . n 
A 1 4   MSE 4   1   1  MSE MSE A . n 
A 1 5   ASP 5   2   2  ASP ASP A . n 
A 1 6   GLU 6   3   3  GLU GLU A . n 
A 1 7   GLY 7   4   4  GLY GLY A . n 
A 1 8   ILE 8   5   5  ILE ILE A . n 
A 1 9   SER 9   6   6  SER SER A . n 
A 1 10  LYS 10  7   7  LYS LYS A . n 
A 1 11  LYS 11  8   8  LYS LYS A . n 
A 1 12  PHE 12  9   9  PHE PHE A . n 
A 1 13  ALA 13  10  10 ALA ALA A . n 
A 1 14  ILE 14  11  11 ILE ILE A . n 
A 1 15  GLN 15  12  12 GLN GLN A . n 
A 1 16  LEU 16  13  13 LEU LEU A . n 
A 1 17  LEU 17  14  14 LEU LEU A . n 
A 1 18  GLU 18  15  15 GLU GLU A . n 
A 1 19  ASP 19  16  16 ASP ASP A . n 
A 1 20  ASP 20  17  17 ASP ASP A . n 
A 1 21  ALA 21  18  18 ALA ALA A . n 
A 1 22  GLU 22  19  19 GLU GLU A . n 
A 1 23  ARG 23  20  20 ARG ARG A . n 
A 1 24  ILE 24  21  21 ILE ILE A . n 
A 1 25  LYS 25  22  22 LYS LYS A . n 
A 1 26  MSE 26  23  23 MSE MSE A . n 
A 1 27  LEU 27  24  24 LEU LEU A . n 
A 1 28  ILE 28  25  25 ILE ILE A . n 
A 1 29  ARG 29  26  26 ARG ARG A . n 
A 1 30  ASN 30  27  27 ASN ASN A . n 
A 1 31  GLN 31  28  28 GLN GLN A . n 
A 1 32  LYS 32  29  29 LYS LYS A . n 
A 1 33  ASN 33  30  30 ASN ASN A . n 
A 1 34  SER 34  31  31 SER SER A . n 
A 1 35  LEU 35  32  32 LEU LEU A . n 
A 1 36  CYS 36  33  33 CYS CYS A . n 
A 1 37  ILE 37  34  34 ILE ILE A . n 
A 1 38  SER 38  35  35 SER SER A . n 
A 1 39  GLN 39  36  36 GLN GLN A . n 
A 1 40  CYS 40  37  37 CYS CYS A . n 
A 1 41  LYS 41  38  38 LYS LYS A . n 
A 1 42  ALA 42  39  39 ALA ALA A . n 
A 1 43  PHE 43  40  40 PHE PHE A . n 
A 1 44  GLU 44  41  41 GLU GLU A . n 
A 1 45  GLU 45  42  42 GLU GLU A . n 
A 1 46  VAL 46  43  43 VAL VAL A . n 
A 1 47  VAL 47  44  44 VAL VAL A . n 
A 1 48  ASP 48  45  45 ASP ASP A . n 
A 1 49  THR 49  46  46 THR THR A . n 
A 1 50  GLN 50  47  47 GLN GLN A . n 
A 1 51  MSE 51  48  48 MSE MSE A . n 
A 1 52  TYR 52  49  49 TYR TYR A . n 
A 1 53  GLY 53  50  50 GLY GLY A . n 
A 1 54  PHE 54  51  51 PHE PHE A . n 
A 1 55  SER 55  52  52 SER SER A . n 
A 1 56  ARG 56  53  53 ARG ARG A . n 
A 1 57  GLN 57  54  54 GLN GLN A . n 
A 1 58  VAL 58  55  55 VAL VAL A . n 
A 1 59  THR 59  56  56 THR THR A . n 
A 1 60  TYR 60  57  57 TYR TYR A . n 
A 1 61  ALA 61  58  58 ALA ALA A . n 
A 1 62  THR 62  59  59 THR THR A . n 
A 1 63  ARG 63  60  60 ARG ARG A . n 
A 1 64  LEU 64  61  61 LEU LEU A . n 
A 1 65  GLY 65  62  62 GLY GLY A . n 
A 1 66  ILE 66  63  63 ILE ILE A . n 
A 1 67  LEU 67  64  64 LEU LEU A . n 
A 1 68  THR 68  65  65 THR THR A . n 
A 1 69  ASN 69  66  66 ASN ASN A . n 
A 1 70  ASP 70  67  67 ASP ASP A . n 
A 1 71  GLU 71  68  68 GLU GLU A . n 
A 1 72  GLY 72  69  69 GLY GLY A . n 
A 1 73  HIS 73  70  70 HIS HIS A . n 
A 1 74  ARG 74  71  71 ARG ARG A . n 
A 1 75  LEU 75  72  72 LEU LEU A . n 
A 1 76  LEU 76  73  73 LEU LEU A . n 
A 1 77  SER 77  74  74 SER SER A . n 
A 1 78  ASP 78  75  75 ASP ASP A . n 
A 1 79  LEU 79  76  76 LEU LEU A . n 
A 1 80  GLU 80  77  77 GLU GLU A . n 
A 1 81  ARG 81  78  78 ARG ARG A . n 
A 1 82  GLU 82  79  79 GLU GLU A . n 
A 1 83  LEU 83  80  80 LEU LEU A . n 
A 1 84  ASN 84  81  81 ASN ASN A . n 
A 1 85  GLN 85  82  82 GLN GLN A . n 
A 1 86  LEU 86  83  ?  ?   ?   A . n 
A 1 87  TYR 87  84  ?  ?   ?   A . n 
A 1 88  THR 88  85  ?  ?   ?   A . n 
A 1 89  ASP 89  86  ?  ?   ?   A . n 
A 1 90  VAL 90  87  ?  ?   ?   A . n 
A 1 91  TYR 91  88  ?  ?   ?   A . n 
A 1 92  GLU 92  89  ?  ?   ?   A . n 
A 1 93  GLU 93  90  ?  ?   ?   A . n 
A 1 94  THR 94  91  ?  ?   ?   A . n 
A 1 95  GLN 95  92  ?  ?   ?   A . n 
A 1 96  GLU 96  93  ?  ?   ?   A . n 
A 1 97  LYS 97  94  ?  ?   ?   A . n 
A 1 98  ASN 98  95  ?  ?   ?   A . n 
A 1 99  GLU 99  96  ?  ?   ?   A . n 
A 1 100 ILE 100 97  ?  ?   ?   A . n 
A 1 101 GLY 101 98  ?  ?   ?   A . n 
A 1 102 LYS 102 99  ?  ?   ?   A . n 
A 1 103 GLU 103 100 ?  ?   ?   A . n 
A 1 104 GLY 104 101 ?  ?   ?   A . n 
B 1 1   SER 1   -2  ?  ?   ?   B . n 
B 1 2   ASN 2   -1  ?  ?   ?   B . n 
B 1 3   ALA 3   0   ?  ?   ?   B . n 
B 1 4   MSE 4   1   1  MSE MSE B . n 
B 1 5   ASP 5   2   2  ASP ASP B . n 
B 1 6   GLU 6   3   3  GLU GLU B . n 
B 1 7   GLY 7   4   4  GLY GLY B . n 
B 1 8   ILE 8   5   5  ILE ILE B . n 
B 1 9   SER 9   6   6  SER SER B . n 
B 1 10  LYS 10  7   7  LYS LYS B . n 
B 1 11  LYS 11  8   8  LYS LYS B . n 
B 1 12  PHE 12  9   9  PHE PHE B . n 
B 1 13  ALA 13  10  10 ALA ALA B . n 
B 1 14  ILE 14  11  11 ILE ILE B . n 
B 1 15  GLN 15  12  12 GLN GLN B . n 
B 1 16  LEU 16  13  13 LEU LEU B . n 
B 1 17  LEU 17  14  14 LEU LEU B . n 
B 1 18  GLU 18  15  15 GLU GLU B . n 
B 1 19  ASP 19  16  16 ASP ASP B . n 
B 1 20  ASP 20  17  17 ASP ASP B . n 
B 1 21  ALA 21  18  18 ALA ALA B . n 
B 1 22  GLU 22  19  19 GLU GLU B . n 
B 1 23  ARG 23  20  20 ARG ARG B . n 
B 1 24  ILE 24  21  21 ILE ILE B . n 
B 1 25  LYS 25  22  22 LYS LYS B . n 
B 1 26  MSE 26  23  23 MSE MSE B . n 
B 1 27  LEU 27  24  24 LEU LEU B . n 
B 1 28  ILE 28  25  25 ILE ILE B . n 
B 1 29  ARG 29  26  26 ARG ARG B . n 
B 1 30  ASN 30  27  27 ASN ASN B . n 
B 1 31  GLN 31  28  28 GLN GLN B . n 
B 1 32  LYS 32  29  29 LYS LYS B . n 
B 1 33  ASN 33  30  30 ASN ASN B . n 
B 1 34  SER 34  31  31 SER SER B . n 
B 1 35  LEU 35  32  32 LEU LEU B . n 
B 1 36  CYS 36  33  33 CYS CYS B . n 
B 1 37  ILE 37  34  34 ILE ILE B . n 
B 1 38  SER 38  35  35 SER SER B . n 
B 1 39  GLN 39  36  36 GLN GLN B . n 
B 1 40  CYS 40  37  37 CYS CYS B . n 
B 1 41  LYS 41  38  38 LYS LYS B . n 
B 1 42  ALA 42  39  39 ALA ALA B . n 
B 1 43  PHE 43  40  40 PHE PHE B . n 
B 1 44  GLU 44  41  41 GLU GLU B . n 
B 1 45  GLU 45  42  42 GLU GLU B . n 
B 1 46  VAL 46  43  43 VAL VAL B . n 
B 1 47  VAL 47  44  44 VAL VAL B . n 
B 1 48  ASP 48  45  45 ASP ASP B . n 
B 1 49  THR 49  46  46 THR THR B . n 
B 1 50  GLN 50  47  47 GLN GLN B . n 
B 1 51  MSE 51  48  48 MSE MSE B . n 
B 1 52  TYR 52  49  49 TYR TYR B . n 
B 1 53  GLY 53  50  50 GLY GLY B . n 
B 1 54  PHE 54  51  51 PHE PHE B . n 
B 1 55  SER 55  52  52 SER SER B . n 
B 1 56  ARG 56  53  53 ARG ARG B . n 
B 1 57  GLN 57  54  54 GLN GLN B . n 
B 1 58  VAL 58  55  55 VAL VAL B . n 
B 1 59  THR 59  56  56 THR THR B . n 
B 1 60  TYR 60  57  57 TYR TYR B . n 
B 1 61  ALA 61  58  58 ALA ALA B . n 
B 1 62  THR 62  59  59 THR THR B . n 
B 1 63  ARG 63  60  60 ARG ARG B . n 
B 1 64  LEU 64  61  61 LEU LEU B . n 
B 1 65  GLY 65  62  62 GLY GLY B . n 
B 1 66  ILE 66  63  63 ILE ILE B . n 
B 1 67  LEU 67  64  64 LEU LEU B . n 
B 1 68  THR 68  65  65 THR THR B . n 
B 1 69  ASN 69  66  66 ASN ASN B . n 
B 1 70  ASP 70  67  67 ASP ASP B . n 
B 1 71  GLU 71  68  68 GLU GLU B . n 
B 1 72  GLY 72  69  69 GLY GLY B . n 
B 1 73  HIS 73  70  70 HIS HIS B . n 
B 1 74  ARG 74  71  71 ARG ARG B . n 
B 1 75  LEU 75  72  72 LEU LEU B . n 
B 1 76  LEU 76  73  73 LEU LEU B . n 
B 1 77  SER 77  74  74 SER SER B . n 
B 1 78  ASP 78  75  75 ASP ASP B . n 
B 1 79  LEU 79  76  76 LEU LEU B . n 
B 1 80  GLU 80  77  77 GLU GLU B . n 
B 1 81  ARG 81  78  78 ARG ARG B . n 
B 1 82  GLU 82  79  79 GLU GLU B . n 
B 1 83  LEU 83  80  80 LEU LEU B . n 
B 1 84  ASN 84  81  81 ASN ASN B . n 
B 1 85  GLN 85  82  82 GLN GLN B . n 
B 1 86  LEU 86  83  ?  ?   ?   B . n 
B 1 87  TYR 87  84  ?  ?   ?   B . n 
B 1 88  THR 88  85  ?  ?   ?   B . n 
B 1 89  ASP 89  86  ?  ?   ?   B . n 
B 1 90  VAL 90  87  ?  ?   ?   B . n 
B 1 91  TYR 91  88  ?  ?   ?   B . n 
B 1 92  GLU 92  89  ?  ?   ?   B . n 
B 1 93  GLU 93  90  ?  ?   ?   B . n 
B 1 94  THR 94  91  ?  ?   ?   B . n 
B 1 95  GLN 95  92  ?  ?   ?   B . n 
B 1 96  GLU 96  93  ?  ?   ?   B . n 
B 1 97  LYS 97  94  ?  ?   ?   B . n 
B 1 98  ASN 98  95  ?  ?   ?   B . n 
B 1 99  GLU 99  96  ?  ?   ?   B . n 
B 1 100 ILE 100 97  ?  ?   ?   B . n 
B 1 101 GLY 101 98  ?  ?   ?   B . n 
B 1 102 LYS 102 99  ?  ?   ?   B . n 
B 1 103 GLU 103 100 ?  ?   ?   B . n 
B 1 104 GLY 104 101 ?  ?   ?   B . n 
# 
loop_
_pdbx_nonpoly_scheme.asym_id 
_pdbx_nonpoly_scheme.entity_id 
_pdbx_nonpoly_scheme.mon_id 
_pdbx_nonpoly_scheme.ndb_seq_num 
_pdbx_nonpoly_scheme.pdb_seq_num 
_pdbx_nonpoly_scheme.auth_seq_num 
_pdbx_nonpoly_scheme.pdb_mon_id 
_pdbx_nonpoly_scheme.auth_mon_id 
_pdbx_nonpoly_scheme.pdb_strand_id 
_pdbx_nonpoly_scheme.pdb_ins_code 
C 2 HOH 1  102 2  HOH HOH A . 
C 2 HOH 2  103 4  HOH HOH A . 
C 2 HOH 3  104 6  HOH HOH A . 
C 2 HOH 4  105 7  HOH HOH A . 
C 2 HOH 5  106 9  HOH HOH A . 
C 2 HOH 6  107 13 HOH HOH A . 
C 2 HOH 7  108 15 HOH HOH A . 
C 2 HOH 8  109 16 HOH HOH A . 
C 2 HOH 9  110 17 HOH HOH A . 
C 2 HOH 10 111 19 HOH HOH A . 
C 2 HOH 11 112 26 HOH HOH A . 
C 2 HOH 12 113 27 HOH HOH A . 
C 2 HOH 13 114 29 HOH HOH A . 
C 2 HOH 14 115 30 HOH HOH A . 
C 2 HOH 15 116 34 HOH HOH A . 
C 2 HOH 16 117 37 HOH HOH A . 
C 2 HOH 17 118 38 HOH HOH A . 
C 2 HOH 18 119 41 HOH HOH A . 
C 2 HOH 19 120 43 HOH HOH A . 
C 2 HOH 20 121 44 HOH HOH A . 
C 2 HOH 21 122 45 HOH HOH A . 
C 2 HOH 22 123 46 HOH HOH A . 
C 2 HOH 23 124 47 HOH HOH A . 
C 2 HOH 24 125 49 HOH HOH A . 
C 2 HOH 25 126 52 HOH HOH A . 
C 2 HOH 26 127 53 HOH HOH A . 
C 2 HOH 27 128 54 HOH HOH A . 
C 2 HOH 28 129 55 HOH HOH A . 
C 2 HOH 29 130 56 HOH HOH A . 
D 2 HOH 1  102 1  HOH HOH B . 
D 2 HOH 2  103 3  HOH HOH B . 
D 2 HOH 3  104 5  HOH HOH B . 
D 2 HOH 4  105 8  HOH HOH B . 
D 2 HOH 5  106 10 HOH HOH B . 
D 2 HOH 6  107 11 HOH HOH B . 
D 2 HOH 7  108 12 HOH HOH B . 
D 2 HOH 8  109 14 HOH HOH B . 
D 2 HOH 9  110 18 HOH HOH B . 
D 2 HOH 10 111 20 HOH HOH B . 
D 2 HOH 11 112 21 HOH HOH B . 
D 2 HOH 12 113 22 HOH HOH B . 
D 2 HOH 13 114 23 HOH HOH B . 
D 2 HOH 14 115 24 HOH HOH B . 
D 2 HOH 15 116 25 HOH HOH B . 
D 2 HOH 16 117 28 HOH HOH B . 
D 2 HOH 17 118 31 HOH HOH B . 
D 2 HOH 18 119 32 HOH HOH B . 
D 2 HOH 19 120 33 HOH HOH B . 
D 2 HOH 20 121 35 HOH HOH B . 
D 2 HOH 21 122 36 HOH HOH B . 
D 2 HOH 22 123 39 HOH HOH B . 
D 2 HOH 23 124 40 HOH HOH B . 
D 2 HOH 24 125 42 HOH HOH B . 
D 2 HOH 25 126 48 HOH HOH B . 
D 2 HOH 26 127 50 HOH HOH B . 
D 2 HOH 27 128 51 HOH HOH B . 
# 
loop_
_software.name 
_software.classification 
_software.version 
_software.citation_id 
_software.pdbx_ordinal 
REFMAC      refinement        5.2.0019 ? 1 
SBC-Collect 'data collection' .        ? 2 
SCALEPACK   'data scaling'    .        ? 3 
HKL-3000    phasing           .        ? 4 
SHELXD      phasing           .        ? 5 
MLPHARE     phasing           .        ? 6 
DM          phasing           .        ? 7 
SOLVE       phasing           .        ? 8 
RESOLVE     phasing           .        ? 9 
# 
_cell.entry_id           2GBO 
_cell.length_a           54.614 
_cell.length_b           54.614 
_cell.length_c           142.121 
_cell.angle_alpha        90.00 
_cell.angle_beta         90.00 
_cell.angle_gamma        120.00 
_cell.Z_PDB              12 
_cell.pdbx_unique_axis   ? 
_cell.length_a_esd       ? 
_cell.length_b_esd       ? 
_cell.length_c_esd       ? 
_cell.angle_alpha_esd    ? 
_cell.angle_beta_esd     ? 
_cell.angle_gamma_esd    ? 
# 
_symmetry.entry_id                         2GBO 
_symmetry.space_group_name_H-M             'P 62' 
_symmetry.pdbx_full_space_group_name_H-M   ? 
_symmetry.cell_setting                     ? 
_symmetry.Int_Tables_number                171 
_symmetry.space_group_name_Hall            ? 
# 
_exptl.entry_id          2GBO 
_exptl.method            'X-RAY DIFFRACTION' 
_exptl.crystals_number   1 
# 
_exptl_crystal.id                    1 
_exptl_crystal.density_meas          ? 
_exptl_crystal.density_Matthews      2.51 
_exptl_crystal.density_percent_sol   51.09 
_exptl_crystal.description           ? 
_exptl_crystal.F_000                 ? 
_exptl_crystal.preparation           ? 
# 
_exptl_crystal_grow.crystal_id      1 
_exptl_crystal_grow.method          'VAPOR DIFFUSION, SITTING DROP' 
_exptl_crystal_grow.temp            291 
_exptl_crystal_grow.temp_details    ? 
_exptl_crystal_grow.pH              7.5 
_exptl_crystal_grow.pdbx_details    
'35% (v/v) 2-methyl-2,4-pentanediol, 0.1 M HEPES, 0.2 M NaCl, pH 7.5, VAPOR DIFFUSION, SITTING DROP, temperature 291K' 
_exptl_crystal_grow.pdbx_pH_range   . 
# 
_diffrn.id                     1 
_diffrn.ambient_temp           100 
_diffrn.ambient_temp_details   ? 
_diffrn.crystal_id             1 
# 
_diffrn_detector.diffrn_id              1 
_diffrn_detector.detector               CCD 
_diffrn_detector.type                   'ADSC QUANTUM 315' 
_diffrn_detector.pdbx_collection_date   2006-02-27 
_diffrn_detector.details                ? 
# 
_diffrn_radiation.diffrn_id                        1 
_diffrn_radiation.wavelength_id                    1 
_diffrn_radiation.pdbx_monochromatic_or_laue_m_l   M 
_diffrn_radiation.monochromator                    'double crystal monochromator' 
_diffrn_radiation.pdbx_diffrn_protocol             'SINGLE WAVELENGTH' 
_diffrn_radiation.pdbx_scattering_type             x-ray 
# 
_diffrn_radiation_wavelength.id           1 
_diffrn_radiation_wavelength.wavelength   0.97933 
_diffrn_radiation_wavelength.wt           1.0 
# 
_diffrn_source.diffrn_id                   1 
_diffrn_source.source                      SYNCHROTRON 
_diffrn_source.type                        'APS BEAMLINE 19-ID' 
_diffrn_source.pdbx_synchrotron_site       APS 
_diffrn_source.pdbx_synchrotron_beamline   19-ID 
_diffrn_source.pdbx_wavelength             ? 
_diffrn_source.pdbx_wavelength_list        0.97933 
# 
_reflns.entry_id                     2GBO 
_reflns.observed_criterion_sigma_I   0 
_reflns.observed_criterion_sigma_F   0 
_reflns.d_resolution_low             39.4 
_reflns.d_resolution_high            2.20 
_reflns.number_obs                   12040 
_reflns.number_all                   12040 
_reflns.percent_possible_obs         98.7 
_reflns.pdbx_Rmerge_I_obs            0.104 
_reflns.pdbx_Rsym_value              ? 
_reflns.pdbx_netI_over_sigmaI        34.5 
_reflns.B_iso_Wilson_estimate        49.4 
_reflns.pdbx_redundancy              15.9 
_reflns.R_free_details               ? 
_reflns.limit_h_max                  ? 
_reflns.limit_h_min                  ? 
_reflns.limit_k_max                  ? 
_reflns.limit_k_min                  ? 
_reflns.limit_l_max                  ? 
_reflns.limit_l_min                  ? 
_reflns.observed_criterion_F_max     ? 
_reflns.observed_criterion_F_min     ? 
_reflns.pdbx_chi_squared             ? 
_reflns.pdbx_scaling_rejects         ? 
_reflns.pdbx_ordinal                 1 
_reflns.pdbx_diffrn_id               1 
# 
_reflns_shell.d_res_high             2.20 
_reflns_shell.d_res_low              2.26 
_reflns_shell.percent_possible_all   91.2 
_reflns_shell.Rmerge_I_obs           0.669 
_reflns_shell.pdbx_Rsym_value        ? 
_reflns_shell.meanI_over_sigI_obs    1.83 
_reflns_shell.pdbx_redundancy        8.4 
_reflns_shell.percent_possible_obs   ? 
_reflns_shell.number_unique_all      933 
_reflns_shell.number_measured_all    ? 
_reflns_shell.number_measured_obs    ? 
_reflns_shell.number_unique_obs      ? 
_reflns_shell.pdbx_chi_squared       ? 
_reflns_shell.pdbx_ordinal           1 
_reflns_shell.pdbx_diffrn_id         1 
# 
_refine.entry_id                                 2GBO 
_refine.ls_number_reflns_obs                     11997 
_refine.ls_number_reflns_all                     11997 
_refine.pdbx_ls_sigma_I                          0 
_refine.pdbx_ls_sigma_F                          0 
_refine.pdbx_data_cutoff_high_absF               ? 
_refine.pdbx_data_cutoff_low_absF                ? 
_refine.pdbx_data_cutoff_high_rms_absF           ? 
_refine.ls_d_res_low                             39.50 
_refine.ls_d_res_high                            2.20 
_refine.ls_percent_reflns_obs                    98.78 
_refine.ls_R_factor_obs                          0.1989 
_refine.ls_R_factor_all                          0.1989 
_refine.ls_R_factor_R_work                       0.1992 
_refine.ls_R_factor_R_free                       0.2436 
_refine.ls_R_factor_R_free_error                 ? 
_refine.ls_R_factor_R_free_error_details         ? 
_refine.ls_percent_reflns_R_free                 ? 
_refine.ls_number_reflns_R_free                  1176 
_refine.ls_number_parameters                     ? 
_refine.ls_number_restraints                     ? 
_refine.occupancy_min                            ? 
_refine.occupancy_max                            ? 
_refine.correlation_coeff_Fo_to_Fc               0.961 
_refine.correlation_coeff_Fo_to_Fc_free          ? 
_refine.B_iso_mean                               53.532 
_refine.aniso_B[1][1]                            2.58 
_refine.aniso_B[2][2]                            2.58 
_refine.aniso_B[3][3]                            -3.87 
_refine.aniso_B[1][2]                            1.29 
_refine.aniso_B[1][3]                            0.00 
_refine.aniso_B[2][3]                            0.00 
_refine.solvent_model_details                    MASK 
_refine.solvent_model_param_ksol                 ? 
_refine.solvent_model_param_bsol                 ? 
_refine.pdbx_solvent_vdw_probe_radii             1.20 
_refine.pdbx_solvent_ion_probe_radii             0.80 
_refine.pdbx_solvent_shrinkage_radii             0.80 
_refine.pdbx_ls_cross_valid_method               ? 
_refine.details                                  
;HYDROGENS HAVE BEEN ADDED IN THE RIDING POSITIONS. R-FACTOR-ALL CORRESPONDS TO 
DEPOSITED FILE. R-WORK AND R-FREE FACTORS ARE TAKEN FROM SECOND TO LAST ROUND OF REFINEMENT WHICH USED TEST DATA SET.
;
_refine.pdbx_starting_model                      ? 
_refine.pdbx_method_to_determine_struct          SAD 
_refine.pdbx_isotropic_thermal_model             ? 
_refine.pdbx_stereochemistry_target_values       'MAXIMUM LIKELIHOOD' 
_refine.pdbx_stereochem_target_val_spec_case     ? 
_refine.pdbx_R_Free_selection_details            RANDOM 
_refine.pdbx_overall_ESU_R                       0.203 
_refine.pdbx_overall_ESU_R_Free                  ? 
_refine.overall_SU_ML                            0.123 
_refine.overall_SU_B                             9.843 
_refine.ls_redundancy_reflns_obs                 ? 
_refine.B_iso_min                                ? 
_refine.B_iso_max                                ? 
_refine.overall_SU_R_Cruickshank_DPI             ? 
_refine.overall_SU_R_free                        ? 
_refine.ls_wR_factor_R_free                      ? 
_refine.ls_wR_factor_R_work                      ? 
_refine.overall_FOM_free_R_set                   ? 
_refine.overall_FOM_work_R_set                   ? 
_refine.pdbx_refine_id                           'X-RAY DIFFRACTION' 
_refine.pdbx_TLS_residual_ADP_flag               'LIKELY RESIDUAL' 
_refine.pdbx_diffrn_id                           1 
_refine.pdbx_overall_phase_error                 ? 
_refine.pdbx_overall_SU_R_free_Cruickshank_DPI   ? 
_refine.pdbx_overall_SU_R_Blow_DPI               ? 
_refine.pdbx_overall_SU_R_free_Blow_DPI          ? 
# 
_refine_hist.pdbx_refine_id                   'X-RAY DIFFRACTION' 
_refine_hist.cycle_id                         LAST 
_refine_hist.pdbx_number_atoms_protein        1326 
_refine_hist.pdbx_number_atoms_nucleic_acid   0 
_refine_hist.pdbx_number_atoms_ligand         0 
_refine_hist.number_atoms_solvent             56 
_refine_hist.number_atoms_total               1382 
_refine_hist.d_res_high                       2.20 
_refine_hist.d_res_low                        39.50 
# 
loop_
_refine_ls_restr.type 
_refine_ls_restr.dev_ideal 
_refine_ls_restr.dev_ideal_target 
_refine_ls_restr.weight 
_refine_ls_restr.number 
_refine_ls_restr.pdbx_refine_id 
_refine_ls_restr.pdbx_restraint_function 
r_bond_refined_d             0.017  0.022  ? 1338 'X-RAY DIFFRACTION' ? 
r_bond_other_d               ?      ?      ? ?    'X-RAY DIFFRACTION' ? 
r_angle_refined_deg          1.535  1.972  ? 1790 'X-RAY DIFFRACTION' ? 
r_angle_other_deg            ?      ?      ? ?    'X-RAY DIFFRACTION' ? 
r_dihedral_angle_1_deg       8.210  5.000  ? 162  'X-RAY DIFFRACTION' ? 
r_dihedral_angle_2_deg       41.429 25.000 ? 72   'X-RAY DIFFRACTION' ? 
r_dihedral_angle_3_deg       18.885 15.000 ? 274  'X-RAY DIFFRACTION' ? 
r_dihedral_angle_4_deg       19.058 15.000 ? 12   'X-RAY DIFFRACTION' ? 
r_chiral_restr               0.115  0.200  ? 202  'X-RAY DIFFRACTION' ? 
r_gen_planes_refined         0.006  0.020  ? 986  'X-RAY DIFFRACTION' ? 
r_gen_planes_other           ?      ?      ? ?    'X-RAY DIFFRACTION' ? 
r_nbd_refined                0.222  0.200  ? 595  'X-RAY DIFFRACTION' ? 
r_nbd_other                  ?      ?      ? ?    'X-RAY DIFFRACTION' ? 
r_nbtor_refined              0.308  0.200  ? 946  'X-RAY DIFFRACTION' ? 
r_nbtor_other                ?      ?      ? ?    'X-RAY DIFFRACTION' ? 
r_xyhbond_nbd_refined        0.151  0.200  ? 57   'X-RAY DIFFRACTION' ? 
r_xyhbond_nbd_other          ?      ?      ? ?    'X-RAY DIFFRACTION' ? 
r_metal_ion_refined          ?      ?      ? ?    'X-RAY DIFFRACTION' ? 
r_metal_ion_other            ?      ?      ? ?    'X-RAY DIFFRACTION' ? 
r_symmetry_vdw_refined       0.262  0.200  ? 86   'X-RAY DIFFRACTION' ? 
r_symmetry_vdw_other         ?      ?      ? ?    'X-RAY DIFFRACTION' ? 
r_symmetry_hbond_refined     0.118  0.200  ? 13   'X-RAY DIFFRACTION' ? 
r_symmetry_hbond_other       ?      ?      ? ?    'X-RAY DIFFRACTION' ? 
r_symmetry_metal_ion_refined ?      ?      ? ?    'X-RAY DIFFRACTION' ? 
r_symmetry_metal_ion_other   ?      ?      ? ?    'X-RAY DIFFRACTION' ? 
r_mcbond_it                  1.270  1.500  ? 835  'X-RAY DIFFRACTION' ? 
r_mcbond_other               ?      ?      ? ?    'X-RAY DIFFRACTION' ? 
r_mcangle_it                 1.804  2.000  ? 1300 'X-RAY DIFFRACTION' ? 
r_scbond_it                  2.694  3.000  ? 549  'X-RAY DIFFRACTION' ? 
r_scangle_it                 4.241  4.500  ? 490  'X-RAY DIFFRACTION' ? 
r_rigid_bond_restr           ?      ?      ? ?    'X-RAY DIFFRACTION' ? 
r_sphericity_free            ?      ?      ? ?    'X-RAY DIFFRACTION' ? 
r_sphericity_bonded          ?      ?      ? ?    'X-RAY DIFFRACTION' ? 
# 
_refine_ls_shell.pdbx_total_number_of_bins_used   20 
_refine_ls_shell.d_res_high                       2.202 
_refine_ls_shell.d_res_low                        2.259 
_refine_ls_shell.number_reflns_R_work             807 
_refine_ls_shell.R_factor_R_work                  0.232 
_refine_ls_shell.percent_reflns_obs               90.57 
_refine_ls_shell.R_factor_R_free                  0.277 
_refine_ls_shell.R_factor_R_free_error            ? 
_refine_ls_shell.percent_reflns_R_free            ? 
_refine_ls_shell.number_reflns_R_free             82 
_refine_ls_shell.number_reflns_all                ? 
_refine_ls_shell.R_factor_all                     ? 
_refine_ls_shell.number_reflns_obs                807 
_refine_ls_shell.redundancy_reflns_obs            ? 
_refine_ls_shell.pdbx_refine_id                   'X-RAY DIFFRACTION' 
# 
_struct.entry_id                  2GBO 
_struct.title                     'Protein of Unknown Function EF2458 from Enterococcus faecalis' 
_struct.pdbx_model_details        ? 
_struct.pdbx_CASP_flag            ? 
_struct.pdbx_model_type_details   ? 
# 
_struct_keywords.entry_id        2GBO 
_struct_keywords.pdbx_keywords   'STRUCTURAL GENOMICS, UNKNOWN FUNCTION' 
_struct_keywords.text            
;structural genomics, hypothetical protein, PSI, Protein Structure Initiative, Midwest Center for Structural Genomics, MCSG, UNKNOWN FUNCTION
;
# 
loop_
_struct_asym.id 
_struct_asym.pdbx_blank_PDB_chainid_flag 
_struct_asym.pdbx_modified 
_struct_asym.entity_id 
_struct_asym.details 
A N N 1 ? 
B N N 1 ? 
C N N 2 ? 
D N N 2 ? 
# 
_struct_ref.id                         1 
_struct_ref.db_name                    UNP 
_struct_ref.db_code                    Y2458_ENTFA 
_struct_ref.pdbx_db_accession          Q831P3 
_struct_ref.entity_id                  1 
_struct_ref.pdbx_align_begin           1 
_struct_ref.pdbx_db_isoform            ? 
_struct_ref.pdbx_seq_one_letter_code   ? 
# 
loop_
_struct_ref_seq.align_id 
_struct_ref_seq.ref_id 
_struct_ref_seq.pdbx_PDB_id_code 
_struct_ref_seq.pdbx_strand_id 
_struct_ref_seq.seq_align_beg 
_struct_ref_seq.pdbx_seq_align_beg_ins_code 
_struct_ref_seq.seq_align_end 
_struct_ref_seq.pdbx_seq_align_end_ins_code 
_struct_ref_seq.pdbx_db_accession 
_struct_ref_seq.db_align_beg 
_struct_ref_seq.pdbx_db_align_beg_ins_code 
_struct_ref_seq.db_align_end 
_struct_ref_seq.pdbx_db_align_end_ins_code 
_struct_ref_seq.pdbx_auth_seq_align_beg 
_struct_ref_seq.pdbx_auth_seq_align_end 
1 1 2GBO A 4 ? 104 ? Q831P3 1 ? 101 ? 1 101 
2 1 2GBO B 4 ? 104 ? Q831P3 1 ? 101 ? 1 101 
# 
loop_
_struct_ref_seq_dif.align_id 
_struct_ref_seq_dif.pdbx_pdb_id_code 
_struct_ref_seq_dif.mon_id 
_struct_ref_seq_dif.pdbx_pdb_strand_id 
_struct_ref_seq_dif.seq_num 
_struct_ref_seq_dif.pdbx_pdb_ins_code 
_struct_ref_seq_dif.pdbx_seq_db_name 
_struct_ref_seq_dif.pdbx_seq_db_accession_code 
_struct_ref_seq_dif.db_mon_id 
_struct_ref_seq_dif.pdbx_seq_db_seq_num 
_struct_ref_seq_dif.details 
_struct_ref_seq_dif.pdbx_auth_seq_num 
_struct_ref_seq_dif.pdbx_ordinal 
1 2GBO SER A 1  ? UNP Q831P3 ?   ?  'cloning artifact' -2 1  
1 2GBO ASN A 2  ? UNP Q831P3 ?   ?  'cloning artifact' -1 2  
1 2GBO ALA A 3  ? UNP Q831P3 ?   ?  'cloning artifact' 0  3  
1 2GBO MSE A 4  ? UNP Q831P3 MET 1  'modified residue' 1  4  
1 2GBO MSE A 26 ? UNP Q831P3 MET 23 'modified residue' 23 5  
1 2GBO MSE A 51 ? UNP Q831P3 MET 48 'modified residue' 48 6  
2 2GBO SER B 1  ? UNP Q831P3 ?   ?  'cloning artifact' -2 7  
2 2GBO ASN B 2  ? UNP Q831P3 ?   ?  'cloning artifact' -1 8  
2 2GBO ALA B 3  ? UNP Q831P3 ?   ?  'cloning artifact' 0  9  
2 2GBO MSE B 4  ? UNP Q831P3 MET 1  'modified residue' 1  10 
2 2GBO MSE B 26 ? UNP Q831P3 MET 23 'modified residue' 23 11 
2 2GBO MSE B 51 ? UNP Q831P3 MET 48 'modified residue' 48 12 
# 
loop_
_pdbx_struct_assembly.id 
_pdbx_struct_assembly.details 
_pdbx_struct_assembly.method_details 
_pdbx_struct_assembly.oligomeric_details 
_pdbx_struct_assembly.oligomeric_count 
1 author_and_software_defined_assembly PISA dimeric    2 
2 software_defined_assembly            PISA tetrameric 4 
# 
loop_
_pdbx_struct_assembly_prop.biol_id 
_pdbx_struct_assembly_prop.type 
_pdbx_struct_assembly_prop.value 
_pdbx_struct_assembly_prop.details 
1 'ABSA (A^2)' 3300  ? 
1 MORE         -38   ? 
1 'SSA (A^2)'  12000 ? 
2 'ABSA (A^2)' 12830 ? 
2 MORE         -128  ? 
2 'SSA (A^2)'  17780 ? 
# 
loop_
_pdbx_struct_assembly_gen.assembly_id 
_pdbx_struct_assembly_gen.oper_expression 
_pdbx_struct_assembly_gen.asym_id_list 
1 1   A,B,C,D 
2 1,2 A,B,C,D 
# 
loop_
_pdbx_struct_oper_list.id 
_pdbx_struct_oper_list.type 
_pdbx_struct_oper_list.name 
_pdbx_struct_oper_list.symmetry_operation 
_pdbx_struct_oper_list.matrix[1][1] 
_pdbx_struct_oper_list.matrix[1][2] 
_pdbx_struct_oper_list.matrix[1][3] 
_pdbx_struct_oper_list.vector[1] 
_pdbx_struct_oper_list.matrix[2][1] 
_pdbx_struct_oper_list.matrix[2][2] 
_pdbx_struct_oper_list.matrix[2][3] 
_pdbx_struct_oper_list.vector[2] 
_pdbx_struct_oper_list.matrix[3][1] 
_pdbx_struct_oper_list.matrix[3][2] 
_pdbx_struct_oper_list.matrix[3][3] 
_pdbx_struct_oper_list.vector[3] 
1 'identity operation'         1_555 x,y,z     1.0000000000 0.0000000000  0.0000000000  0.0000000000  0.0000000000  1.0000000000  0.0000000000 0.0000000000 0.0000000000  0.0000000000 1.0000000000  0.0000000000  
2 'crystal symmetry operation' 4_545 -x,-y-1,z 0.0266461987 -0.5883303037 -0.8081815599 -1.3294969957 -0.5883303037 -0.6628511879 0.4631368657 9.5970573550 -0.8081815599 0.4631368657 -0.3637950108 -8.6752322166 
# 
_struct_biol.id   1 
# 
loop_
_struct_conf.conf_type_id 
_struct_conf.id 
_struct_conf.pdbx_PDB_helix_id 
_struct_conf.beg_label_comp_id 
_struct_conf.beg_label_asym_id 
_struct_conf.beg_label_seq_id 
_struct_conf.pdbx_beg_PDB_ins_code 
_struct_conf.end_label_comp_id 
_struct_conf.end_label_asym_id 
_struct_conf.end_label_seq_id 
_struct_conf.pdbx_end_PDB_ins_code 
_struct_conf.beg_auth_comp_id 
_struct_conf.beg_auth_asym_id 
_struct_conf.beg_auth_seq_id 
_struct_conf.end_auth_comp_id 
_struct_conf.end_auth_asym_id 
_struct_conf.end_auth_seq_id 
_struct_conf.pdbx_PDB_helix_class 
_struct_conf.details 
_struct_conf.pdbx_PDB_helix_length 
HELX_P HELX_P1 1 GLU A 6  ? ASN A 33 ? GLU A 3  ASN A 30 1 ? 28 
HELX_P HELX_P2 2 LEU A 35 ? LEU A 64 ? LEU A 32 LEU A 61 1 ? 30 
HELX_P HELX_P3 3 THR A 68 ? ASN A 84 ? THR A 65 ASN A 81 1 ? 17 
HELX_P HELX_P4 4 GLU B 6  ? ASN B 33 ? GLU B 3  ASN B 30 1 ? 28 
HELX_P HELX_P5 5 LEU B 35 ? LEU B 64 ? LEU B 32 LEU B 61 1 ? 30 
HELX_P HELX_P6 6 THR B 68 ? ASN B 84 ? THR B 65 ASN B 81 1 ? 17 
# 
_struct_conf_type.id          HELX_P 
_struct_conf_type.criteria    ? 
_struct_conf_type.reference   ? 
# 
loop_
_struct_conn.id 
_struct_conn.conn_type_id 
_struct_conn.pdbx_leaving_atom_flag 
_struct_conn.pdbx_PDB_id 
_struct_conn.ptnr1_label_asym_id 
_struct_conn.ptnr1_label_comp_id 
_struct_conn.ptnr1_label_seq_id 
_struct_conn.ptnr1_label_atom_id 
_struct_conn.pdbx_ptnr1_label_alt_id 
_struct_conn.pdbx_ptnr1_PDB_ins_code 
_struct_conn.pdbx_ptnr1_standard_comp_id 
_struct_conn.ptnr1_symmetry 
_struct_conn.ptnr2_label_asym_id 
_struct_conn.ptnr2_label_comp_id 
_struct_conn.ptnr2_label_seq_id 
_struct_conn.ptnr2_label_atom_id 
_struct_conn.pdbx_ptnr2_label_alt_id 
_struct_conn.pdbx_ptnr2_PDB_ins_code 
_struct_conn.ptnr1_auth_asym_id 
_struct_conn.ptnr1_auth_comp_id 
_struct_conn.ptnr1_auth_seq_id 
_struct_conn.ptnr2_auth_asym_id 
_struct_conn.ptnr2_auth_comp_id 
_struct_conn.ptnr2_auth_seq_id 
_struct_conn.ptnr2_symmetry 
_struct_conn.pdbx_ptnr3_label_atom_id 
_struct_conn.pdbx_ptnr3_label_seq_id 
_struct_conn.pdbx_ptnr3_label_comp_id 
_struct_conn.pdbx_ptnr3_label_asym_id 
_struct_conn.pdbx_ptnr3_label_alt_id 
_struct_conn.pdbx_ptnr3_PDB_ins_code 
_struct_conn.details 
_struct_conn.pdbx_dist_value 
_struct_conn.pdbx_value_order 
_struct_conn.pdbx_role 
disulf1  disulf ?    ? A CYS 36 SG ? ? ? 1_555 B CYS 40 SG ? ? A CYS 33 B CYS 37 1_555 ? ? ? ? ? ? ? 2.095 ? ? 
disulf2  disulf ?    ? A CYS 40 SG ? ? ? 1_555 B CYS 36 SG ? ? A CYS 37 B CYS 33 1_555 ? ? ? ? ? ? ? 2.068 ? ? 
covale1  covale both ? A MSE 4  C  ? ? ? 1_555 A ASP 5  N  ? ? A MSE 1  A ASP 2  1_555 ? ? ? ? ? ? ? 1.334 ? ? 
covale2  covale both ? A LYS 25 C  ? ? ? 1_555 A MSE 26 N  ? ? A LYS 22 A MSE 23 1_555 ? ? ? ? ? ? ? 1.331 ? ? 
covale3  covale both ? A MSE 26 C  ? ? ? 1_555 A LEU 27 N  ? ? A MSE 23 A LEU 24 1_555 ? ? ? ? ? ? ? 1.330 ? ? 
covale4  covale both ? A GLN 50 C  ? ? ? 1_555 A MSE 51 N  ? ? A GLN 47 A MSE 48 1_555 ? ? ? ? ? ? ? 1.328 ? ? 
covale5  covale both ? A MSE 51 C  ? ? ? 1_555 A TYR 52 N  ? ? A MSE 48 A TYR 49 1_555 ? ? ? ? ? ? ? 1.333 ? ? 
covale6  covale both ? B MSE 4  C  ? ? ? 1_555 B ASP 5  N  ? ? B MSE 1  B ASP 2  1_555 ? ? ? ? ? ? ? 1.341 ? ? 
covale7  covale both ? B LYS 25 C  ? ? ? 1_555 B MSE 26 N  ? ? B LYS 22 B MSE 23 1_555 ? ? ? ? ? ? ? 1.338 ? ? 
covale8  covale both ? B MSE 26 C  ? ? ? 1_555 B LEU 27 N  ? ? B MSE 23 B LEU 24 1_555 ? ? ? ? ? ? ? 1.337 ? ? 
covale9  covale both ? B GLN 50 C  ? ? ? 1_555 B MSE 51 N  ? ? B GLN 47 B MSE 48 1_555 ? ? ? ? ? ? ? 1.333 ? ? 
covale10 covale both ? B MSE 51 C  ? ? ? 1_555 B TYR 52 N  ? ? B MSE 48 B TYR 49 1_555 ? ? ? ? ? ? ? 1.330 ? ? 
# 
loop_
_struct_conn_type.id 
_struct_conn_type.criteria 
_struct_conn_type.reference 
disulf ? ? 
covale ? ? 
# 
loop_
_pdbx_modification_feature.ordinal 
_pdbx_modification_feature.label_comp_id 
_pdbx_modification_feature.label_asym_id 
_pdbx_modification_feature.label_seq_id 
_pdbx_modification_feature.label_alt_id 
_pdbx_modification_feature.modified_residue_label_comp_id 
_pdbx_modification_feature.modified_residue_label_asym_id 
_pdbx_modification_feature.modified_residue_label_seq_id 
_pdbx_modification_feature.modified_residue_label_alt_id 
_pdbx_modification_feature.auth_comp_id 
_pdbx_modification_feature.auth_asym_id 
_pdbx_modification_feature.auth_seq_id 
_pdbx_modification_feature.PDB_ins_code 
_pdbx_modification_feature.symmetry 
_pdbx_modification_feature.modified_residue_auth_comp_id 
_pdbx_modification_feature.modified_residue_auth_asym_id 
_pdbx_modification_feature.modified_residue_auth_seq_id 
_pdbx_modification_feature.modified_residue_PDB_ins_code 
_pdbx_modification_feature.modified_residue_symmetry 
_pdbx_modification_feature.comp_id_linking_atom 
_pdbx_modification_feature.modified_residue_id_linking_atom 
_pdbx_modification_feature.modified_residue_id 
_pdbx_modification_feature.ref_pcm_id 
_pdbx_modification_feature.ref_comp_id 
_pdbx_modification_feature.type 
_pdbx_modification_feature.category 
1 MSE A 4  ? .   . .  . MSE A 1  ? 1_555 .   . .  . .     .  .  MET 1 MSE Selenomethionine 'Named protein modification' 
2 MSE A 26 ? .   . .  . MSE A 23 ? 1_555 .   . .  . .     .  .  MET 1 MSE Selenomethionine 'Named protein modification' 
3 MSE A 51 ? .   . .  . MSE A 48 ? 1_555 .   . .  . .     .  .  MET 1 MSE Selenomethionine 'Named protein modification' 
4 MSE B 4  ? .   . .  . MSE B 1  ? 1_555 .   . .  . .     .  .  MET 1 MSE Selenomethionine 'Named protein modification' 
5 MSE B 26 ? .   . .  . MSE B 23 ? 1_555 .   . .  . .     .  .  MET 1 MSE Selenomethionine 'Named protein modification' 
6 MSE B 51 ? .   . .  . MSE B 48 ? 1_555 .   . .  . .     .  .  MET 1 MSE Selenomethionine 'Named protein modification' 
7 CYS A 36 ? CYS B 40 ? CYS A 33 ? 1_555 CYS B 37 ? 1_555 SG SG .   . .   None             'Disulfide bridge'           
8 CYS A 40 ? CYS B 36 ? CYS A 37 ? 1_555 CYS B 33 ? 1_555 SG SG .   . .   None             'Disulfide bridge'           
# 
_pdbx_entry_details.entry_id                   2GBO 
_pdbx_entry_details.compound_details           ? 
_pdbx_entry_details.source_details             ? 
_pdbx_entry_details.nonpolymer_details         ? 
_pdbx_entry_details.sequence_details           ? 
_pdbx_entry_details.has_ligand_of_interest     ? 
_pdbx_entry_details.has_protein_modification   Y 
# 
_pdbx_validate_close_contact.id               1 
_pdbx_validate_close_contact.PDB_model_num    1 
_pdbx_validate_close_contact.auth_atom_id_1   O 
_pdbx_validate_close_contact.auth_asym_id_1   A 
_pdbx_validate_close_contact.auth_comp_id_1   HOH 
_pdbx_validate_close_contact.auth_seq_id_1    122 
_pdbx_validate_close_contact.PDB_ins_code_1   ? 
_pdbx_validate_close_contact.label_alt_id_1   ? 
_pdbx_validate_close_contact.auth_atom_id_2   O 
_pdbx_validate_close_contact.auth_asym_id_2   A 
_pdbx_validate_close_contact.auth_comp_id_2   HOH 
_pdbx_validate_close_contact.auth_seq_id_2    127 
_pdbx_validate_close_contact.PDB_ins_code_2   ? 
_pdbx_validate_close_contact.label_alt_id_2   ? 
_pdbx_validate_close_contact.dist             2.07 
# 
loop_
_pdbx_validate_torsion.id 
_pdbx_validate_torsion.PDB_model_num 
_pdbx_validate_torsion.auth_comp_id 
_pdbx_validate_torsion.auth_asym_id 
_pdbx_validate_torsion.auth_seq_id 
_pdbx_validate_torsion.PDB_ins_code 
_pdbx_validate_torsion.label_alt_id 
_pdbx_validate_torsion.phi 
_pdbx_validate_torsion.psi 
1 1 GLU A 3  ? ? 163.49 -18.60 
2 1 ASN A 81 ? ? -92.04 42.07  
3 1 GLU B 3  ? ? 126.04 -34.60 
# 
loop_
_pdbx_validate_peptide_omega.id 
_pdbx_validate_peptide_omega.PDB_model_num 
_pdbx_validate_peptide_omega.auth_comp_id_1 
_pdbx_validate_peptide_omega.auth_asym_id_1 
_pdbx_validate_peptide_omega.auth_seq_id_1 
_pdbx_validate_peptide_omega.PDB_ins_code_1 
_pdbx_validate_peptide_omega.label_alt_id_1 
_pdbx_validate_peptide_omega.auth_comp_id_2 
_pdbx_validate_peptide_omega.auth_asym_id_2 
_pdbx_validate_peptide_omega.auth_seq_id_2 
_pdbx_validate_peptide_omega.PDB_ins_code_2 
_pdbx_validate_peptide_omega.label_alt_id_2 
_pdbx_validate_peptide_omega.omega 
1 1 GLU A 3 ? ? GLY A 4 ? ? 143.61  
2 1 ASP B 2 ? ? GLU B 3 ? ? -124.68 
3 1 GLU B 3 ? ? GLY B 4 ? ? 140.49  
# 
_pdbx_SG_project.id                    1 
_pdbx_SG_project.project_name          'PSI, Protein Structure Initiative' 
_pdbx_SG_project.full_name_of_center   'Midwest Center for Structural Genomics' 
_pdbx_SG_project.initial_of_center     MCSG 
# 
loop_
_pdbx_struct_mod_residue.id 
_pdbx_struct_mod_residue.label_asym_id 
_pdbx_struct_mod_residue.label_comp_id 
_pdbx_struct_mod_residue.label_seq_id 
_pdbx_struct_mod_residue.auth_asym_id 
_pdbx_struct_mod_residue.auth_comp_id 
_pdbx_struct_mod_residue.auth_seq_id 
_pdbx_struct_mod_residue.PDB_ins_code 
_pdbx_struct_mod_residue.parent_comp_id 
_pdbx_struct_mod_residue.details 
1 A MSE 4  A MSE 1  ? MET SELENOMETHIONINE 
2 A MSE 26 A MSE 23 ? MET SELENOMETHIONINE 
3 A MSE 51 A MSE 48 ? MET SELENOMETHIONINE 
4 B MSE 4  B MSE 1  ? MET SELENOMETHIONINE 
5 B MSE 26 B MSE 23 ? MET SELENOMETHIONINE 
6 B MSE 51 B MSE 48 ? MET SELENOMETHIONINE 
# 
loop_
_pdbx_struct_special_symmetry.id 
_pdbx_struct_special_symmetry.PDB_model_num 
_pdbx_struct_special_symmetry.auth_asym_id 
_pdbx_struct_special_symmetry.auth_comp_id 
_pdbx_struct_special_symmetry.auth_seq_id 
_pdbx_struct_special_symmetry.PDB_ins_code 
_pdbx_struct_special_symmetry.label_asym_id 
_pdbx_struct_special_symmetry.label_comp_id 
_pdbx_struct_special_symmetry.label_seq_id 
1 1 A HOH 109 ? C HOH . 
2 1 A HOH 110 ? C HOH . 
3 1 A HOH 119 ? C HOH . 
# 
loop_
_pdbx_refine_tls.id 
_pdbx_refine_tls.details 
_pdbx_refine_tls.method 
_pdbx_refine_tls.origin_x 
_pdbx_refine_tls.origin_y 
_pdbx_refine_tls.origin_z 
_pdbx_refine_tls.T[1][1] 
_pdbx_refine_tls.T[2][2] 
_pdbx_refine_tls.T[3][3] 
_pdbx_refine_tls.T[1][2] 
_pdbx_refine_tls.T[1][3] 
_pdbx_refine_tls.T[2][3] 
_pdbx_refine_tls.L[1][1] 
_pdbx_refine_tls.L[2][2] 
_pdbx_refine_tls.L[3][3] 
_pdbx_refine_tls.L[1][2] 
_pdbx_refine_tls.L[1][3] 
_pdbx_refine_tls.L[2][3] 
_pdbx_refine_tls.S[1][1] 
_pdbx_refine_tls.S[1][2] 
_pdbx_refine_tls.S[1][3] 
_pdbx_refine_tls.S[2][1] 
_pdbx_refine_tls.S[2][2] 
_pdbx_refine_tls.S[2][3] 
_pdbx_refine_tls.S[3][1] 
_pdbx_refine_tls.S[3][2] 
_pdbx_refine_tls.S[3][3] 
_pdbx_refine_tls.pdbx_refine_id 
1 ? refined -24.7413 12.6400  9.7279   -0.0645 0.1094  -0.1787 0.1207  -0.0607 0.0302 8.6523 3.3810 4.6967  -5.3874 -1.4095 1.2221  0.3863  0.2805  -0.4149 -0.2295 -0.2134 0.2206  0.0687  -0.7767 -0.1729 'X-RAY DIFFRACTION' 
2 ? refined 8.7793   -8.2828  -9.0846  0.0589  -0.1988 0.0151  0.0001  0.1455  0.0180 5.8215 5.2697 4.1909  -5.4352 -3.2256 3.6967  -0.0992 -0.1100 -0.1698 0.0059  -0.0877 -0.3153 -0.3914 -0.2364 0.1868  'X-RAY DIFFRACTION' 
3 ? refined 26.2099  -12.4180 -9.6954  -0.0783 -0.1173 0.0441  -0.0120 -0.0053 0.0791 4.2784 5.1093 4.2051  -1.1428 -3.3043 -1.9355 0.0238  -0.6295 -0.4098 0.5275  -0.0203 -1.2017 -0.2512 0.3126  -0.0035 'X-RAY DIFFRACTION' 
4 ? refined 23.6624  -4.7120  -16.8623 -0.0182 -0.2041 0.0668  -0.0468 0.1275  0.0436 7.8053 5.1562 8.4659  -0.8314 -7.9762 2.1129  0.4180  -0.1330 0.1826  0.1338  -0.1868 -0.6914 -0.2595 0.0688  -0.2312 'X-RAY DIFFRACTION' 
5 ? refined -8.5369  6.8171   10.3405  -0.0021 0.0644  -0.1814 0.1624  -0.0101 0.0230 3.6151 2.6025 7.6419  -2.4659 -5.2549 3.5276  0.0911  -0.1891 0.0206  -0.4016 0.0568  -0.1919 -0.0281 -0.1021 -0.1480 'X-RAY DIFFRACTION' 
6 ? refined -25.1246 4.4848   16.8278  -0.0762 0.0177  -0.0772 -0.0327 -0.0186 0.1065 8.0831 4.2015 10.9058 -5.6009 -4.3470 1.3552  -0.2599 -0.6012 -1.1356 -0.0771 0.0965  0.5468  1.0254  -0.8574 0.1635  'X-RAY DIFFRACTION' 
# 
loop_
_pdbx_refine_tls_group.id 
_pdbx_refine_tls_group.refine_tls_id 
_pdbx_refine_tls_group.beg_auth_asym_id 
_pdbx_refine_tls_group.beg_auth_seq_id 
_pdbx_refine_tls_group.beg_label_asym_id 
_pdbx_refine_tls_group.beg_label_seq_id 
_pdbx_refine_tls_group.end_auth_asym_id 
_pdbx_refine_tls_group.end_auth_seq_id 
_pdbx_refine_tls_group.end_label_asym_id 
_pdbx_refine_tls_group.end_label_seq_id 
_pdbx_refine_tls_group.selection 
_pdbx_refine_tls_group.pdbx_refine_id 
_pdbx_refine_tls_group.selection_details 
1 1 A 1  A 4  A 30 A 33 ? 'X-RAY DIFFRACTION' ? 
2 2 A 31 A 34 A 56 A 59 ? 'X-RAY DIFFRACTION' ? 
3 3 A 57 A 60 A 82 A 85 ? 'X-RAY DIFFRACTION' ? 
4 4 B 1  B 4  B 30 B 33 ? 'X-RAY DIFFRACTION' ? 
5 5 B 31 B 34 B 56 B 59 ? 'X-RAY DIFFRACTION' ? 
6 6 B 57 B 60 B 82 B 85 ? 'X-RAY DIFFRACTION' ? 
# 
_pdbx_database_remark.id     300 
_pdbx_database_remark.text   
;
BIOMOLECULE: 1
THIS ENTRY CONTAINS THE CRYSTALLOGRAPHIC ASYMMETRIC UNIT
WHICH CONSISTS OF 2 CHAIN(S). THE AUTHORS STATE THE 
BIOLOGICAL UNIT IS UNKNOWN.
;
# 
loop_
_pdbx_unobs_or_zero_occ_residues.id 
_pdbx_unobs_or_zero_occ_residues.PDB_model_num 
_pdbx_unobs_or_zero_occ_residues.polymer_flag 
_pdbx_unobs_or_zero_occ_residues.occupancy_flag 
_pdbx_unobs_or_zero_occ_residues.auth_asym_id 
_pdbx_unobs_or_zero_occ_residues.auth_comp_id 
_pdbx_unobs_or_zero_occ_residues.auth_seq_id 
_pdbx_unobs_or_zero_occ_residues.PDB_ins_code 
_pdbx_unobs_or_zero_occ_residues.label_asym_id 
_pdbx_unobs_or_zero_occ_residues.label_comp_id 
_pdbx_unobs_or_zero_occ_residues.label_seq_id 
1  1 Y 1 A SER -2  ? A SER 1   
2  1 Y 1 A ASN -1  ? A ASN 2   
3  1 Y 1 A ALA 0   ? A ALA 3   
4  1 Y 1 A LEU 83  ? A LEU 86  
5  1 Y 1 A TYR 84  ? A TYR 87  
6  1 Y 1 A THR 85  ? A THR 88  
7  1 Y 1 A ASP 86  ? A ASP 89  
8  1 Y 1 A VAL 87  ? A VAL 90  
9  1 Y 1 A TYR 88  ? A TYR 91  
10 1 Y 1 A GLU 89  ? A GLU 92  
11 1 Y 1 A GLU 90  ? A GLU 93  
12 1 Y 1 A THR 91  ? A THR 94  
13 1 Y 1 A GLN 92  ? A GLN 95  
14 1 Y 1 A GLU 93  ? A GLU 96  
15 1 Y 1 A LYS 94  ? A LYS 97  
16 1 Y 1 A ASN 95  ? A ASN 98  
17 1 Y 1 A GLU 96  ? A GLU 99  
18 1 Y 1 A ILE 97  ? A ILE 100 
19 1 Y 1 A GLY 98  ? A GLY 101 
20 1 Y 1 A LYS 99  ? A LYS 102 
21 1 Y 1 A GLU 100 ? A GLU 103 
22 1 Y 1 A GLY 101 ? A GLY 104 
23 1 Y 1 B SER -2  ? B SER 1   
24 1 Y 1 B ASN -1  ? B ASN 2   
25 1 Y 1 B ALA 0   ? B ALA 3   
26 1 Y 1 B LEU 83  ? B LEU 86  
27 1 Y 1 B TYR 84  ? B TYR 87  
28 1 Y 1 B THR 85  ? B THR 88  
29 1 Y 1 B ASP 86  ? B ASP 89  
30 1 Y 1 B VAL 87  ? B VAL 90  
31 1 Y 1 B TYR 88  ? B TYR 91  
32 1 Y 1 B GLU 89  ? B GLU 92  
33 1 Y 1 B GLU 90  ? B GLU 93  
34 1 Y 1 B THR 91  ? B THR 94  
35 1 Y 1 B GLN 92  ? B GLN 95  
36 1 Y 1 B GLU 93  ? B GLU 96  
37 1 Y 1 B LYS 94  ? B LYS 97  
38 1 Y 1 B ASN 95  ? B ASN 98  
39 1 Y 1 B GLU 96  ? B GLU 99  
40 1 Y 1 B ILE 97  ? B ILE 100 
41 1 Y 1 B GLY 98  ? B GLY 101 
42 1 Y 1 B LYS 99  ? B LYS 102 
43 1 Y 1 B GLU 100 ? B GLU 103 
44 1 Y 1 B GLY 101 ? B GLY 104 
# 
loop_
_chem_comp_atom.comp_id 
_chem_comp_atom.atom_id 
_chem_comp_atom.type_symbol 
_chem_comp_atom.pdbx_aromatic_flag 
_chem_comp_atom.pdbx_stereo_config 
_chem_comp_atom.pdbx_ordinal 
ALA N    N  N N 1   
ALA CA   C  N S 2   
ALA C    C  N N 3   
ALA O    O  N N 4   
ALA CB   C  N N 5   
ALA OXT  O  N N 6   
ALA H    H  N N 7   
ALA H2   H  N N 8   
ALA HA   H  N N 9   
ALA HB1  H  N N 10  
ALA HB2  H  N N 11  
ALA HB3  H  N N 12  
ALA HXT  H  N N 13  
ARG N    N  N N 14  
ARG CA   C  N S 15  
ARG C    C  N N 16  
ARG O    O  N N 17  
ARG CB   C  N N 18  
ARG CG   C  N N 19  
ARG CD   C  N N 20  
ARG NE   N  N N 21  
ARG CZ   C  N N 22  
ARG NH1  N  N N 23  
ARG NH2  N  N N 24  
ARG OXT  O  N N 25  
ARG H    H  N N 26  
ARG H2   H  N N 27  
ARG HA   H  N N 28  
ARG HB2  H  N N 29  
ARG HB3  H  N N 30  
ARG HG2  H  N N 31  
ARG HG3  H  N N 32  
ARG HD2  H  N N 33  
ARG HD3  H  N N 34  
ARG HE   H  N N 35  
ARG HH11 H  N N 36  
ARG HH12 H  N N 37  
ARG HH21 H  N N 38  
ARG HH22 H  N N 39  
ARG HXT  H  N N 40  
ASN N    N  N N 41  
ASN CA   C  N S 42  
ASN C    C  N N 43  
ASN O    O  N N 44  
ASN CB   C  N N 45  
ASN CG   C  N N 46  
ASN OD1  O  N N 47  
ASN ND2  N  N N 48  
ASN OXT  O  N N 49  
ASN H    H  N N 50  
ASN H2   H  N N 51  
ASN HA   H  N N 52  
ASN HB2  H  N N 53  
ASN HB3  H  N N 54  
ASN HD21 H  N N 55  
ASN HD22 H  N N 56  
ASN HXT  H  N N 57  
ASP N    N  N N 58  
ASP CA   C  N S 59  
ASP C    C  N N 60  
ASP O    O  N N 61  
ASP CB   C  N N 62  
ASP CG   C  N N 63  
ASP OD1  O  N N 64  
ASP OD2  O  N N 65  
ASP OXT  O  N N 66  
ASP H    H  N N 67  
ASP H2   H  N N 68  
ASP HA   H  N N 69  
ASP HB2  H  N N 70  
ASP HB3  H  N N 71  
ASP HD2  H  N N 72  
ASP HXT  H  N N 73  
CYS N    N  N N 74  
CYS CA   C  N R 75  
CYS C    C  N N 76  
CYS O    O  N N 77  
CYS CB   C  N N 78  
CYS SG   S  N N 79  
CYS OXT  O  N N 80  
CYS H    H  N N 81  
CYS H2   H  N N 82  
CYS HA   H  N N 83  
CYS HB2  H  N N 84  
CYS HB3  H  N N 85  
CYS HG   H  N N 86  
CYS HXT  H  N N 87  
GLN N    N  N N 88  
GLN CA   C  N S 89  
GLN C    C  N N 90  
GLN O    O  N N 91  
GLN CB   C  N N 92  
GLN CG   C  N N 93  
GLN CD   C  N N 94  
GLN OE1  O  N N 95  
GLN NE2  N  N N 96  
GLN OXT  O  N N 97  
GLN H    H  N N 98  
GLN H2   H  N N 99  
GLN HA   H  N N 100 
GLN HB2  H  N N 101 
GLN HB3  H  N N 102 
GLN HG2  H  N N 103 
GLN HG3  H  N N 104 
GLN HE21 H  N N 105 
GLN HE22 H  N N 106 
GLN HXT  H  N N 107 
GLU N    N  N N 108 
GLU CA   C  N S 109 
GLU C    C  N N 110 
GLU O    O  N N 111 
GLU CB   C  N N 112 
GLU CG   C  N N 113 
GLU CD   C  N N 114 
GLU OE1  O  N N 115 
GLU OE2  O  N N 116 
GLU OXT  O  N N 117 
GLU H    H  N N 118 
GLU H2   H  N N 119 
GLU HA   H  N N 120 
GLU HB2  H  N N 121 
GLU HB3  H  N N 122 
GLU HG2  H  N N 123 
GLU HG3  H  N N 124 
GLU HE2  H  N N 125 
GLU HXT  H  N N 126 
GLY N    N  N N 127 
GLY CA   C  N N 128 
GLY C    C  N N 129 
GLY O    O  N N 130 
GLY OXT  O  N N 131 
GLY H    H  N N 132 
GLY H2   H  N N 133 
GLY HA2  H  N N 134 
GLY HA3  H  N N 135 
GLY HXT  H  N N 136 
HIS N    N  N N 137 
HIS CA   C  N S 138 
HIS C    C  N N 139 
HIS O    O  N N 140 
HIS CB   C  N N 141 
HIS CG   C  Y N 142 
HIS ND1  N  Y N 143 
HIS CD2  C  Y N 144 
HIS CE1  C  Y N 145 
HIS NE2  N  Y N 146 
HIS OXT  O  N N 147 
HIS H    H  N N 148 
HIS H2   H  N N 149 
HIS HA   H  N N 150 
HIS HB2  H  N N 151 
HIS HB3  H  N N 152 
HIS HD1  H  N N 153 
HIS HD2  H  N N 154 
HIS HE1  H  N N 155 
HIS HE2  H  N N 156 
HIS HXT  H  N N 157 
HOH O    O  N N 158 
HOH H1   H  N N 159 
HOH H2   H  N N 160 
ILE N    N  N N 161 
ILE CA   C  N S 162 
ILE C    C  N N 163 
ILE O    O  N N 164 
ILE CB   C  N S 165 
ILE CG1  C  N N 166 
ILE CG2  C  N N 167 
ILE CD1  C  N N 168 
ILE OXT  O  N N 169 
ILE H    H  N N 170 
ILE H2   H  N N 171 
ILE HA   H  N N 172 
ILE HB   H  N N 173 
ILE HG12 H  N N 174 
ILE HG13 H  N N 175 
ILE HG21 H  N N 176 
ILE HG22 H  N N 177 
ILE HG23 H  N N 178 
ILE HD11 H  N N 179 
ILE HD12 H  N N 180 
ILE HD13 H  N N 181 
ILE HXT  H  N N 182 
LEU N    N  N N 183 
LEU CA   C  N S 184 
LEU C    C  N N 185 
LEU O    O  N N 186 
LEU CB   C  N N 187 
LEU CG   C  N N 188 
LEU CD1  C  N N 189 
LEU CD2  C  N N 190 
LEU OXT  O  N N 191 
LEU H    H  N N 192 
LEU H2   H  N N 193 
LEU HA   H  N N 194 
LEU HB2  H  N N 195 
LEU HB3  H  N N 196 
LEU HG   H  N N 197 
LEU HD11 H  N N 198 
LEU HD12 H  N N 199 
LEU HD13 H  N N 200 
LEU HD21 H  N N 201 
LEU HD22 H  N N 202 
LEU HD23 H  N N 203 
LEU HXT  H  N N 204 
LYS N    N  N N 205 
LYS CA   C  N S 206 
LYS C    C  N N 207 
LYS O    O  N N 208 
LYS CB   C  N N 209 
LYS CG   C  N N 210 
LYS CD   C  N N 211 
LYS CE   C  N N 212 
LYS NZ   N  N N 213 
LYS OXT  O  N N 214 
LYS H    H  N N 215 
LYS H2   H  N N 216 
LYS HA   H  N N 217 
LYS HB2  H  N N 218 
LYS HB3  H  N N 219 
LYS HG2  H  N N 220 
LYS HG3  H  N N 221 
LYS HD2  H  N N 222 
LYS HD3  H  N N 223 
LYS HE2  H  N N 224 
LYS HE3  H  N N 225 
LYS HZ1  H  N N 226 
LYS HZ2  H  N N 227 
LYS HZ3  H  N N 228 
LYS HXT  H  N N 229 
MET N    N  N N 230 
MET CA   C  N S 231 
MET C    C  N N 232 
MET O    O  N N 233 
MET CB   C  N N 234 
MET CG   C  N N 235 
MET SD   S  N N 236 
MET CE   C  N N 237 
MET OXT  O  N N 238 
MET H    H  N N 239 
MET H2   H  N N 240 
MET HA   H  N N 241 
MET HB2  H  N N 242 
MET HB3  H  N N 243 
MET HG2  H  N N 244 
MET HG3  H  N N 245 
MET HE1  H  N N 246 
MET HE2  H  N N 247 
MET HE3  H  N N 248 
MET HXT  H  N N 249 
MSE N    N  N N 250 
MSE CA   C  N S 251 
MSE C    C  N N 252 
MSE O    O  N N 253 
MSE OXT  O  N N 254 
MSE CB   C  N N 255 
MSE CG   C  N N 256 
MSE SE   SE N N 257 
MSE CE   C  N N 258 
MSE H    H  N N 259 
MSE H2   H  N N 260 
MSE HA   H  N N 261 
MSE HXT  H  N N 262 
MSE HB2  H  N N 263 
MSE HB3  H  N N 264 
MSE HG2  H  N N 265 
MSE HG3  H  N N 266 
MSE HE1  H  N N 267 
MSE HE2  H  N N 268 
MSE HE3  H  N N 269 
PHE N    N  N N 270 
PHE CA   C  N S 271 
PHE C    C  N N 272 
PHE O    O  N N 273 
PHE CB   C  N N 274 
PHE CG   C  Y N 275 
PHE CD1  C  Y N 276 
PHE CD2  C  Y N 277 
PHE CE1  C  Y N 278 
PHE CE2  C  Y N 279 
PHE CZ   C  Y N 280 
PHE OXT  O  N N 281 
PHE H    H  N N 282 
PHE H2   H  N N 283 
PHE HA   H  N N 284 
PHE HB2  H  N N 285 
PHE HB3  H  N N 286 
PHE HD1  H  N N 287 
PHE HD2  H  N N 288 
PHE HE1  H  N N 289 
PHE HE2  H  N N 290 
PHE HZ   H  N N 291 
PHE HXT  H  N N 292 
SER N    N  N N 293 
SER CA   C  N S 294 
SER C    C  N N 295 
SER O    O  N N 296 
SER CB   C  N N 297 
SER OG   O  N N 298 
SER OXT  O  N N 299 
SER H    H  N N 300 
SER H2   H  N N 301 
SER HA   H  N N 302 
SER HB2  H  N N 303 
SER HB3  H  N N 304 
SER HG   H  N N 305 
SER HXT  H  N N 306 
THR N    N  N N 307 
THR CA   C  N S 308 
THR C    C  N N 309 
THR O    O  N N 310 
THR CB   C  N R 311 
THR OG1  O  N N 312 
THR CG2  C  N N 313 
THR OXT  O  N N 314 
THR H    H  N N 315 
THR H2   H  N N 316 
THR HA   H  N N 317 
THR HB   H  N N 318 
THR HG1  H  N N 319 
THR HG21 H  N N 320 
THR HG22 H  N N 321 
THR HG23 H  N N 322 
THR HXT  H  N N 323 
TYR N    N  N N 324 
TYR CA   C  N S 325 
TYR C    C  N N 326 
TYR O    O  N N 327 
TYR CB   C  N N 328 
TYR CG   C  Y N 329 
TYR CD1  C  Y N 330 
TYR CD2  C  Y N 331 
TYR CE1  C  Y N 332 
TYR CE2  C  Y N 333 
TYR CZ   C  Y N 334 
TYR OH   O  N N 335 
TYR OXT  O  N N 336 
TYR H    H  N N 337 
TYR H2   H  N N 338 
TYR HA   H  N N 339 
TYR HB2  H  N N 340 
TYR HB3  H  N N 341 
TYR HD1  H  N N 342 
TYR HD2  H  N N 343 
TYR HE1  H  N N 344 
TYR HE2  H  N N 345 
TYR HH   H  N N 346 
TYR HXT  H  N N 347 
VAL N    N  N N 348 
VAL CA   C  N S 349 
VAL C    C  N N 350 
VAL O    O  N N 351 
VAL CB   C  N N 352 
VAL CG1  C  N N 353 
VAL CG2  C  N N 354 
VAL OXT  O  N N 355 
VAL H    H  N N 356 
VAL H2   H  N N 357 
VAL HA   H  N N 358 
VAL HB   H  N N 359 
VAL HG11 H  N N 360 
VAL HG12 H  N N 361 
VAL HG13 H  N N 362 
VAL HG21 H  N N 363 
VAL HG22 H  N N 364 
VAL HG23 H  N N 365 
VAL HXT  H  N N 366 
# 
loop_
_chem_comp_bond.comp_id 
_chem_comp_bond.atom_id_1 
_chem_comp_bond.atom_id_2 
_chem_comp_bond.value_order 
_chem_comp_bond.pdbx_aromatic_flag 
_chem_comp_bond.pdbx_stereo_config 
_chem_comp_bond.pdbx_ordinal 
ALA N   CA   sing N N 1   
ALA N   H    sing N N 2   
ALA N   H2   sing N N 3   
ALA CA  C    sing N N 4   
ALA CA  CB   sing N N 5   
ALA CA  HA   sing N N 6   
ALA C   O    doub N N 7   
ALA C   OXT  sing N N 8   
ALA CB  HB1  sing N N 9   
ALA CB  HB2  sing N N 10  
ALA CB  HB3  sing N N 11  
ALA OXT HXT  sing N N 12  
ARG N   CA   sing N N 13  
ARG N   H    sing N N 14  
ARG N   H2   sing N N 15  
ARG CA  C    sing N N 16  
ARG CA  CB   sing N N 17  
ARG CA  HA   sing N N 18  
ARG C   O    doub N N 19  
ARG C   OXT  sing N N 20  
ARG CB  CG   sing N N 21  
ARG CB  HB2  sing N N 22  
ARG CB  HB3  sing N N 23  
ARG CG  CD   sing N N 24  
ARG CG  HG2  sing N N 25  
ARG CG  HG3  sing N N 26  
ARG CD  NE   sing N N 27  
ARG CD  HD2  sing N N 28  
ARG CD  HD3  sing N N 29  
ARG NE  CZ   sing N N 30  
ARG NE  HE   sing N N 31  
ARG CZ  NH1  sing N N 32  
ARG CZ  NH2  doub N N 33  
ARG NH1 HH11 sing N N 34  
ARG NH1 HH12 sing N N 35  
ARG NH2 HH21 sing N N 36  
ARG NH2 HH22 sing N N 37  
ARG OXT HXT  sing N N 38  
ASN N   CA   sing N N 39  
ASN N   H    sing N N 40  
ASN N   H2   sing N N 41  
ASN CA  C    sing N N 42  
ASN CA  CB   sing N N 43  
ASN CA  HA   sing N N 44  
ASN C   O    doub N N 45  
ASN C   OXT  sing N N 46  
ASN CB  CG   sing N N 47  
ASN CB  HB2  sing N N 48  
ASN CB  HB3  sing N N 49  
ASN CG  OD1  doub N N 50  
ASN CG  ND2  sing N N 51  
ASN ND2 HD21 sing N N 52  
ASN ND2 HD22 sing N N 53  
ASN OXT HXT  sing N N 54  
ASP N   CA   sing N N 55  
ASP N   H    sing N N 56  
ASP N   H2   sing N N 57  
ASP CA  C    sing N N 58  
ASP CA  CB   sing N N 59  
ASP CA  HA   sing N N 60  
ASP C   O    doub N N 61  
ASP C   OXT  sing N N 62  
ASP CB  CG   sing N N 63  
ASP CB  HB2  sing N N 64  
ASP CB  HB3  sing N N 65  
ASP CG  OD1  doub N N 66  
ASP CG  OD2  sing N N 67  
ASP OD2 HD2  sing N N 68  
ASP OXT HXT  sing N N 69  
CYS N   CA   sing N N 70  
CYS N   H    sing N N 71  
CYS N   H2   sing N N 72  
CYS CA  C    sing N N 73  
CYS CA  CB   sing N N 74  
CYS CA  HA   sing N N 75  
CYS C   O    doub N N 76  
CYS C   OXT  sing N N 77  
CYS CB  SG   sing N N 78  
CYS CB  HB2  sing N N 79  
CYS CB  HB3  sing N N 80  
CYS SG  HG   sing N N 81  
CYS OXT HXT  sing N N 82  
GLN N   CA   sing N N 83  
GLN N   H    sing N N 84  
GLN N   H2   sing N N 85  
GLN CA  C    sing N N 86  
GLN CA  CB   sing N N 87  
GLN CA  HA   sing N N 88  
GLN C   O    doub N N 89  
GLN C   OXT  sing N N 90  
GLN CB  CG   sing N N 91  
GLN CB  HB2  sing N N 92  
GLN CB  HB3  sing N N 93  
GLN CG  CD   sing N N 94  
GLN CG  HG2  sing N N 95  
GLN CG  HG3  sing N N 96  
GLN CD  OE1  doub N N 97  
GLN CD  NE2  sing N N 98  
GLN NE2 HE21 sing N N 99  
GLN NE2 HE22 sing N N 100 
GLN OXT HXT  sing N N 101 
GLU N   CA   sing N N 102 
GLU N   H    sing N N 103 
GLU N   H2   sing N N 104 
GLU CA  C    sing N N 105 
GLU CA  CB   sing N N 106 
GLU CA  HA   sing N N 107 
GLU C   O    doub N N 108 
GLU C   OXT  sing N N 109 
GLU CB  CG   sing N N 110 
GLU CB  HB2  sing N N 111 
GLU CB  HB3  sing N N 112 
GLU CG  CD   sing N N 113 
GLU CG  HG2  sing N N 114 
GLU CG  HG3  sing N N 115 
GLU CD  OE1  doub N N 116 
GLU CD  OE2  sing N N 117 
GLU OE2 HE2  sing N N 118 
GLU OXT HXT  sing N N 119 
GLY N   CA   sing N N 120 
GLY N   H    sing N N 121 
GLY N   H2   sing N N 122 
GLY CA  C    sing N N 123 
GLY CA  HA2  sing N N 124 
GLY CA  HA3  sing N N 125 
GLY C   O    doub N N 126 
GLY C   OXT  sing N N 127 
GLY OXT HXT  sing N N 128 
HIS N   CA   sing N N 129 
HIS N   H    sing N N 130 
HIS N   H2   sing N N 131 
HIS CA  C    sing N N 132 
HIS CA  CB   sing N N 133 
HIS CA  HA   sing N N 134 
HIS C   O    doub N N 135 
HIS C   OXT  sing N N 136 
HIS CB  CG   sing N N 137 
HIS CB  HB2  sing N N 138 
HIS CB  HB3  sing N N 139 
HIS CG  ND1  sing Y N 140 
HIS CG  CD2  doub Y N 141 
HIS ND1 CE1  doub Y N 142 
HIS ND1 HD1  sing N N 143 
HIS CD2 NE2  sing Y N 144 
HIS CD2 HD2  sing N N 145 
HIS CE1 NE2  sing Y N 146 
HIS CE1 HE1  sing N N 147 
HIS NE2 HE2  sing N N 148 
HIS OXT HXT  sing N N 149 
HOH O   H1   sing N N 150 
HOH O   H2   sing N N 151 
ILE N   CA   sing N N 152 
ILE N   H    sing N N 153 
ILE N   H2   sing N N 154 
ILE CA  C    sing N N 155 
ILE CA  CB   sing N N 156 
ILE CA  HA   sing N N 157 
ILE C   O    doub N N 158 
ILE C   OXT  sing N N 159 
ILE CB  CG1  sing N N 160 
ILE CB  CG2  sing N N 161 
ILE CB  HB   sing N N 162 
ILE CG1 CD1  sing N N 163 
ILE CG1 HG12 sing N N 164 
ILE CG1 HG13 sing N N 165 
ILE CG2 HG21 sing N N 166 
ILE CG2 HG22 sing N N 167 
ILE CG2 HG23 sing N N 168 
ILE CD1 HD11 sing N N 169 
ILE CD1 HD12 sing N N 170 
ILE CD1 HD13 sing N N 171 
ILE OXT HXT  sing N N 172 
LEU N   CA   sing N N 173 
LEU N   H    sing N N 174 
LEU N   H2   sing N N 175 
LEU CA  C    sing N N 176 
LEU CA  CB   sing N N 177 
LEU CA  HA   sing N N 178 
LEU C   O    doub N N 179 
LEU C   OXT  sing N N 180 
LEU CB  CG   sing N N 181 
LEU CB  HB2  sing N N 182 
LEU CB  HB3  sing N N 183 
LEU CG  CD1  sing N N 184 
LEU CG  CD2  sing N N 185 
LEU CG  HG   sing N N 186 
LEU CD1 HD11 sing N N 187 
LEU CD1 HD12 sing N N 188 
LEU CD1 HD13 sing N N 189 
LEU CD2 HD21 sing N N 190 
LEU CD2 HD22 sing N N 191 
LEU CD2 HD23 sing N N 192 
LEU OXT HXT  sing N N 193 
LYS N   CA   sing N N 194 
LYS N   H    sing N N 195 
LYS N   H2   sing N N 196 
LYS CA  C    sing N N 197 
LYS CA  CB   sing N N 198 
LYS CA  HA   sing N N 199 
LYS C   O    doub N N 200 
LYS C   OXT  sing N N 201 
LYS CB  CG   sing N N 202 
LYS CB  HB2  sing N N 203 
LYS CB  HB3  sing N N 204 
LYS CG  CD   sing N N 205 
LYS CG  HG2  sing N N 206 
LYS CG  HG3  sing N N 207 
LYS CD  CE   sing N N 208 
LYS CD  HD2  sing N N 209 
LYS CD  HD3  sing N N 210 
LYS CE  NZ   sing N N 211 
LYS CE  HE2  sing N N 212 
LYS CE  HE3  sing N N 213 
LYS NZ  HZ1  sing N N 214 
LYS NZ  HZ2  sing N N 215 
LYS NZ  HZ3  sing N N 216 
LYS OXT HXT  sing N N 217 
MET N   CA   sing N N 218 
MET N   H    sing N N 219 
MET N   H2   sing N N 220 
MET CA  C    sing N N 221 
MET CA  CB   sing N N 222 
MET CA  HA   sing N N 223 
MET C   O    doub N N 224 
MET C   OXT  sing N N 225 
MET CB  CG   sing N N 226 
MET CB  HB2  sing N N 227 
MET CB  HB3  sing N N 228 
MET CG  SD   sing N N 229 
MET CG  HG2  sing N N 230 
MET CG  HG3  sing N N 231 
MET SD  CE   sing N N 232 
MET CE  HE1  sing N N 233 
MET CE  HE2  sing N N 234 
MET CE  HE3  sing N N 235 
MET OXT HXT  sing N N 236 
MSE N   CA   sing N N 237 
MSE N   H    sing N N 238 
MSE N   H2   sing N N 239 
MSE CA  C    sing N N 240 
MSE CA  CB   sing N N 241 
MSE CA  HA   sing N N 242 
MSE C   O    doub N N 243 
MSE C   OXT  sing N N 244 
MSE OXT HXT  sing N N 245 
MSE CB  CG   sing N N 246 
MSE CB  HB2  sing N N 247 
MSE CB  HB3  sing N N 248 
MSE CG  SE   sing N N 249 
MSE CG  HG2  sing N N 250 
MSE CG  HG3  sing N N 251 
MSE SE  CE   sing N N 252 
MSE CE  HE1  sing N N 253 
MSE CE  HE2  sing N N 254 
MSE CE  HE3  sing N N 255 
PHE N   CA   sing N N 256 
PHE N   H    sing N N 257 
PHE N   H2   sing N N 258 
PHE CA  C    sing N N 259 
PHE CA  CB   sing N N 260 
PHE CA  HA   sing N N 261 
PHE C   O    doub N N 262 
PHE C   OXT  sing N N 263 
PHE CB  CG   sing N N 264 
PHE CB  HB2  sing N N 265 
PHE CB  HB3  sing N N 266 
PHE CG  CD1  doub Y N 267 
PHE CG  CD2  sing Y N 268 
PHE CD1 CE1  sing Y N 269 
PHE CD1 HD1  sing N N 270 
PHE CD2 CE2  doub Y N 271 
PHE CD2 HD2  sing N N 272 
PHE CE1 CZ   doub Y N 273 
PHE CE1 HE1  sing N N 274 
PHE CE2 CZ   sing Y N 275 
PHE CE2 HE2  sing N N 276 
PHE CZ  HZ   sing N N 277 
PHE OXT HXT  sing N N 278 
SER N   CA   sing N N 279 
SER N   H    sing N N 280 
SER N   H2   sing N N 281 
SER CA  C    sing N N 282 
SER CA  CB   sing N N 283 
SER CA  HA   sing N N 284 
SER C   O    doub N N 285 
SER C   OXT  sing N N 286 
SER CB  OG   sing N N 287 
SER CB  HB2  sing N N 288 
SER CB  HB3  sing N N 289 
SER OG  HG   sing N N 290 
SER OXT HXT  sing N N 291 
THR N   CA   sing N N 292 
THR N   H    sing N N 293 
THR N   H2   sing N N 294 
THR CA  C    sing N N 295 
THR CA  CB   sing N N 296 
THR CA  HA   sing N N 297 
THR C   O    doub N N 298 
THR C   OXT  sing N N 299 
THR CB  OG1  sing N N 300 
THR CB  CG2  sing N N 301 
THR CB  HB   sing N N 302 
THR OG1 HG1  sing N N 303 
THR CG2 HG21 sing N N 304 
THR CG2 HG22 sing N N 305 
THR CG2 HG23 sing N N 306 
THR OXT HXT  sing N N 307 
TYR N   CA   sing N N 308 
TYR N   H    sing N N 309 
TYR N   H2   sing N N 310 
TYR CA  C    sing N N 311 
TYR CA  CB   sing N N 312 
TYR CA  HA   sing N N 313 
TYR C   O    doub N N 314 
TYR C   OXT  sing N N 315 
TYR CB  CG   sing N N 316 
TYR CB  HB2  sing N N 317 
TYR CB  HB3  sing N N 318 
TYR CG  CD1  doub Y N 319 
TYR CG  CD2  sing Y N 320 
TYR CD1 CE1  sing Y N 321 
TYR CD1 HD1  sing N N 322 
TYR CD2 CE2  doub Y N 323 
TYR CD2 HD2  sing N N 324 
TYR CE1 CZ   doub Y N 325 
TYR CE1 HE1  sing N N 326 
TYR CE2 CZ   sing Y N 327 
TYR CE2 HE2  sing N N 328 
TYR CZ  OH   sing N N 329 
TYR OH  HH   sing N N 330 
TYR OXT HXT  sing N N 331 
VAL N   CA   sing N N 332 
VAL N   H    sing N N 333 
VAL N   H2   sing N N 334 
VAL CA  C    sing N N 335 
VAL CA  CB   sing N N 336 
VAL CA  HA   sing N N 337 
VAL C   O    doub N N 338 
VAL C   OXT  sing N N 339 
VAL CB  CG1  sing N N 340 
VAL CB  CG2  sing N N 341 
VAL CB  HB   sing N N 342 
VAL CG1 HG11 sing N N 343 
VAL CG1 HG12 sing N N 344 
VAL CG1 HG13 sing N N 345 
VAL CG2 HG21 sing N N 346 
VAL CG2 HG22 sing N N 347 
VAL CG2 HG23 sing N N 348 
VAL OXT HXT  sing N N 349 
# 
_atom_sites.entry_id                    2GBO 
_atom_sites.fract_transf_matrix[1][1]   0.00215631 
_atom_sites.fract_transf_matrix[1][2]   -0.01560598 
_atom_sites.fract_transf_matrix[1][3]   0.01409985 
_atom_sites.fract_transf_matrix[2][1]   0.01371473 
_atom_sites.fract_transf_matrix[2][2]   0.00199916 
_atom_sites.fract_transf_matrix[2][3]   0.01596672 
_atom_sites.fract_transf_matrix[3][1]   -0.00504105 
_atom_sites.fract_transf_matrix[3][2]   0.00288883 
_atom_sites.fract_transf_matrix[3][3]   0.00396834 
_atom_sites.fract_transf_vector[1]      0.137486 
_atom_sites.fract_transf_vector[2]      -0.431220 
_atom_sites.fract_transf_vector[3]      0.000516 
# 
loop_
_atom_type.symbol 
C  
N  
O  
S  
SE 
# 
loop_
_atom_site.group_PDB 
_atom_site.id 
_atom_site.type_symbol 
_atom_site.label_atom_id 
_atom_site.label_alt_id 
_atom_site.label_comp_id 
_atom_site.label_asym_id 
_atom_site.label_entity_id 
_atom_site.label_seq_id 
_atom_site.pdbx_PDB_ins_code 
_atom_site.Cartn_x 
_atom_site.Cartn_y 
_atom_site.Cartn_z 
_atom_site.occupancy 
_atom_site.B_iso_or_equiv 
_atom_site.pdbx_formal_charge 
_atom_site.auth_seq_id 
_atom_site.auth_comp_id 
_atom_site.auth_asym_id 
_atom_site.auth_atom_id 
_atom_site.pdbx_PDB_model_num 
HETATM 1    N  N   . MSE A 1 4  ? -40.163 25.251  23.645  1.00 90.01 ? 1   MSE A N   1 
HETATM 2    C  CA  . MSE A 1 4  ? -39.609 26.307  22.746  1.00 90.25 ? 1   MSE A CA  1 
HETATM 3    C  C   . MSE A 1 4  ? -39.074 25.708  21.443  1.00 88.66 ? 1   MSE A C   1 
HETATM 4    O  O   . MSE A 1 4  ? -38.492 24.612  21.450  1.00 88.75 ? 1   MSE A O   1 
HETATM 5    C  CB  . MSE A 1 4  ? -38.492 27.078  23.467  1.00 90.49 ? 1   MSE A CB  1 
HETATM 6    C  CG  . MSE A 1 4  ? -38.302 28.511  22.948  1.00 91.97 ? 1   MSE A CG  1 
HETATM 7    SE SE  . MSE A 1 4  ? -37.169 29.643  24.098  0.50 92.63 ? 1   MSE A SE  1 
HETATM 8    C  CE  . MSE A 1 4  ? -37.310 31.313  23.063  1.00 92.24 ? 1   MSE A CE  1 
ATOM   9    N  N   . ASP A 1 5  ? -39.275 26.421  20.334  1.00 87.02 ? 2   ASP A N   1 
ATOM   10   C  CA  . ASP A 1 5  ? -38.640 26.049  19.061  1.00 85.30 ? 2   ASP A CA  1 
ATOM   11   C  C   . ASP A 1 5  ? -37.122 26.128  19.211  1.00 83.24 ? 2   ASP A C   1 
ATOM   12   O  O   . ASP A 1 5  ? -36.524 27.208  19.343  1.00 82.71 ? 2   ASP A O   1 
ATOM   13   C  CB  . ASP A 1 5  ? -39.146 26.895  17.884  1.00 86.15 ? 2   ASP A CB  1 
ATOM   14   C  CG  . ASP A 1 5  ? -40.391 26.290  17.216  1.00 87.22 ? 2   ASP A CG  1 
ATOM   15   O  OD1 . ASP A 1 5  ? -41.503 26.367  17.816  1.00 88.72 ? 2   ASP A OD1 1 
ATOM   16   O  OD2 . ASP A 1 5  ? -40.257 25.753  16.078  1.00 87.48 ? 2   ASP A OD2 1 
ATOM   17   N  N   . GLU A 1 6  ? -36.543 24.929  19.147  1.00 81.12 ? 3   GLU A N   1 
ATOM   18   C  CA  . GLU A 1 6  ? -35.253 24.501  19.738  1.00 78.22 ? 3   GLU A CA  1 
ATOM   19   C  C   . GLU A 1 6  ? -35.372 22.968  19.681  1.00 75.61 ? 3   GLU A C   1 
ATOM   20   O  O   . GLU A 1 6  ? -34.383 22.222  19.805  1.00 74.50 ? 3   GLU A O   1 
ATOM   21   C  CB  . GLU A 1 6  ? -35.105 24.945  21.199  1.00 78.56 ? 3   GLU A CB  1 
ATOM   22   C  CG  . GLU A 1 6  ? -34.514 26.343  21.434  1.00 80.68 ? 3   GLU A CG  1 
ATOM   23   C  CD  . GLU A 1 6  ? -33.052 26.509  20.984  1.00 82.80 ? 3   GLU A CD  1 
ATOM   24   O  OE1 . GLU A 1 6  ? -32.708 26.135  19.817  1.00 83.60 ? 3   GLU A OE1 1 
ATOM   25   O  OE2 . GLU A 1 6  ? -32.254 27.047  21.803  1.00 82.92 ? 3   GLU A OE2 1 
ATOM   26   N  N   . GLY A 1 7  ? -36.636 22.532  19.531  1.00 72.60 ? 4   GLY A N   1 
ATOM   27   C  CA  . GLY A 1 7  ? -37.005 21.362  18.730  1.00 68.26 ? 4   GLY A CA  1 
ATOM   28   C  C   . GLY A 1 7  ? -36.369 21.550  17.350  1.00 65.10 ? 4   GLY A C   1 
ATOM   29   O  O   . GLY A 1 7  ? -36.083 20.579  16.671  1.00 65.27 ? 4   GLY A O   1 
ATOM   30   N  N   . ILE A 1 8  ? -36.136 22.805  16.958  1.00 61.54 ? 5   ILE A N   1 
ATOM   31   C  CA  . ILE A 1 8  ? -35.426 23.143  15.729  1.00 58.80 ? 5   ILE A CA  1 
ATOM   32   C  C   . ILE A 1 8  ? -33.957 22.685  15.812  1.00 56.91 ? 5   ILE A C   1 
ATOM   33   O  O   . ILE A 1 8  ? -33.472 21.969  14.931  1.00 54.99 ? 5   ILE A O   1 
ATOM   34   C  CB  . ILE A 1 8  ? -35.516 24.650  15.404  1.00 58.74 ? 5   ILE A CB  1 
ATOM   35   C  CG1 . ILE A 1 8  ? -36.968 25.019  15.082  1.00 58.63 ? 5   ILE A CG1 1 
ATOM   36   C  CG2 . ILE A 1 8  ? -34.591 25.023  14.219  1.00 57.70 ? 5   ILE A CG2 1 
ATOM   37   C  CD1 . ILE A 1 8  ? -37.220 26.500  15.002  1.00 56.86 ? 5   ILE A CD1 1 
ATOM   38   N  N   . SER A 1 9  ? -33.283 23.066  16.902  1.00 54.73 ? 6   SER A N   1 
ATOM   39   C  CA  . SER A 1 9  ? -31.914 22.655  17.113  1.00 52.96 ? 6   SER A CA  1 
ATOM   40   C  C   . SER A 1 9  ? -31.777 21.141  17.246  1.00 51.32 ? 6   SER A C   1 
ATOM   41   O  O   . SER A 1 9  ? -30.887 20.573  16.616  1.00 50.13 ? 6   SER A O   1 
ATOM   42   C  CB  . SER A 1 9  ? -31.261 23.401  18.261  1.00 53.53 ? 6   SER A CB  1 
ATOM   43   O  OG  . SER A 1 9  ? -30.956 24.723  17.860  1.00 53.99 ? 6   SER A OG  1 
ATOM   44   N  N   . LYS A 1 10 ? -32.682 20.484  17.975  1.00 49.93 ? 7   LYS A N   1 
ATOM   45   C  CA  . LYS A 1 10 ? -32.601 19.012  18.123  1.00 49.61 ? 7   LYS A CA  1 
ATOM   46   C  C   . LYS A 1 10 ? -32.768 18.340  16.756  1.00 48.87 ? 7   LYS A C   1 
ATOM   47   O  O   . LYS A 1 10 ? -31.956 17.501  16.363  1.00 48.77 ? 7   LYS A O   1 
ATOM   48   C  CB  . LYS A 1 10 ? -33.600 18.469  19.172  1.00 49.56 ? 7   LYS A CB  1 
ATOM   49   C  CG  . LYS A 1 10 ? -33.595 16.962  19.368  1.00 48.79 ? 7   LYS A CG  1 
ATOM   50   C  CD  . LYS A 1 10 ? -34.220 16.615  20.730  1.00 49.93 ? 7   LYS A CD  1 
ATOM   51   C  CE  . LYS A 1 10 ? -34.944 15.254  20.693  1.00 48.47 ? 7   LYS A CE  1 
ATOM   52   N  NZ  . LYS A 1 10 ? -35.047 14.658  22.082  1.00 44.96 ? 7   LYS A NZ  1 
ATOM   53   N  N   . LYS A 1 11 ? -33.805 18.740  16.029  1.00 48.01 ? 8   LYS A N   1 
ATOM   54   C  CA  . LYS A 1 11 ? -34.027 18.242  14.687  1.00 46.53 ? 8   LYS A CA  1 
ATOM   55   C  C   . LYS A 1 11 ? -32.813 18.472  13.791  1.00 44.61 ? 8   LYS A C   1 
ATOM   56   O  O   . LYS A 1 11 ? -32.454 17.576  13.021  1.00 44.13 ? 8   LYS A O   1 
ATOM   57   C  CB  . LYS A 1 11 ? -35.259 18.867  14.060  1.00 47.08 ? 8   LYS A CB  1 
ATOM   58   C  CG  . LYS A 1 11 ? -36.559 18.324  14.597  1.00 51.51 ? 8   LYS A CG  1 
ATOM   59   C  CD  . LYS A 1 11 ? -37.732 18.764  13.738  1.00 57.90 ? 8   LYS A CD  1 
ATOM   60   C  CE  . LYS A 1 11 ? -38.871 19.319  14.606  1.00 62.70 ? 8   LYS A CE  1 
ATOM   61   N  NZ  . LYS A 1 11 ? -39.677 18.288  15.356  1.00 65.74 ? 8   LYS A NZ  1 
ATOM   62   N  N   . PHE A 1 12 ? -32.204 19.660  13.887  1.00 41.92 ? 9   PHE A N   1 
ATOM   63   C  CA  . PHE A 1 12 ? -31.021 19.935  13.123  1.00 40.89 ? 9   PHE A CA  1 
ATOM   64   C  C   . PHE A 1 12 ? -29.847 19.022  13.529  1.00 40.78 ? 9   PHE A C   1 
ATOM   65   O  O   . PHE A 1 12 ? -29.171 18.457  12.676  1.00 40.98 ? 9   PHE A O   1 
ATOM   66   C  CB  . PHE A 1 12 ? -30.596 21.403  13.171  1.00 40.03 ? 9   PHE A CB  1 
ATOM   67   C  CG  . PHE A 1 12 ? -29.251 21.643  12.462  1.00 41.19 ? 9   PHE A CG  1 
ATOM   68   C  CD1 . PHE A 1 12 ? -29.199 21.936  11.094  1.00 41.16 ? 9   PHE A CD1 1 
ATOM   69   C  CD2 . PHE A 1 12 ? -28.051 21.547  13.164  1.00 42.92 ? 9   PHE A CD2 1 
ATOM   70   C  CE1 . PHE A 1 12 ? -27.981 22.122  10.444  1.00 42.19 ? 9   PHE A CE1 1 
ATOM   71   C  CE2 . PHE A 1 12 ? -26.818 21.719  12.525  1.00 42.89 ? 9   PHE A CE2 1 
ATOM   72   C  CZ  . PHE A 1 12 ? -26.779 21.992  11.151  1.00 42.41 ? 9   PHE A CZ  1 
ATOM   73   N  N   . ALA A 1 13 ? -29.610 18.897  14.840  1.00 41.80 ? 10  ALA A N   1 
ATOM   74   C  CA  . ALA A 1 13 ? -28.483 18.142  15.353  1.00 42.29 ? 10  ALA A CA  1 
ATOM   75   C  C   . ALA A 1 13 ? -28.632 16.695  14.880  1.00 42.79 ? 10  ALA A C   1 
ATOM   76   O  O   . ALA A 1 13 ? -27.648 16.078  14.462  1.00 43.17 ? 10  ALA A O   1 
ATOM   77   C  CB  . ALA A 1 13 ? -28.406 18.244  16.877  1.00 41.44 ? 10  ALA A CB  1 
ATOM   78   N  N   . ILE A 1 14 ? -29.865 16.181  14.898  1.00 42.98 ? 11  ILE A N   1 
ATOM   79   C  CA  . ILE A 1 14 ? -30.127 14.768  14.564  1.00 42.64 ? 11  ILE A CA  1 
ATOM   80   C  C   . ILE A 1 14 ? -29.832 14.505  13.100  1.00 43.01 ? 11  ILE A C   1 
ATOM   81   O  O   . ILE A 1 14 ? -29.125 13.552  12.797  1.00 43.32 ? 11  ILE A O   1 
ATOM   82   C  CB  . ILE A 1 14 ? -31.574 14.274  14.946  1.00 43.02 ? 11  ILE A CB  1 
ATOM   83   C  CG1 . ILE A 1 14 ? -31.776 14.249  16.475  1.00 43.23 ? 11  ILE A CG1 1 
ATOM   84   C  CG2 . ILE A 1 14 ? -31.845 12.882  14.384  1.00 42.70 ? 11  ILE A CG2 1 
ATOM   85   C  CD1 . ILE A 1 14 ? -33.238 13.926  16.931  1.00 41.13 ? 11  ILE A CD1 1 
ATOM   86   N  N   . GLN A 1 15 ? -30.328 15.359  12.193  1.00 42.04 ? 12  GLN A N   1 
ATOM   87   C  CA  . GLN A 1 15 ? -30.051 15.142  10.772  1.00 41.01 ? 12  GLN A CA  1 
ATOM   88   C  C   . GLN A 1 15 ? -28.573 15.389  10.416  1.00 41.02 ? 12  GLN A C   1 
ATOM   89   O  O   . GLN A 1 15 ? -28.037 14.704  9.543   1.00 40.12 ? 12  GLN A O   1 
ATOM   90   C  CB  . GLN A 1 15 ? -31.033 15.908  9.848   1.00 41.51 ? 12  GLN A CB  1 
ATOM   91   C  CG  . GLN A 1 15 ? -30.946 17.430  9.895   1.00 42.01 ? 12  GLN A CG  1 
ATOM   92   C  CD  . GLN A 1 15 ? -29.725 18.047  9.162   1.00 41.40 ? 12  GLN A CD  1 
ATOM   93   O  OE1 . GLN A 1 15 ? -29.090 18.968  9.679   1.00 45.50 ? 12  GLN A OE1 1 
ATOM   94   N  NE2 . GLN A 1 15 ? -29.421 17.565  7.978   1.00 40.66 ? 12  GLN A NE2 1 
ATOM   95   N  N   . LEU A 1 16 ? -27.924 16.341  11.103  1.00 40.13 ? 13  LEU A N   1 
ATOM   96   C  CA  . LEU A 1 16 ? -26.489 16.542  10.949  1.00 40.02 ? 13  LEU A CA  1 
ATOM   97   C  C   . LEU A 1 16 ? -25.730 15.288  11.296  1.00 41.09 ? 13  LEU A C   1 
ATOM   98   O  O   . LEU A 1 16 ? -24.806 14.920  10.594  1.00 41.29 ? 13  LEU A O   1 
ATOM   99   C  CB  . LEU A 1 16 ? -25.970 17.714  11.826  1.00 40.06 ? 13  LEU A CB  1 
ATOM   100  C  CG  . LEU A 1 16 ? -24.435 18.004  11.719  1.00 38.93 ? 13  LEU A CG  1 
ATOM   101  C  CD1 . LEU A 1 16 ? -23.863 18.003  10.294  1.00 37.60 ? 13  LEU A CD1 1 
ATOM   102  C  CD2 . LEU A 1 16 ? -24.088 19.311  12.460  1.00 37.69 ? 13  LEU A CD2 1 
ATOM   103  N  N   . LEU A 1 17 ? -26.120 14.638  12.395  1.00 42.73 ? 14  LEU A N   1 
ATOM   104  C  CA  . LEU A 1 17 ? -25.427 13.435  12.869  1.00 42.56 ? 14  LEU A CA  1 
ATOM   105  C  C   . LEU A 1 17 ? -25.614 12.317  11.821  1.00 43.44 ? 14  LEU A C   1 
ATOM   106  O  O   . LEU A 1 17 ? -24.688 11.552  11.536  1.00 44.24 ? 14  LEU A O   1 
ATOM   107  C  CB  . LEU A 1 17 ? -25.992 12.998  14.208  1.00 41.29 ? 14  LEU A CB  1 
ATOM   108  C  CG  . LEU A 1 17 ? -25.400 13.617  15.497  1.00 43.90 ? 14  LEU A CG  1 
ATOM   109  C  CD1 . LEU A 1 17 ? -26.255 13.253  16.739  1.00 36.97 ? 14  LEU A CD1 1 
ATOM   110  C  CD2 . LEU A 1 17 ? -23.912 13.273  15.723  1.00 39.49 ? 14  LEU A CD2 1 
ATOM   111  N  N   . GLU A 1 18 ? -26.813 12.252  11.242  1.00 42.54 ? 15  GLU A N   1 
ATOM   112  C  CA  . GLU A 1 18 ? -27.155 11.236  10.216  1.00 43.12 ? 15  GLU A CA  1 
ATOM   113  C  C   . GLU A 1 18 ? -26.396 11.430  8.933   1.00 41.79 ? 15  GLU A C   1 
ATOM   114  O  O   . GLU A 1 18 ? -25.860 10.490  8.367   1.00 41.41 ? 15  GLU A O   1 
ATOM   115  C  CB  . GLU A 1 18 ? -28.661 11.235  9.914   1.00 42.01 ? 15  GLU A CB  1 
ATOM   116  C  CG  . GLU A 1 18 ? -29.438 10.945  11.185  1.00 45.32 ? 15  GLU A CG  1 
ATOM   117  C  CD  . GLU A 1 18 ? -30.931 10.862  11.004  1.00 48.74 ? 15  GLU A CD  1 
ATOM   118  O  OE1 . GLU A 1 18 ? -31.509 11.747  10.337  1.00 51.67 ? 15  GLU A OE1 1 
ATOM   119  O  OE2 . GLU A 1 18 ? -31.520 9.890   11.526  1.00 50.19 ? 15  GLU A OE2 1 
ATOM   120  N  N   . ASP A 1 19 ? -26.347 12.677  8.497   1.00 41.90 ? 16  ASP A N   1 
ATOM   121  C  CA  . ASP A 1 19 ? -25.569 13.050  7.332   1.00 41.13 ? 16  ASP A CA  1 
ATOM   122  C  C   . ASP A 1 19 ? -24.057 12.784  7.596   1.00 41.96 ? 16  ASP A C   1 
ATOM   123  O  O   . ASP A 1 19 ? -23.356 12.304  6.692   1.00 42.34 ? 16  ASP A O   1 
ATOM   124  C  CB  . ASP A 1 19 ? -25.860 14.520  7.006   1.00 41.10 ? 16  ASP A CB  1 
ATOM   125  C  CG  . ASP A 1 19 ? -25.283 14.941  5.712   1.00 40.98 ? 16  ASP A CG  1 
ATOM   126  O  OD1 . ASP A 1 19 ? -25.275 14.111  4.803   1.00 42.15 ? 16  ASP A OD1 1 
ATOM   127  O  OD2 . ASP A 1 19 ? -24.816 16.088  5.577   1.00 41.40 ? 16  ASP A OD2 1 
ATOM   128  N  N   . ASP A 1 20 ? -23.554 13.077  8.819   1.00 41.74 ? 17  ASP A N   1 
ATOM   129  C  CA  . ASP A 1 20 ? -22.154 12.780  9.211   1.00 40.68 ? 17  ASP A CA  1 
ATOM   130  C  C   . ASP A 1 20 ? -21.862 11.293  9.178   1.00 40.39 ? 17  ASP A C   1 
ATOM   131  O  O   . ASP A 1 20 ? -20.769 10.869  8.771   1.00 40.73 ? 17  ASP A O   1 
ATOM   132  C  CB  . ASP A 1 20 ? -21.819 13.301  10.651  1.00 40.32 ? 17  ASP A CB  1 
ATOM   133  C  CG  . ASP A 1 20 ? -21.563 14.806  10.684  1.00 42.93 ? 17  ASP A CG  1 
ATOM   134  O  OD1 . ASP A 1 20 ? -21.315 15.421  9.581   1.00 45.28 ? 17  ASP A OD1 1 
ATOM   135  O  OD2 . ASP A 1 20 ? -21.652 15.409  11.789  1.00 41.55 ? 17  ASP A OD2 1 
ATOM   136  N  N   . ALA A 1 21 ? -22.799 10.498  9.677   1.00 40.17 ? 18  ALA A N   1 
ATOM   137  C  CA  . ALA A 1 21 ? -22.684 9.049   9.555   1.00 40.79 ? 18  ALA A CA  1 
ATOM   138  C  C   . ALA A 1 21 ? -22.478 8.602   8.085   1.00 40.62 ? 18  ALA A C   1 
ATOM   139  O  O   . ALA A 1 21 ? -21.612 7.790   7.805   1.00 41.77 ? 18  ALA A O   1 
ATOM   140  C  CB  . ALA A 1 21 ? -23.900 8.364   10.167  1.00 40.58 ? 18  ALA A CB  1 
ATOM   141  N  N   . GLU A 1 22 ? -23.283 9.106   7.154   1.00 40.75 ? 19  GLU A N   1 
ATOM   142  C  CA  . GLU A 1 22 ? -23.073 8.854   5.717   1.00 40.35 ? 19  GLU A CA  1 
ATOM   143  C  C   . GLU A 1 22 ? -21.659 9.193   5.217   1.00 40.28 ? 19  GLU A C   1 
ATOM   144  O  O   . GLU A 1 22 ? -21.045 8.429   4.482   1.00 39.27 ? 19  GLU A O   1 
ATOM   145  C  CB  . GLU A 1 22 ? -24.105 9.641   4.892   1.00 41.57 ? 19  GLU A CB  1 
ATOM   146  C  CG  . GLU A 1 22 ? -25.536 9.235   5.157   1.00 42.28 ? 19  GLU A CG  1 
ATOM   147  C  CD  . GLU A 1 22 ? -25.737 7.740   5.002   1.00 45.70 ? 19  GLU A CD  1 
ATOM   148  O  OE1 . GLU A 1 22 ? -25.145 7.146   4.073   1.00 44.75 ? 19  GLU A OE1 1 
ATOM   149  O  OE2 . GLU A 1 22 ? -26.478 7.150   5.827   1.00 49.20 ? 19  GLU A OE2 1 
ATOM   150  N  N   . ARG A 1 23 ? -21.143 10.349  5.633   1.00 39.82 ? 20  ARG A N   1 
ATOM   151  C  CA  . ARG A 1 23 ? -19.799 10.727  5.305   1.00 40.05 ? 20  ARG A CA  1 
ATOM   152  C  C   . ARG A 1 23 ? -18.768 9.715   5.858   1.00 41.43 ? 20  ARG A C   1 
ATOM   153  O  O   . ARG A 1 23 ? -17.833 9.318   5.150   1.00 43.84 ? 20  ARG A O   1 
ATOM   154  C  CB  . ARG A 1 23 ? -19.533 12.143  5.818   1.00 38.76 ? 20  ARG A CB  1 
ATOM   155  C  CG  . ARG A 1 23 ? -19.874 13.242  4.764   1.00 40.17 ? 20  ARG A CG  1 
ATOM   156  C  CD  . ARG A 1 23 ? -19.377 14.664  5.192   1.00 38.29 ? 20  ARG A CD  1 
ATOM   157  N  NE  . ARG A 1 23 ? -20.247 15.211  6.236   1.00 39.33 ? 20  ARG A NE  1 
ATOM   158  C  CZ  . ARG A 1 23 ? -21.515 15.581  6.019   1.00 40.99 ? 20  ARG A CZ  1 
ATOM   159  N  NH1 . ARG A 1 23 ? -22.281 16.076  6.987   1.00 35.16 ? 20  ARG A NH1 1 
ATOM   160  N  NH2 . ARG A 1 23 ? -22.002 15.512  4.797   1.00 42.48 ? 20  ARG A NH2 1 
ATOM   161  N  N   . ILE A 1 24 ? -18.945 9.273   7.098   1.00 41.64 ? 21  ILE A N   1 
ATOM   162  C  CA  . ILE A 1 24 ? -18.054 8.273   7.678   1.00 41.19 ? 21  ILE A CA  1 
ATOM   163  C  C   . ILE A 1 24 ? -18.228 6.921   6.963   1.00 42.91 ? 21  ILE A C   1 
ATOM   164  O  O   . ILE A 1 24 ? -17.247 6.242   6.704   1.00 41.66 ? 21  ILE A O   1 
ATOM   165  C  CB  . ILE A 1 24 ? -18.216 8.161   9.240   1.00 41.72 ? 21  ILE A CB  1 
ATOM   166  C  CG1 . ILE A 1 24 ? -17.922 9.513   9.946   1.00 37.24 ? 21  ILE A CG1 1 
ATOM   167  C  CG2 . ILE A 1 24 ? -17.374 6.962   9.783   1.00 38.94 ? 21  ILE A CG2 1 
ATOM   168  C  CD1 . ILE A 1 24 ? -16.460 9.970   9.786   1.00 39.09 ? 21  ILE A CD1 1 
ATOM   169  N  N   . LYS A 1 25 ? -19.458 6.551   6.602   1.00 44.04 ? 22  LYS A N   1 
ATOM   170  C  CA  . LYS A 1 25 ? -19.668 5.316   5.852   1.00 45.80 ? 22  LYS A CA  1 
ATOM   171  C  C   . LYS A 1 25 ? -19.025 5.345   4.451   1.00 46.42 ? 22  LYS A C   1 
ATOM   172  O  O   . LYS A 1 25 ? -18.488 4.346   3.994   1.00 45.22 ? 22  LYS A O   1 
ATOM   173  C  CB  . LYS A 1 25 ? -21.146 4.987   5.773   1.00 46.25 ? 22  LYS A CB  1 
ATOM   174  C  CG  . LYS A 1 25 ? -21.581 3.950   6.762   1.00 46.26 ? 22  LYS A CG  1 
ATOM   175  C  CD  . LYS A 1 25 ? -22.882 4.342   7.467   1.00 48.09 ? 22  LYS A CD  1 
ATOM   176  C  CE  . LYS A 1 25 ? -23.981 4.739   6.511   1.00 46.87 ? 22  LYS A CE  1 
ATOM   177  N  NZ  . LYS A 1 25 ? -25.262 4.887   7.251   1.00 50.42 ? 22  LYS A NZ  1 
HETATM 178  N  N   . MSE A 1 26 ? -19.044 6.506   3.800   1.00 48.48 ? 23  MSE A N   1 
HETATM 179  C  CA  . MSE A 1 26 ? -18.376 6.689   2.513   1.00 50.58 ? 23  MSE A CA  1 
HETATM 180  C  C   . MSE A 1 26 ? -16.872 6.491   2.705   1.00 48.86 ? 23  MSE A C   1 
HETATM 181  O  O   . MSE A 1 26 ? -16.241 5.773   1.938   1.00 48.75 ? 23  MSE A O   1 
HETATM 182  C  CB  . MSE A 1 26 ? -18.644 8.084   1.978   1.00 49.84 ? 23  MSE A CB  1 
HETATM 183  C  CG  . MSE A 1 26 ? -17.633 8.562   0.881   1.00 51.69 ? 23  MSE A CG  1 
HETATM 184  SE SE  . MSE A 1 26 ? -18.010 10.405  0.208   0.60 60.06 ? 23  MSE A SE  1 
HETATM 185  C  CE  . MSE A 1 26 ? -19.964 10.587  0.746   1.00 53.37 ? 23  MSE A CE  1 
ATOM   186  N  N   . LEU A 1 27 ? -16.293 7.151   3.704   1.00 47.85 ? 24  LEU A N   1 
ATOM   187  C  CA  . LEU A 1 27 ? -14.855 6.917   4.028   1.00 47.75 ? 24  LEU A CA  1 
ATOM   188  C  C   . LEU A 1 27 ? -14.509 5.457   4.206   1.00 47.27 ? 24  LEU A C   1 
ATOM   189  O  O   . LEU A 1 27 ? -13.538 4.971   3.626   1.00 47.01 ? 24  LEU A O   1 
ATOM   190  C  CB  . LEU A 1 27 ? -14.367 7.726   5.213   1.00 46.15 ? 24  LEU A CB  1 
ATOM   191  C  CG  . LEU A 1 27 ? -14.336 9.242   5.029   1.00 45.85 ? 24  LEU A CG  1 
ATOM   192  C  CD1 . LEU A 1 27 ? -13.663 9.898   6.285   1.00 45.10 ? 24  LEU A CD1 1 
ATOM   193  C  CD2 . LEU A 1 27 ? -13.617 9.610   3.776   1.00 40.04 ? 24  LEU A CD2 1 
ATOM   194  N  N   . ILE A 1 28 ? -15.337 4.752   4.969   1.00 48.61 ? 25  ILE A N   1 
ATOM   195  C  CA  . ILE A 1 28 ? -15.145 3.321   5.230   1.00 49.87 ? 25  ILE A CA  1 
ATOM   196  C  C   . ILE A 1 28 ? -15.231 2.496   3.948   1.00 52.38 ? 25  ILE A C   1 
ATOM   197  O  O   . ILE A 1 28 ? -14.427 1.604   3.763   1.00 52.91 ? 25  ILE A O   1 
ATOM   198  C  CB  . ILE A 1 28 ? -16.127 2.773   6.310   1.00 50.57 ? 25  ILE A CB  1 
ATOM   199  C  CG1 . ILE A 1 28 ? -15.893 3.462   7.675   1.00 46.63 ? 25  ILE A CG1 1 
ATOM   200  C  CG2 . ILE A 1 28 ? -15.987 1.246   6.462   1.00 50.55 ? 25  ILE A CG2 1 
ATOM   201  C  CD1 . ILE A 1 28 ? -16.934 3.093   8.708   1.00 47.40 ? 25  ILE A CD1 1 
ATOM   202  N  N   . ARG A 1 29 ? -16.192 2.814   3.069   1.00 54.07 ? 26  ARG A N   1 
ATOM   203  C  CA  . ARG A 1 29 ? -16.313 2.188   1.764   1.00 56.43 ? 26  ARG A CA  1 
ATOM   204  C  C   . ARG A 1 29 ? -15.105 2.468   0.865   1.00 57.48 ? 26  ARG A C   1 
ATOM   205  O  O   . ARG A 1 29 ? -14.587 1.556   0.247   1.00 57.40 ? 26  ARG A O   1 
ATOM   206  C  CB  . ARG A 1 29 ? -17.593 2.649   1.062   1.00 56.93 ? 26  ARG A CB  1 
ATOM   207  C  CG  . ARG A 1 29 ? -18.859 2.087   1.644   1.00 59.01 ? 26  ARG A CG  1 
ATOM   208  C  CD  . ARG A 1 29 ? -20.051 2.682   0.957   1.00 65.36 ? 26  ARG A CD  1 
ATOM   209  N  NE  . ARG A 1 29 ? -21.284 2.398   1.683   1.00 69.40 ? 26  ARG A NE  1 
ATOM   210  C  CZ  . ARG A 1 29 ? -22.078 3.324   2.211   1.00 71.59 ? 26  ARG A CZ  1 
ATOM   211  N  NH1 . ARG A 1 29 ? -21.779 4.616   2.091   1.00 72.67 ? 26  ARG A NH1 1 
ATOM   212  N  NH2 . ARG A 1 29 ? -23.188 2.950   2.846   1.00 72.32 ? 26  ARG A NH2 1 
ATOM   213  N  N   . ASN A 1 30 ? -14.671 3.723   0.778   1.00 59.48 ? 27  ASN A N   1 
ATOM   214  C  CA  . ASN A 1 30 ? -13.479 4.055   0.006   1.00 62.04 ? 27  ASN A CA  1 
ATOM   215  C  C   . ASN A 1 30 ? -12.203 3.319   0.482   1.00 63.15 ? 27  ASN A C   1 
ATOM   216  O  O   . ASN A 1 30 ? -11.306 3.029   -0.325  1.00 62.09 ? 27  ASN A O   1 
ATOM   217  C  CB  . ASN A 1 30 ? -13.264 5.582   -0.097  1.00 62.53 ? 27  ASN A CB  1 
ATOM   218  C  CG  . ASN A 1 30 ? -12.008 5.942   -0.928  1.00 66.23 ? 27  ASN A CG  1 
ATOM   219  O  OD1 . ASN A 1 30 ? -10.871 5.897   -0.417  1.00 70.59 ? 27  ASN A OD1 1 
ATOM   220  N  ND2 . ASN A 1 30 ? -12.202 6.235   -2.219  1.00 65.73 ? 27  ASN A ND2 1 
ATOM   221  N  N   . GLN A 1 31 ? -12.149 3.044   1.793   1.00 64.93 ? 28  GLN A N   1 
ATOM   222  C  CA  . GLN A 1 31 ? -11.130 2.216   2.440   1.00 66.96 ? 28  GLN A CA  1 
ATOM   223  C  C   . GLN A 1 31 ? -11.184 0.743   2.002   1.00 67.94 ? 28  GLN A C   1 
ATOM   224  O  O   . GLN A 1 31 ? -10.245 0.225   1.374   1.00 68.70 ? 28  GLN A O   1 
ATOM   225  C  CB  . GLN A 1 31 ? -11.314 2.278   3.956   1.00 66.93 ? 28  GLN A CB  1 
ATOM   226  C  CG  . GLN A 1 31 ? -10.246 3.000   4.654   1.00 68.17 ? 28  GLN A CG  1 
ATOM   227  C  CD  . GLN A 1 31 ? -8.931  2.303   4.488   1.00 70.68 ? 28  GLN A CD  1 
ATOM   228  O  OE1 . GLN A 1 31 ? -8.704  1.228   5.050   1.00 70.67 ? 28  GLN A OE1 1 
ATOM   229  N  NE2 . GLN A 1 31 ? -8.050  2.904   3.707   1.00 68.74 ? 28  GLN A NE2 1 
ATOM   230  N  N   . LYS A 1 32 ? -12.287 0.073   2.340   1.00 68.63 ? 29  LYS A N   1 
ATOM   231  C  CA  . LYS A 1 32 ? -12.493 -1.341  2.022   1.00 68.82 ? 29  LYS A CA  1 
ATOM   232  C  C   . LYS A 1 32 ? -12.420 -1.598  0.508   1.00 68.94 ? 29  LYS A C   1 
ATOM   233  O  O   . LYS A 1 32 ? -12.024 -2.683  0.083   1.00 69.63 ? 29  LYS A O   1 
ATOM   234  C  CB  . LYS A 1 32 ? -13.846 -1.832  2.588   1.00 69.35 ? 29  LYS A CB  1 
ATOM   235  C  CG  . LYS A 1 32 ? -14.043 -1.695  4.122   1.00 69.17 ? 29  LYS A CG  1 
ATOM   236  C  CD  . LYS A 1 32 ? -13.385 -2.823  4.886   1.00 71.01 ? 29  LYS A CD  1 
ATOM   237  C  CE  . LYS A 1 32 ? -12.994 -2.395  6.286   1.00 72.38 ? 29  LYS A CE  1 
ATOM   238  N  NZ  . LYS A 1 32 ? -11.917 -3.274  6.854   1.00 72.86 ? 29  LYS A NZ  1 
ATOM   239  N  N   . ASN A 1 33 ? -12.799 -0.605  -0.301  1.00 68.73 ? 30  ASN A N   1 
ATOM   240  C  CA  . ASN A 1 33 ? -12.712 -0.702  -1.769  1.00 68.24 ? 30  ASN A CA  1 
ATOM   241  C  C   . ASN A 1 33 ? -11.416 -0.179  -2.349  1.00 67.40 ? 30  ASN A C   1 
ATOM   242  O  O   . ASN A 1 33 ? -11.294 -0.018  -3.572  1.00 67.66 ? 30  ASN A O   1 
ATOM   243  C  CB  . ASN A 1 33 ? -13.856 0.045   -2.436  1.00 68.63 ? 30  ASN A CB  1 
ATOM   244  C  CG  . ASN A 1 33 ? -15.180 -0.592  -2.169  1.00 70.34 ? 30  ASN A CG  1 
ATOM   245  O  OD1 . ASN A 1 33 ? -15.265 -1.807  -1.960  1.00 71.15 ? 30  ASN A OD1 1 
ATOM   246  N  ND2 . ASN A 1 33 ? -16.239 0.222   -2.165  1.00 72.28 ? 30  ASN A ND2 1 
ATOM   247  N  N   . SER A 1 34 ? -10.458 0.100   -1.474  1.00 65.94 ? 31  SER A N   1 
ATOM   248  C  CA  . SER A 1 34 ? -9.173  0.576   -1.918  1.00 64.53 ? 31  SER A CA  1 
ATOM   249  C  C   . SER A 1 34 ? -8.372  -0.546  -2.572  1.00 63.38 ? 31  SER A C   1 
ATOM   250  O  O   . SER A 1 34 ? -8.403  -1.709  -2.154  1.00 62.97 ? 31  SER A O   1 
ATOM   251  C  CB  . SER A 1 34 ? -8.371  1.136   -0.758  1.00 64.79 ? 31  SER A CB  1 
ATOM   252  O  OG  . SER A 1 34 ? -7.421  2.039   -1.275  1.00 65.13 ? 31  SER A OG  1 
ATOM   253  N  N   . LEU A 1 35 ? -7.638  -0.174  -3.597  1.00 61.38 ? 32  LEU A N   1 
ATOM   254  C  CA  . LEU A 1 35 ? -6.809  -1.121  -4.247  1.00 60.71 ? 32  LEU A CA  1 
ATOM   255  C  C   . LEU A 1 35 ? -5.419  -0.838  -3.704  1.00 58.84 ? 32  LEU A C   1 
ATOM   256  O  O   . LEU A 1 35 ? -4.445  -1.387  -4.190  1.00 58.96 ? 32  LEU A O   1 
ATOM   257  C  CB  . LEU A 1 35 ? -6.886  -0.922  -5.774  1.00 61.04 ? 32  LEU A CB  1 
ATOM   258  C  CG  . LEU A 1 35 ? -7.989  -1.657  -6.571  1.00 62.56 ? 32  LEU A CG  1 
ATOM   259  C  CD1 . LEU A 1 35 ? -9.385  -1.268  -6.139  1.00 63.08 ? 32  LEU A CD1 1 
ATOM   260  C  CD2 . LEU A 1 35 ? -7.848  -1.454  -8.113  1.00 62.18 ? 32  LEU A CD2 1 
ATOM   261  N  N   . CYS A 1 36 ? -5.345  0.015   -2.681  1.00 55.49 ? 33  CYS A N   1 
ATOM   262  C  CA  . CYS A 1 36 ? -4.081  0.579   -2.195  1.00 54.40 ? 33  CYS A CA  1 
ATOM   263  C  C   . CYS A 1 36 ? -2.951  -0.456  -1.914  1.00 54.63 ? 33  CYS A C   1 
ATOM   264  O  O   . CYS A 1 36 ? -1.905  -0.421  -2.577  1.00 54.13 ? 33  CYS A O   1 
ATOM   265  C  CB  . CYS A 1 36 ? -4.322  1.446   -0.961  1.00 53.62 ? 33  CYS A CB  1 
ATOM   266  S  SG  . CYS A 1 36 ? -2.989  2.580   -0.658  1.00 49.95 ? 33  CYS A SG  1 
ATOM   267  N  N   . ILE A 1 37 ? -3.163  -1.335  -0.937  1.00 53.90 ? 34  ILE A N   1 
ATOM   268  C  CA  . ILE A 1 37 ? -2.194  -2.361  -0.592  1.00 55.01 ? 34  ILE A CA  1 
ATOM   269  C  C   . ILE A 1 37 ? -1.938  -3.282  -1.801  1.00 55.11 ? 34  ILE A C   1 
ATOM   270  O  O   . ILE A 1 37 ? -0.797  -3.548  -2.186  1.00 55.22 ? 34  ILE A O   1 
ATOM   271  C  CB  . ILE A 1 37 ? -2.668  -3.211  0.607   1.00 54.90 ? 34  ILE A CB  1 
ATOM   272  C  CG1 . ILE A 1 37 ? -2.906  -2.351  1.864   1.00 56.98 ? 34  ILE A CG1 1 
ATOM   273  C  CG2 . ILE A 1 37 ? -1.692  -4.347  0.890   1.00 55.64 ? 34  ILE A CG2 1 
ATOM   274  C  CD1 . ILE A 1 37 ? -1.650  -1.976  2.704   1.00 58.31 ? 34  ILE A CD1 1 
ATOM   275  N  N   . SER A 1 38 ? -3.024  -3.732  -2.408  1.00 54.89 ? 35  SER A N   1 
ATOM   276  C  CA  . SER A 1 38 ? -2.984  -4.581  -3.570  1.00 54.64 ? 35  SER A CA  1 
ATOM   277  C  C   . SER A 1 38 ? -2.066  -4.006  -4.646  1.00 53.65 ? 35  SER A C   1 
ATOM   278  O  O   . SER A 1 38 ? -1.296  -4.738  -5.272  1.00 52.48 ? 35  SER A O   1 
ATOM   279  C  CB  . SER A 1 38 ? -4.416  -4.740  -4.085  1.00 55.09 ? 35  SER A CB  1 
ATOM   280  O  OG  . SER A 1 38 ? -4.466  -4.782  -5.494  1.00 60.34 ? 35  SER A OG  1 
ATOM   281  N  N   . GLN A 1 39 ? -2.155  -2.691  -4.856  1.00 52.10 ? 36  GLN A N   1 
ATOM   282  C  CA  . GLN A 1 39 ? -1.292  -2.012  -5.819  1.00 51.35 ? 36  GLN A CA  1 
ATOM   283  C  C   . GLN A 1 39 ? 0.182   -2.016  -5.401  1.00 48.63 ? 36  GLN A C   1 
ATOM   284  O  O   . GLN A 1 39 ? 1.052   -2.233  -6.230  1.00 48.91 ? 36  GLN A O   1 
ATOM   285  C  CB  . GLN A 1 39 ? -1.775  -0.581  -6.061  1.00 52.21 ? 36  GLN A CB  1 
ATOM   286  C  CG  . GLN A 1 39 ? -3.027  -0.475  -6.914  1.00 56.38 ? 36  GLN A CG  1 
ATOM   287  C  CD  . GLN A 1 39 ? -2.680  -0.016  -8.324  1.00 65.03 ? 36  GLN A CD  1 
ATOM   288  O  OE1 . GLN A 1 39 ? -2.758  -0.790  -9.297  1.00 66.15 ? 36  GLN A OE1 1 
ATOM   289  N  NE2 . GLN A 1 39 ? -2.266  1.260   -8.438  1.00 67.96 ? 36  GLN A NE2 1 
ATOM   290  N  N   . CYS A 1 40 ? 0.463   -1.770  -4.134  1.00 46.42 ? 37  CYS A N   1 
ATOM   291  C  CA  . CYS A 1 40 ? 1.838   -1.862  -3.638  1.00 45.48 ? 37  CYS A CA  1 
ATOM   292  C  C   . CYS A 1 40 ? 2.440   -3.279  -3.824  1.00 44.86 ? 37  CYS A C   1 
ATOM   293  O  O   . CYS A 1 40 ? 3.611   -3.421  -4.186  1.00 43.83 ? 37  CYS A O   1 
ATOM   294  C  CB  . CYS A 1 40 ? 1.898   -1.493  -2.163  1.00 45.07 ? 37  CYS A CB  1 
ATOM   295  S  SG  . CYS A 1 40 ? 1.310   0.136   -1.727  1.00 43.68 ? 37  CYS A SG  1 
ATOM   296  N  N   . LYS A 1 41 ? 1.613   -4.293  -3.602  1.00 44.52 ? 38  LYS A N   1 
ATOM   297  C  CA  . LYS A 1 41 ? 2.024   -5.705  -3.718  1.00 45.76 ? 38  LYS A CA  1 
ATOM   298  C  C   . LYS A 1 41 ? 2.230   -6.102  -5.160  1.00 45.39 ? 38  LYS A C   1 
ATOM   299  O  O   . LYS A 1 41 ? 3.196   -6.758  -5.468  1.00 46.22 ? 38  LYS A O   1 
ATOM   300  C  CB  . LYS A 1 41 ? 1.049   -6.643  -3.006  1.00 44.58 ? 38  LYS A CB  1 
ATOM   301  C  CG  . LYS A 1 41 ? 0.880   -6.342  -1.468  1.00 49.20 ? 38  LYS A CG  1 
ATOM   302  C  CD  . LYS A 1 41 ? 2.132   -6.621  -0.534  1.00 53.25 ? 38  LYS A CD  1 
ATOM   303  C  CE  . LYS A 1 41 ? 2.568   -8.155  -0.486  1.00 54.66 ? 38  LYS A CE  1 
ATOM   304  N  NZ  . LYS A 1 41 ? 3.848   -8.512  0.317   1.00 50.44 ? 38  LYS A NZ  1 
ATOM   305  N  N   . ALA A 1 42 ? 1.349   -5.679  -6.055  1.00 45.67 ? 39  ALA A N   1 
ATOM   306  C  CA  . ALA A 1 42 ? 1.569   -5.874  -7.474  1.00 46.02 ? 39  ALA A CA  1 
ATOM   307  C  C   . ALA A 1 42 ? 2.905   -5.276  -7.947  1.00 46.84 ? 39  ALA A C   1 
ATOM   308  O  O   . ALA A 1 42 ? 3.620   -5.918  -8.711  1.00 47.67 ? 39  ALA A O   1 
ATOM   309  C  CB  . ALA A 1 42 ? 0.405   -5.312  -8.309  1.00 45.79 ? 39  ALA A CB  1 
ATOM   310  N  N   . PHE A 1 43 ? 3.242   -4.056  -7.532  1.00 46.93 ? 40  PHE A N   1 
ATOM   311  C  CA  . PHE A 1 43 ? 4.541   -3.531  -7.891  1.00 47.36 ? 40  PHE A CA  1 
ATOM   312  C  C   . PHE A 1 43 ? 5.733   -4.352  -7.354  1.00 46.90 ? 40  PHE A C   1 
ATOM   313  O  O   . PHE A 1 43 ? 6.742   -4.597  -8.059  1.00 47.00 ? 40  PHE A O   1 
ATOM   314  C  CB  . PHE A 1 43 ? 4.717   -2.050  -7.531  1.00 48.62 ? 40  PHE A CB  1 
ATOM   315  C  CG  . PHE A 1 43 ? 6.035   -1.496  -8.043  1.00 53.19 ? 40  PHE A CG  1 
ATOM   316  C  CD1 . PHE A 1 43 ? 6.388   -1.647  -9.392  1.00 54.85 ? 40  PHE A CD1 1 
ATOM   317  C  CD2 . PHE A 1 43 ? 6.952   -0.886  -7.180  1.00 57.32 ? 40  PHE A CD2 1 
ATOM   318  C  CE1 . PHE A 1 43 ? 7.623   -1.189  -9.881  1.00 55.79 ? 40  PHE A CE1 1 
ATOM   319  C  CE2 . PHE A 1 43 ? 8.194   -0.402  -7.664  1.00 58.06 ? 40  PHE A CE2 1 
ATOM   320  C  CZ  . PHE A 1 43 ? 8.527   -0.549  -9.010  1.00 55.09 ? 40  PHE A CZ  1 
ATOM   321  N  N   . GLU A 1 44 ? 5.643   -4.725  -6.086  1.00 45.64 ? 41  GLU A N   1 
ATOM   322  C  CA  . GLU A 1 44 ? 6.588   -5.647  -5.498  1.00 45.54 ? 41  GLU A CA  1 
ATOM   323  C  C   . GLU A 1 44 ? 6.762   -6.912  -6.362  1.00 44.42 ? 41  GLU A C   1 
ATOM   324  O  O   . GLU A 1 44 ? 7.875   -7.359  -6.625  1.00 44.01 ? 41  GLU A O   1 
ATOM   325  C  CB  . GLU A 1 44 ? 6.171   -6.001  -4.071  1.00 45.22 ? 41  GLU A CB  1 
ATOM   326  C  CG  . GLU A 1 44 ? 7.157   -6.922  -3.424  1.00 47.43 ? 41  GLU A CG  1 
ATOM   327  C  CD  . GLU A 1 44 ? 6.755   -7.242  -1.992  1.00 50.24 ? 41  GLU A CD  1 
ATOM   328  O  OE1 . GLU A 1 44 ? 5.567   -7.596  -1.791  1.00 45.13 ? 41  GLU A OE1 1 
ATOM   329  O  OE2 . GLU A 1 44 ? 7.640   -7.140  -1.098  1.00 49.75 ? 41  GLU A OE2 1 
ATOM   330  N  N   . GLU A 1 45 ? 5.652   -7.441  -6.853  1.00 43.65 ? 42  GLU A N   1 
ATOM   331  C  CA  . GLU A 1 45 ? 5.695   -8.594  -7.690  1.00 43.01 ? 42  GLU A CA  1 
ATOM   332  C  C   . GLU A 1 45 ? 6.392   -8.376  -9.022  1.00 41.72 ? 42  GLU A C   1 
ATOM   333  O  O   . GLU A 1 45 ? 7.148   -9.225  -9.477  1.00 40.24 ? 42  GLU A O   1 
ATOM   334  C  CB  . GLU A 1 45 ? 4.305   -9.110  -7.895  1.00 43.92 ? 42  GLU A CB  1 
ATOM   335  C  CG  . GLU A 1 45 ? 4.218   -10.494 -8.414  1.00 46.87 ? 42  GLU A CG  1 
ATOM   336  C  CD  . GLU A 1 45 ? 2.805   -10.958 -8.195  1.00 57.15 ? 42  GLU A CD  1 
ATOM   337  O  OE1 . GLU A 1 45 ? 2.432   -11.194 -6.998  1.00 56.20 ? 42  GLU A OE1 1 
ATOM   338  O  OE2 . GLU A 1 45 ? 2.053   -11.027 -9.202  1.00 58.67 ? 42  GLU A OE2 1 
ATOM   339  N  N   . VAL A 1 46 ? 6.155   -7.236  -9.656  1.00 42.21 ? 43  VAL A N   1 
ATOM   340  C  CA  . VAL A 1 46 ? 6.888   -6.890  -10.867 1.00 41.03 ? 43  VAL A CA  1 
ATOM   341  C  C   . VAL A 1 46 ? 8.400   -6.883  -10.630 1.00 40.56 ? 43  VAL A C   1 
ATOM   342  O  O   . VAL A 1 46 ? 9.179   -7.375  -11.480 1.00 40.82 ? 43  VAL A O   1 
ATOM   343  C  CB  . VAL A 1 46 ? 6.454   -5.488  -11.407 1.00 41.60 ? 43  VAL A CB  1 
ATOM   344  C  CG1 . VAL A 1 46 ? 7.338   -5.094  -12.565 1.00 43.41 ? 43  VAL A CG1 1 
ATOM   345  C  CG2 . VAL A 1 46 ? 5.041   -5.532  -11.882 1.00 40.08 ? 43  VAL A CG2 1 
ATOM   346  N  N   . VAL A 1 47 ? 8.828   -6.307  -9.508  1.00 40.53 ? 44  VAL A N   1 
ATOM   347  C  CA  . VAL A 1 47 ? 10.274  -6.161  -9.250  1.00 40.58 ? 44  VAL A CA  1 
ATOM   348  C  C   . VAL A 1 47 ? 10.895  -7.527  -9.050  1.00 39.95 ? 44  VAL A C   1 
ATOM   349  O  O   . VAL A 1 47 ? 11.956  -7.794  -9.639  1.00 38.53 ? 44  VAL A O   1 
ATOM   350  C  CB  . VAL A 1 47 ? 10.607  -5.206  -8.066  1.00 42.01 ? 44  VAL A CB  1 
ATOM   351  C  CG1 . VAL A 1 47 ? 12.096  -5.171  -7.761  1.00 40.20 ? 44  VAL A CG1 1 
ATOM   352  C  CG2 . VAL A 1 47 ? 10.105  -3.772  -8.398  1.00 40.05 ? 44  VAL A CG2 1 
ATOM   353  N  N   . ASP A 1 48 ? 10.241  -8.382  -8.236  1.00 40.17 ? 45  ASP A N   1 
ATOM   354  C  CA  . ASP A 1 48 ? 10.709  -9.755  -8.044  1.00 40.02 ? 45  ASP A CA  1 
ATOM   355  C  C   . ASP A 1 48 ? 10.907  -10.462 -9.386  1.00 38.35 ? 45  ASP A C   1 
ATOM   356  O  O   . ASP A 1 48 ? 11.888  -11.130 -9.572  1.00 39.00 ? 45  ASP A O   1 
ATOM   357  C  CB  . ASP A 1 48 ? 9.728   -10.618 -7.226  1.00 39.42 ? 45  ASP A CB  1 
ATOM   358  C  CG  . ASP A 1 48 ? 9.656   -10.222 -5.760  1.00 42.46 ? 45  ASP A CG  1 
ATOM   359  O  OD1 . ASP A 1 48 ? 10.623  -9.638  -5.207  1.00 37.72 ? 45  ASP A OD1 1 
ATOM   360  O  OD2 . ASP A 1 48 ? 8.612   -10.576 -5.147  1.00 40.29 ? 45  ASP A OD2 1 
ATOM   361  N  N   . THR A 1 49 ? 9.918   -10.362 -10.276 1.00 38.09 ? 46  THR A N   1 
ATOM   362  C  CA  . THR A 1 49 ? 9.958   -11.048 -11.575 1.00 39.45 ? 46  THR A CA  1 
ATOM   363  C  C   . THR A 1 49 ? 11.065  -10.473 -12.488 1.00 39.32 ? 46  THR A C   1 
ATOM   364  O  O   . THR A 1 49 ? 11.768  -11.236 -13.185 1.00 40.49 ? 46  THR A O   1 
ATOM   365  C  CB  . THR A 1 49 ? 8.572   -10.895 -12.283 1.00 39.37 ? 46  THR A CB  1 
ATOM   366  O  OG1 . THR A 1 49 ? 7.588   -11.616 -11.531 1.00 45.01 ? 46  THR A OG1 1 
ATOM   367  C  CG2 . THR A 1 49 ? 8.619   -11.410 -13.768 1.00 37.16 ? 46  THR A CG2 1 
ATOM   368  N  N   . GLN A 1 50 ? 11.210  -9.137  -12.479 1.00 38.04 ? 47  GLN A N   1 
ATOM   369  C  CA  . GLN A 1 50 ? 12.276  -8.484  -13.235 1.00 37.70 ? 47  GLN A CA  1 
ATOM   370  C  C   . GLN A 1 50 ? 13.628  -9.011  -12.678 1.00 37.93 ? 47  GLN A C   1 
ATOM   371  O  O   . GLN A 1 50 ? 14.476  -9.453  -13.430 1.00 36.13 ? 47  GLN A O   1 
ATOM   372  C  CB  . GLN A 1 50 ? 12.178  -6.968  -13.099 1.00 37.44 ? 47  GLN A CB  1 
ATOM   373  C  CG  . GLN A 1 50 ? 10.911  -6.335  -13.706 1.00 37.87 ? 47  GLN A CG  1 
ATOM   374  C  CD  . GLN A 1 50 ? 11.113  -5.889  -15.133 1.00 39.52 ? 47  GLN A CD  1 
ATOM   375  O  OE1 . GLN A 1 50 ? 10.207  -5.975  -15.989 1.00 40.55 ? 47  GLN A OE1 1 
ATOM   376  N  NE2 . GLN A 1 50 ? 12.317  -5.451  -15.420 1.00 32.13 ? 47  GLN A NE2 1 
HETATM 377  N  N   . MSE A 1 51 ? 13.807  -8.955  -11.364 1.00 38.67 ? 48  MSE A N   1 
HETATM 378  C  CA  . MSE A 1 51 ? 15.027  -9.441  -10.735 1.00 42.29 ? 48  MSE A CA  1 
HETATM 379  C  C   . MSE A 1 51 ? 15.338  -10.933 -11.050 1.00 40.26 ? 48  MSE A C   1 
HETATM 380  O  O   . MSE A 1 51 ? 16.480  -11.325 -11.302 1.00 38.79 ? 48  MSE A O   1 
HETATM 381  C  CB  . MSE A 1 51 ? 14.826  -9.289  -9.247  1.00 41.26 ? 48  MSE A CB  1 
HETATM 382  C  CG  . MSE A 1 51 ? 15.992  -9.733  -8.405  1.00 46.73 ? 48  MSE A CG  1 
HETATM 383  SE SE  . MSE A 1 51 ? 15.546  -9.319  -6.551  0.75 52.82 ? 48  MSE A SE  1 
HETATM 384  C  CE  . MSE A 1 51 ? 14.173  -10.723 -6.174  1.00 52.28 ? 48  MSE A CE  1 
ATOM   385  N  N   . TYR A 1 52 ? 14.300  -11.767 -10.984 1.00 39.60 ? 49  TYR A N   1 
ATOM   386  C  CA  . TYR A 1 52 ? 14.462  -13.186 -11.263 1.00 39.58 ? 49  TYR A CA  1 
ATOM   387  C  C   . TYR A 1 52 ? 14.865  -13.464 -12.695 1.00 39.54 ? 49  TYR A C   1 
ATOM   388  O  O   . TYR A 1 52 ? 15.694  -14.339 -12.927 1.00 39.00 ? 49  TYR A O   1 
ATOM   389  C  CB  . TYR A 1 52 ? 13.222  -13.998 -10.908 1.00 38.23 ? 49  TYR A CB  1 
ATOM   390  C  CG  . TYR A 1 52 ? 13.359  -14.600 -9.531  1.00 37.12 ? 49  TYR A CG  1 
ATOM   391  C  CD1 . TYR A 1 52 ? 13.092  -13.826 -8.366  1.00 38.07 ? 49  TYR A CD1 1 
ATOM   392  C  CD2 . TYR A 1 52 ? 13.799  -15.901 -9.370  1.00 32.93 ? 49  TYR A CD2 1 
ATOM   393  C  CE1 . TYR A 1 52 ? 13.283  -14.366 -7.086  1.00 32.41 ? 49  TYR A CE1 1 
ATOM   394  C  CE2 . TYR A 1 52 ? 13.943  -16.453 -8.114  1.00 36.60 ? 49  TYR A CE2 1 
ATOM   395  C  CZ  . TYR A 1 52 ? 13.681  -15.688 -6.975  1.00 38.14 ? 49  TYR A CZ  1 
ATOM   396  O  OH  . TYR A 1 52 ? 13.791  -16.270 -5.721  1.00 36.65 ? 49  TYR A OH  1 
ATOM   397  N  N   . GLY A 1 53 ? 14.278  -12.716 -13.638 1.00 38.91 ? 50  GLY A N   1 
ATOM   398  C  CA  . GLY A 1 53 ? 14.525  -12.987 -15.040 1.00 38.54 ? 50  GLY A CA  1 
ATOM   399  C  C   . GLY A 1 53 ? 15.972  -12.565 -15.339 1.00 37.87 ? 50  GLY A C   1 
ATOM   400  O  O   . GLY A 1 53 ? 16.664  -13.188 -16.118 1.00 36.81 ? 50  GLY A O   1 
ATOM   401  N  N   . PHE A 1 54 ? 16.444  -11.533 -14.666 1.00 37.85 ? 51  PHE A N   1 
ATOM   402  C  CA  . PHE A 1 54 ? 17.820  -11.027 -14.941 1.00 37.73 ? 51  PHE A CA  1 
ATOM   403  C  C   . PHE A 1 54 ? 18.835  -11.999 -14.325 1.00 38.58 ? 51  PHE A C   1 
ATOM   404  O  O   . PHE A 1 54 ? 19.864  -12.324 -14.911 1.00 39.67 ? 51  PHE A O   1 
ATOM   405  C  CB  . PHE A 1 54 ? 18.014  -9.663  -14.312 1.00 35.56 ? 51  PHE A CB  1 
ATOM   406  C  CG  . PHE A 1 54 ? 19.486  -9.276  -14.177 1.00 35.65 ? 51  PHE A CG  1 
ATOM   407  C  CD1 . PHE A 1 54 ? 20.257  -9.033  -15.301 1.00 35.04 ? 51  PHE A CD1 1 
ATOM   408  C  CD2 . PHE A 1 54 ? 20.084  -9.172  -12.935 1.00 31.46 ? 51  PHE A CD2 1 
ATOM   409  C  CE1 . PHE A 1 54 ? 21.614  -8.703  -15.183 1.00 34.33 ? 51  PHE A CE1 1 
ATOM   410  C  CE2 . PHE A 1 54 ? 21.409  -8.923  -12.814 1.00 31.86 ? 51  PHE A CE2 1 
ATOM   411  C  CZ  . PHE A 1 54 ? 22.177  -8.639  -13.938 1.00 34.90 ? 51  PHE A CZ  1 
ATOM   412  N  N   . SER A 1 55 ? 18.518  -12.439 -13.114 1.00 38.92 ? 52  SER A N   1 
ATOM   413  C  CA  . SER A 1 55 ? 19.360  -13.355 -12.405 1.00 39.53 ? 52  SER A CA  1 
ATOM   414  C  C   . SER A 1 55 ? 19.476  -14.685 -13.174 1.00 37.98 ? 52  SER A C   1 
ATOM   415  O  O   . SER A 1 55 ? 20.548  -15.235 -13.283 1.00 37.98 ? 52  SER A O   1 
ATOM   416  C  CB  . SER A 1 55 ? 18.823  -13.507 -10.971 1.00 38.30 ? 52  SER A CB  1 
ATOM   417  O  OG  . SER A 1 55 ? 19.522  -14.540 -10.292 1.00 43.12 ? 52  SER A OG  1 
ATOM   418  N  N   . ARG A 1 56 ? 18.372  -15.183 -13.741 1.00 38.42 ? 53  ARG A N   1 
ATOM   419  C  CA  . ARG A 1 56 ? 18.403  -16.345 -14.630 1.00 37.18 ? 53  ARG A CA  1 
ATOM   420  C  C   . ARG A 1 56 ? 19.448  -16.196 -15.748 1.00 38.58 ? 53  ARG A C   1 
ATOM   421  O  O   . ARG A 1 56 ? 20.230  -17.129 -16.019 1.00 39.63 ? 53  ARG A O   1 
ATOM   422  C  CB  . ARG A 1 56 ? 16.980  -16.574 -15.179 1.00 37.58 ? 53  ARG A CB  1 
ATOM   423  C  CG  . ARG A 1 56 ? 16.869  -17.790 -16.039 1.00 37.11 ? 53  ARG A CG  1 
ATOM   424  C  CD  . ARG A 1 56 ? 17.180  -19.052 -15.230 1.00 38.32 ? 53  ARG A CD  1 
ATOM   425  N  NE  . ARG A 1 56 ? 17.267  -20.280 -16.031 1.00 38.22 ? 53  ARG A NE  1 
ATOM   426  C  CZ  . ARG A 1 56 ? 18.388  -20.797 -16.543 1.00 38.52 ? 53  ARG A CZ  1 
ATOM   427  N  NH1 . ARG A 1 56 ? 19.572  -20.205 -16.358 1.00 36.91 ? 53  ARG A NH1 1 
ATOM   428  N  NH2 . ARG A 1 56 ? 18.324  -21.964 -17.221 1.00 40.55 ? 53  ARG A NH2 1 
ATOM   429  N  N   . GLN A 1 57 ? 19.519  -14.986 -16.346 1.00 38.77 ? 54  GLN A N   1 
ATOM   430  C  CA  . GLN A 1 57 ? 20.461  -14.621 -17.368 1.00 38.00 ? 54  GLN A CA  1 
ATOM   431  C  C   . GLN A 1 57 ? 21.917  -14.560 -16.899 1.00 38.45 ? 54  GLN A C   1 
ATOM   432  O  O   . GLN A 1 57 ? 22.832  -15.006 -17.622 1.00 37.78 ? 54  GLN A O   1 
ATOM   433  C  CB  . GLN A 1 57 ? 20.068  -13.274 -17.997 1.00 37.93 ? 54  GLN A CB  1 
ATOM   434  C  CG  . GLN A 1 57 ? 18.782  -13.378 -18.783 1.00 36.38 ? 54  GLN A CG  1 
ATOM   435  C  CD  . GLN A 1 57 ? 18.980  -14.011 -20.163 1.00 35.47 ? 54  GLN A CD  1 
ATOM   436  O  OE1 . GLN A 1 57 ? 20.075  -14.486 -20.522 1.00 32.13 ? 54  GLN A OE1 1 
ATOM   437  N  NE2 . GLN A 1 57 ? 17.927  -13.974 -20.973 1.00 36.74 ? 54  GLN A NE2 1 
ATOM   438  N  N   . VAL A 1 58 ? 22.149  -14.002 -15.715 1.00 37.95 ? 55  VAL A N   1 
ATOM   439  C  CA  . VAL A 1 58 ? 23.500  -14.044 -15.138 1.00 37.70 ? 55  VAL A CA  1 
ATOM   440  C  C   . VAL A 1 58 ? 23.951  -15.520 -15.047 1.00 38.34 ? 55  VAL A C   1 
ATOM   441  O  O   . VAL A 1 58 ? 25.031  -15.888 -15.487 1.00 38.80 ? 55  VAL A O   1 
ATOM   442  C  CB  . VAL A 1 58 ? 23.524  -13.397 -13.740 1.00 37.70 ? 55  VAL A CB  1 
ATOM   443  C  CG1 . VAL A 1 58 ? 24.849  -13.656 -13.088 1.00 35.52 ? 55  VAL A CG1 1 
ATOM   444  C  CG2 . VAL A 1 58 ? 23.200  -11.894 -13.817 1.00 35.84 ? 55  VAL A CG2 1 
ATOM   445  N  N   . THR A 1 59 ? 23.081  -16.376 -14.519 1.00 39.16 ? 56  THR A N   1 
ATOM   446  C  CA  . THR A 1 59 ? 23.381  -17.801 -14.419 1.00 40.00 ? 56  THR A CA  1 
ATOM   447  C  C   . THR A 1 59 ? 23.641  -18.450 -15.758 1.00 40.99 ? 56  THR A C   1 
ATOM   448  O  O   . THR A 1 59 ? 24.634  -19.142 -15.902 1.00 41.31 ? 56  THR A O   1 
ATOM   449  C  CB  . THR A 1 59 ? 22.288  -18.532 -13.640 1.00 39.40 ? 56  THR A CB  1 
ATOM   450  O  OG1 . THR A 1 59 ? 22.340  -18.061 -12.287 1.00 39.31 ? 56  THR A OG1 1 
ATOM   451  C  CG2 . THR A 1 59 ? 22.449  -20.098 -13.663 1.00 38.32 ? 56  THR A CG2 1 
ATOM   452  N  N   . TYR A 1 60 ? 22.744  -18.232 -16.724 1.00 42.32 ? 57  TYR A N   1 
ATOM   453  C  CA  . TYR A 1 60 ? 22.938  -18.698 -18.096 1.00 42.79 ? 57  TYR A CA  1 
ATOM   454  C  C   . TYR A 1 60 ? 24.288  -18.206 -18.673 1.00 43.63 ? 57  TYR A C   1 
ATOM   455  O  O   . TYR A 1 60 ? 25.026  -19.004 -19.287 1.00 43.93 ? 57  TYR A O   1 
ATOM   456  C  CB  . TYR A 1 60 ? 21.791  -18.222 -18.972 1.00 42.20 ? 57  TYR A CB  1 
ATOM   457  C  CG  . TYR A 1 60 ? 21.778  -18.724 -20.391 1.00 43.85 ? 57  TYR A CG  1 
ATOM   458  C  CD1 . TYR A 1 60 ? 22.253  -20.029 -20.717 1.00 42.58 ? 57  TYR A CD1 1 
ATOM   459  C  CD2 . TYR A 1 60 ? 21.237  -17.932 -21.431 1.00 41.35 ? 57  TYR A CD2 1 
ATOM   460  C  CE1 . TYR A 1 60 ? 22.209  -20.502 -22.020 1.00 39.52 ? 57  TYR A CE1 1 
ATOM   461  C  CE2 . TYR A 1 60 ? 21.190  -18.403 -22.751 1.00 36.11 ? 57  TYR A CE2 1 
ATOM   462  C  CZ  . TYR A 1 60 ? 21.680  -19.683 -23.035 1.00 41.70 ? 57  TYR A CZ  1 
ATOM   463  O  OH  . TYR A 1 60 ? 21.629  -20.160 -24.336 1.00 41.08 ? 57  TYR A OH  1 
ATOM   464  N  N   . ALA A 1 61 ? 24.619  -16.924 -18.491 1.00 44.60 ? 58  ALA A N   1 
ATOM   465  C  CA  . ALA A 1 61 ? 25.914  -16.359 -19.011 1.00 44.74 ? 58  ALA A CA  1 
ATOM   466  C  C   . ALA A 1 61 ? 27.125  -17.058 -18.368 1.00 44.03 ? 58  ALA A C   1 
ATOM   467  O  O   . ALA A 1 61 ? 28.121  -17.324 -19.013 1.00 43.03 ? 58  ALA A O   1 
ATOM   468  C  CB  . ALA A 1 61 ? 26.004  -14.832 -18.753 1.00 45.56 ? 58  ALA A CB  1 
ATOM   469  N  N   . THR A 1 62 ? 26.997  -17.379 -17.087 1.00 45.18 ? 59  THR A N   1 
ATOM   470  C  CA  . THR A 1 62 ? 27.997  -18.152 -16.386 1.00 45.87 ? 59  THR A CA  1 
ATOM   471  C  C   . THR A 1 62 ? 28.122  -19.573 -16.973 1.00 47.09 ? 59  THR A C   1 
ATOM   472  O  O   . THR A 1 62 ? 29.253  -20.024 -17.231 1.00 46.46 ? 59  THR A O   1 
ATOM   473  C  CB  . THR A 1 62 ? 27.702  -18.202 -14.890 1.00 45.82 ? 59  THR A CB  1 
ATOM   474  O  OG1 . THR A 1 62 ? 27.604  -16.849 -14.424 1.00 47.18 ? 59  THR A OG1 1 
ATOM   475  C  CG2 . THR A 1 62 ? 28.854  -18.885 -14.130 1.00 44.24 ? 59  THR A CG2 1 
ATOM   476  N  N   . ARG A 1 63 ? 26.994  -20.256 -17.227 1.00 47.01 ? 60  ARG A N   1 
ATOM   477  C  CA  . ARG A 1 63 ? 27.075  -21.628 -17.814 1.00 47.26 ? 60  ARG A CA  1 
ATOM   478  C  C   . ARG A 1 63 ? 27.842  -21.611 -19.142 1.00 48.05 ? 60  ARG A C   1 
ATOM   479  O  O   . ARG A 1 63 ? 28.553  -22.556 -19.477 1.00 47.03 ? 60  ARG A O   1 
ATOM   480  C  CB  . ARG A 1 63 ? 25.710  -22.272 -18.061 1.00 46.54 ? 60  ARG A CB  1 
ATOM   481  C  CG  . ARG A 1 63 ? 24.861  -22.453 -16.843 1.00 47.77 ? 60  ARG A CG  1 
ATOM   482  C  CD  . ARG A 1 63 ? 25.741  -22.778 -15.656 1.00 50.95 ? 60  ARG A CD  1 
ATOM   483  N  NE  . ARG A 1 63 ? 24.943  -23.115 -14.503 1.00 55.53 ? 60  ARG A NE  1 
ATOM   484  C  CZ  . ARG A 1 63 ? 25.376  -23.091 -13.253 1.00 58.60 ? 60  ARG A CZ  1 
ATOM   485  N  NH1 . ARG A 1 63 ? 26.625  -22.732 -12.994 1.00 56.28 ? 60  ARG A NH1 1 
ATOM   486  N  NH2 . ARG A 1 63 ? 24.542  -23.436 -12.263 1.00 59.36 ? 60  ARG A NH2 1 
ATOM   487  N  N   . LEU A 1 64 ? 27.670  -20.528 -19.885 1.00 47.82 ? 61  LEU A N   1 
ATOM   488  C  CA  . LEU A 1 64 ? 28.231  -20.417 -21.207 1.00 48.84 ? 61  LEU A CA  1 
ATOM   489  C  C   . LEU A 1 64 ? 29.715  -19.991 -21.193 1.00 48.87 ? 61  LEU A C   1 
ATOM   490  O  O   . LEU A 1 64 ? 30.376  -20.094 -22.217 1.00 48.80 ? 61  LEU A O   1 
ATOM   491  C  CB  . LEU A 1 64 ? 27.392  -19.418 -22.030 1.00 49.26 ? 61  LEU A CB  1 
ATOM   492  C  CG  . LEU A 1 64 ? 25.984  -19.907 -22.401 1.00 49.59 ? 61  LEU A CG  1 
ATOM   493  C  CD1 . LEU A 1 64 ? 25.198  -18.793 -23.157 1.00 50.91 ? 61  LEU A CD1 1 
ATOM   494  C  CD2 . LEU A 1 64 ? 26.070  -21.185 -23.211 1.00 47.29 ? 61  LEU A CD2 1 
ATOM   495  N  N   . GLY A 1 65 ? 30.215  -19.507 -20.053 1.00 49.35 ? 62  GLY A N   1 
ATOM   496  C  CA  . GLY A 1 65 ? 31.592  -19.066 -19.937 1.00 49.62 ? 62  GLY A CA  1 
ATOM   497  C  C   . GLY A 1 65 ? 31.757  -17.583 -20.259 1.00 51.11 ? 62  GLY A C   1 
ATOM   498  O  O   . GLY A 1 65 ? 32.878  -17.080 -20.301 1.00 51.08 ? 62  GLY A O   1 
ATOM   499  N  N   . ILE A 1 66 ? 30.640  -16.889 -20.486 1.00 51.55 ? 63  ILE A N   1 
ATOM   500  C  CA  . ILE A 1 66 ? 30.621  -15.441 -20.752 1.00 51.55 ? 63  ILE A CA  1 
ATOM   501  C  C   . ILE A 1 66 ? 30.980  -14.679 -19.482 1.00 52.23 ? 63  ILE A C   1 
ATOM   502  O  O   . ILE A 1 66 ? 31.636  -13.651 -19.537 1.00 52.13 ? 63  ILE A O   1 
ATOM   503  C  CB  . ILE A 1 66 ? 29.260  -15.021 -21.329 1.00 51.88 ? 63  ILE A CB  1 
ATOM   504  C  CG1 . ILE A 1 66 ? 29.141  -15.588 -22.737 1.00 51.22 ? 63  ILE A CG1 1 
ATOM   505  C  CG2 . ILE A 1 66 ? 29.042  -13.463 -21.335 1.00 51.48 ? 63  ILE A CG2 1 
ATOM   506  C  CD1 . ILE A 1 66 ? 27.812  -15.298 -23.336 1.00 52.68 ? 63  ILE A CD1 1 
ATOM   507  N  N   . LEU A 1 67 ? 30.549  -15.191 -18.336 1.00 52.51 ? 64  LEU A N   1 
ATOM   508  C  CA  . LEU A 1 67 ? 31.058  -14.736 -17.054 1.00 53.37 ? 64  LEU A CA  1 
ATOM   509  C  C   . LEU A 1 67 ? 31.810  -15.899 -16.425 1.00 54.73 ? 64  LEU A C   1 
ATOM   510  O  O   . LEU A 1 67 ? 31.476  -17.049 -16.672 1.00 54.43 ? 64  LEU A O   1 
ATOM   511  C  CB  . LEU A 1 67 ? 29.916  -14.294 -16.129 1.00 52.67 ? 64  LEU A CB  1 
ATOM   512  C  CG  . LEU A 1 67 ? 28.993  -13.146 -16.528 1.00 52.95 ? 64  LEU A CG  1 
ATOM   513  C  CD1 . LEU A 1 67 ? 27.823  -13.067 -15.546 1.00 50.99 ? 64  LEU A CD1 1 
ATOM   514  C  CD2 . LEU A 1 67 ? 29.771  -11.775 -16.677 1.00 50.49 ? 64  LEU A CD2 1 
ATOM   515  N  N   . THR A 1 68 ? 32.825  -15.609 -15.622 1.00 56.52 ? 65  THR A N   1 
ATOM   516  C  CA  . THR A 1 68 ? 33.424  -16.636 -14.783 1.00 58.34 ? 65  THR A CA  1 
ATOM   517  C  C   . THR A 1 68 ? 32.471  -16.825 -13.624 1.00 59.30 ? 65  THR A C   1 
ATOM   518  O  O   . THR A 1 68 ? 31.567  -16.011 -13.426 1.00 59.74 ? 65  THR A O   1 
ATOM   519  C  CB  . THR A 1 68 ? 34.791  -16.210 -14.217 1.00 58.44 ? 65  THR A CB  1 
ATOM   520  O  OG1 . THR A 1 68 ? 34.629  -15.032 -13.405 1.00 58.78 ? 65  THR A OG1 1 
ATOM   521  C  CG2 . THR A 1 68 ? 35.777  -15.938 -15.345 1.00 58.62 ? 65  THR A CG2 1 
ATOM   522  N  N   . ASN A 1 69 ? 32.670  -17.888 -12.860 1.00 60.56 ? 66  ASN A N   1 
ATOM   523  C  CA  . ASN A 1 69 ? 31.848  -18.136 -11.686 1.00 61.90 ? 66  ASN A CA  1 
ATOM   524  C  C   . ASN A 1 69 ? 31.836  -17.027 -10.639 1.00 62.14 ? 66  ASN A C   1 
ATOM   525  O  O   . ASN A 1 69 ? 30.774  -16.715 -10.096 1.00 61.87 ? 66  ASN A O   1 
ATOM   526  C  CB  . ASN A 1 69 ? 32.228  -19.456 -11.044 1.00 62.34 ? 66  ASN A CB  1 
ATOM   527  C  CG  . ASN A 1 69 ? 31.260  -20.537 -11.396 1.00 65.03 ? 66  ASN A CG  1 
ATOM   528  O  OD1 . ASN A 1 69 ? 30.089  -20.489 -10.993 1.00 67.76 ? 66  ASN A OD1 1 
ATOM   529  N  ND2 . ASN A 1 69 ? 31.718  -21.512 -12.179 1.00 66.13 ? 66  ASN A ND2 1 
ATOM   530  N  N   . ASP A 1 70 ? 33.008  -16.450 -10.365 1.00 62.35 ? 67  ASP A N   1 
ATOM   531  C  CA  . ASP A 1 70 ? 33.139  -15.356 -9.407  1.00 62.93 ? 67  ASP A CA  1 
ATOM   532  C  C   . ASP A 1 70 ? 32.382  -14.130 -9.910  1.00 62.79 ? 67  ASP A C   1 
ATOM   533  O  O   . ASP A 1 70 ? 31.672  -13.478 -9.139  1.00 63.12 ? 67  ASP A O   1 
ATOM   534  C  CB  . ASP A 1 70 ? 34.614  -14.994 -9.168  1.00 63.02 ? 67  ASP A CB  1 
ATOM   535  C  CG  . ASP A 1 70 ? 35.470  -16.199 -8.836  1.00 64.43 ? 67  ASP A CG  1 
ATOM   536  O  OD1 . ASP A 1 70 ? 34.943  -17.206 -8.314  1.00 65.24 ? 67  ASP A OD1 1 
ATOM   537  O  OD2 . ASP A 1 70 ? 36.693  -16.139 -9.096  1.00 67.14 ? 67  ASP A OD2 1 
ATOM   538  N  N   . GLU A 1 71 ? 32.538  -13.824 -11.200 1.00 62.83 ? 68  GLU A N   1 
ATOM   539  C  CA  . GLU A 1 71 ? 31.819  -12.726 -11.845 1.00 62.78 ? 68  GLU A CA  1 
ATOM   540  C  C   . GLU A 1 71 ? 30.305  -12.869 -11.664 1.00 62.74 ? 68  GLU A C   1 
ATOM   541  O  O   . GLU A 1 71 ? 29.629  -11.931 -11.230 1.00 62.31 ? 68  GLU A O   1 
ATOM   542  C  CB  . GLU A 1 71 ? 32.185  -12.642 -13.329 1.00 62.66 ? 68  GLU A CB  1 
ATOM   543  C  CG  . GLU A 1 71 ? 33.477  -11.871 -13.617 1.00 63.18 ? 68  GLU A CG  1 
ATOM   544  C  CD  . GLU A 1 71 ? 34.028  -12.118 -15.017 1.00 63.03 ? 68  GLU A CD  1 
ATOM   545  O  OE1 . GLU A 1 71 ? 33.478  -12.939 -15.773 1.00 63.36 ? 68  GLU A OE1 1 
ATOM   546  O  OE2 . GLU A 1 71 ? 35.036  -11.492 -15.370 1.00 64.42 ? 68  GLU A OE2 1 
ATOM   547  N  N   . GLY A 1 72 ? 29.787  -14.054 -11.995 1.00 63.04 ? 69  GLY A N   1 
ATOM   548  C  CA  . GLY A 1 72 ? 28.373  -14.349 -11.848 1.00 63.21 ? 69  GLY A CA  1 
ATOM   549  C  C   . GLY A 1 72 ? 27.925  -14.172 -10.418 1.00 63.72 ? 69  GLY A C   1 
ATOM   550  O  O   . GLY A 1 72 ? 26.895  -13.546 -10.139 1.00 63.66 ? 69  GLY A O   1 
ATOM   551  N  N   . HIS A 1 73 ? 28.724  -14.704 -9.509  1.00 64.14 ? 70  HIS A N   1 
ATOM   552  C  CA  . HIS A 1 73 ? 28.417  -14.678 -8.083  1.00 65.25 ? 70  HIS A CA  1 
ATOM   553  C  C   . HIS A 1 73 ? 28.491  -13.255 -7.509  1.00 64.78 ? 70  HIS A C   1 
ATOM   554  O  O   . HIS A 1 73 ? 27.677  -12.883 -6.660  1.00 64.63 ? 70  HIS A O   1 
ATOM   555  C  CB  . HIS A 1 73 ? 29.337  -15.681 -7.367  1.00 66.12 ? 70  HIS A CB  1 
ATOM   556  C  CG  . HIS A 1 73 ? 29.387  -15.547 -5.874  1.00 69.71 ? 70  HIS A CG  1 
ATOM   557  N  ND1 . HIS A 1 73 ? 30.363  -14.812 -5.225  1.00 72.62 ? 70  HIS A ND1 1 
ATOM   558  C  CD2 . HIS A 1 73 ? 28.625  -16.106 -4.902  1.00 71.65 ? 70  HIS A CD2 1 
ATOM   559  C  CE1 . HIS A 1 73 ? 30.183  -14.906 -3.918  1.00 73.76 ? 70  HIS A CE1 1 
ATOM   560  N  NE2 . HIS A 1 73 ? 29.135  -15.682 -3.696  1.00 74.00 ? 70  HIS A NE2 1 
ATOM   561  N  N   . ARG A 1 74 ? 29.439  -12.460 -7.997  1.00 64.11 ? 71  ARG A N   1 
ATOM   562  C  CA  . ARG A 1 74 ? 29.517  -11.069 -7.595  1.00 64.48 ? 71  ARG A CA  1 
ATOM   563  C  C   . ARG A 1 74 ? 28.272  -10.291 -8.008  1.00 63.13 ? 71  ARG A C   1 
ATOM   564  O  O   . ARG A 1 74 ? 27.736  -9.531  -7.199  1.00 62.49 ? 71  ARG A O   1 
ATOM   565  C  CB  . ARG A 1 74 ? 30.770  -10.368 -8.137  1.00 64.81 ? 71  ARG A CB  1 
ATOM   566  C  CG  . ARG A 1 74 ? 30.700  -8.851  -7.942  1.00 66.20 ? 71  ARG A CG  1 
ATOM   567  C  CD  . ARG A 1 74 ? 32.007  -8.094  -8.186  1.00 67.38 ? 71  ARG A CD  1 
ATOM   568  N  NE  . ARG A 1 74 ? 31.727  -6.649  -8.221  1.00 73.50 ? 71  ARG A NE  1 
ATOM   569  C  CZ  . ARG A 1 74 ? 31.796  -5.824  -7.168  1.00 75.14 ? 71  ARG A CZ  1 
ATOM   570  N  NH1 . ARG A 1 74 ? 32.170  -6.281  -5.969  1.00 75.38 ? 71  ARG A NH1 1 
ATOM   571  N  NH2 . ARG A 1 74 ? 31.500  -4.529  -7.318  1.00 74.88 ? 71  ARG A NH2 1 
ATOM   572  N  N   . LEU A 1 75 ? 27.800  -10.475 -9.249  1.00 62.26 ? 72  LEU A N   1 
ATOM   573  C  CA  . LEU A 1 75 ? 26.552  -9.803  -9.650  1.00 61.25 ? 72  LEU A CA  1 
ATOM   574  C  C   . LEU A 1 75 ? 25.377  -10.210 -8.749  1.00 60.96 ? 72  LEU A C   1 
ATOM   575  O  O   . LEU A 1 75 ? 24.655  -9.354  -8.236  1.00 59.85 ? 72  LEU A O   1 
ATOM   576  C  CB  . LEU A 1 75 ? 26.217  -10.013 -11.121 1.00 60.69 ? 72  LEU A CB  1 
ATOM   577  C  CG  . LEU A 1 75 ? 26.970  -9.246  -12.197 1.00 60.18 ? 72  LEU A CG  1 
ATOM   578  C  CD1 . LEU A 1 75 ? 26.588  -9.819  -13.536 1.00 58.99 ? 72  LEU A CD1 1 
ATOM   579  C  CD2 . LEU A 1 75 ? 26.709  -7.705  -12.175 1.00 59.37 ? 72  LEU A CD2 1 
ATOM   580  N  N   . LEU A 1 76 ? 25.216  -11.506 -8.506  1.00 61.21 ? 73  LEU A N   1 
ATOM   581  C  CA  . LEU A 1 76 ? 24.094  -11.941 -7.661  1.00 62.20 ? 73  LEU A CA  1 
ATOM   582  C  C   . LEU A 1 76 ? 24.237  -11.437 -6.230  1.00 62.55 ? 73  LEU A C   1 
ATOM   583  O  O   . LEU A 1 76 ? 23.272  -11.004 -5.599  1.00 62.69 ? 73  LEU A O   1 
ATOM   584  C  CB  . LEU A 1 76 ? 23.862  -13.464 -7.732  1.00 61.94 ? 73  LEU A CB  1 
ATOM   585  C  CG  . LEU A 1 76 ? 23.522  -13.942 -9.157  1.00 62.31 ? 73  LEU A CG  1 
ATOM   586  C  CD1 . LEU A 1 76 ? 22.961  -15.318 -9.091  1.00 63.78 ? 73  LEU A CD1 1 
ATOM   587  C  CD2 . LEU A 1 76 ? 22.565  -13.004 -9.910  1.00 60.06 ? 73  LEU A CD2 1 
ATOM   588  N  N   . SER A 1 77 ? 25.467  -11.464 -5.746  1.00 63.45 ? 74  SER A N   1 
ATOM   589  C  CA  . SER A 1 77 ? 25.798  -10.936 -4.440  1.00 64.27 ? 74  SER A CA  1 
ATOM   590  C  C   . SER A 1 77 ? 25.447  -9.437  -4.299  1.00 64.66 ? 74  SER A C   1 
ATOM   591  O  O   . SER A 1 77 ? 24.965  -9.035  -3.242  1.00 65.35 ? 74  SER A O   1 
ATOM   592  C  CB  . SER A 1 77 ? 27.272  -11.228 -4.150  1.00 64.03 ? 74  SER A CB  1 
ATOM   593  O  OG  . SER A 1 77 ? 27.757  -10.491 -3.050  1.00 65.05 ? 74  SER A OG  1 
ATOM   594  N  N   . ASP A 1 78 ? 25.663  -8.629  -5.346  1.00 65.22 ? 75  ASP A N   1 
ATOM   595  C  CA  . ASP A 1 78 ? 25.241  -7.200  -5.365  1.00 66.02 ? 75  ASP A CA  1 
ATOM   596  C  C   . ASP A 1 78 ? 23.731  -7.018  -5.304  1.00 66.40 ? 75  ASP A C   1 
ATOM   597  O  O   . ASP A 1 78 ? 23.244  -6.157  -4.576  1.00 66.04 ? 75  ASP A O   1 
ATOM   598  C  CB  . ASP A 1 78 ? 25.732  -6.454  -6.614  1.00 66.08 ? 75  ASP A CB  1 
ATOM   599  C  CG  . ASP A 1 78 ? 27.250  -6.390  -6.722  1.00 66.94 ? 75  ASP A CG  1 
ATOM   600  O  OD1 . ASP A 1 78 ? 27.934  -6.464  -5.678  1.00 65.23 ? 75  ASP A OD1 1 
ATOM   601  O  OD2 . ASP A 1 78 ? 27.749  -6.255  -7.875  1.00 68.02 ? 75  ASP A OD2 1 
ATOM   602  N  N   . LEU A 1 79 ? 23.001  -7.801  -6.101  1.00 67.35 ? 76  LEU A N   1 
ATOM   603  C  CA  . LEU A 1 79 ? 21.550  -7.853  -6.002  1.00 68.41 ? 76  LEU A CA  1 
ATOM   604  C  C   . LEU A 1 79 ? 21.125  -8.222  -4.591  1.00 69.84 ? 76  LEU A C   1 
ATOM   605  O  O   . LEU A 1 79 ? 20.316  -7.519  -3.992  1.00 70.48 ? 76  LEU A O   1 
ATOM   606  C  CB  . LEU A 1 79 ? 20.943  -8.856  -6.976  1.00 68.01 ? 76  LEU A CB  1 
ATOM   607  C  CG  . LEU A 1 79 ? 21.033  -8.678  -8.487  1.00 68.28 ? 76  LEU A CG  1 
ATOM   608  C  CD1 . LEU A 1 79 ? 20.079  -9.662  -9.149  1.00 64.95 ? 76  LEU A CD1 1 
ATOM   609  C  CD2 . LEU A 1 79 ? 20.761  -7.211  -8.935  1.00 67.56 ? 76  LEU A CD2 1 
ATOM   610  N  N   . GLU A 1 80 ? 21.662  -9.321  -4.066  1.00 71.03 ? 77  GLU A N   1 
ATOM   611  C  CA  . GLU A 1 80 ? 21.365  -9.765  -2.707  1.00 72.89 ? 77  GLU A CA  1 
ATOM   612  C  C   . GLU A 1 80 ? 21.636  -8.659  -1.669  1.00 73.63 ? 77  GLU A C   1 
ATOM   613  O  O   . GLU A 1 80 ? 20.883  -8.507  -0.699  1.00 73.93 ? 77  GLU A O   1 
ATOM   614  C  CB  . GLU A 1 80 ? 22.180  -11.025 -2.379  1.00 73.25 ? 77  GLU A CB  1 
ATOM   615  C  CG  . GLU A 1 80 ? 22.000  -11.577 -0.971  1.00 76.34 ? 77  GLU A CG  1 
ATOM   616  C  CD  . GLU A 1 80 ? 23.341  -11.837 -0.259  1.00 83.01 ? 77  GLU A CD  1 
ATOM   617  O  OE1 . GLU A 1 80 ? 23.478  -11.381 0.909   1.00 85.48 ? 77  GLU A OE1 1 
ATOM   618  O  OE2 . GLU A 1 80 ? 24.261  -12.484 -0.844  1.00 84.31 ? 77  GLU A OE2 1 
ATOM   619  N  N   . ARG A 1 81 ? 22.703  -7.887  -1.885  1.00 74.28 ? 78  ARG A N   1 
ATOM   620  C  CA  . ARG A 1 81 ? 23.110  -6.835  -0.953  1.00 75.12 ? 78  ARG A CA  1 
ATOM   621  C  C   . ARG A 1 81 ? 22.199  -5.603  -1.009  1.00 75.20 ? 78  ARG A C   1 
ATOM   622  O  O   . ARG A 1 81 ? 21.874  -4.997  0.018   1.00 75.10 ? 78  ARG A O   1 
ATOM   623  C  CB  . ARG A 1 81 ? 24.567  -6.447  -1.195  1.00 75.21 ? 78  ARG A CB  1 
ATOM   624  C  CG  . ARG A 1 81 ? 25.268  -6.029  0.074   1.00 77.44 ? 78  ARG A CG  1 
ATOM   625  C  CD  . ARG A 1 81 ? 26.776  -6.146  -0.030  1.00 81.47 ? 78  ARG A CD  1 
ATOM   626  N  NE  . ARG A 1 81 ? 27.335  -5.167  -0.961  1.00 84.53 ? 78  ARG A NE  1 
ATOM   627  C  CZ  . ARG A 1 81 ? 27.845  -5.464  -2.157  1.00 85.99 ? 78  ARG A CZ  1 
ATOM   628  N  NH1 . ARG A 1 81 ? 28.325  -4.494  -2.929  1.00 85.90 ? 78  ARG A NH1 1 
ATOM   629  N  NH2 . ARG A 1 81 ? 27.883  -6.730  -2.581  1.00 86.62 ? 78  ARG A NH2 1 
ATOM   630  N  N   . GLU A 1 82 ? 21.792  -5.251  -2.219  1.00 75.48 ? 79  GLU A N   1 
ATOM   631  C  CA  . GLU A 1 82 ? 20.776  -4.255  -2.436  1.00 76.07 ? 79  GLU A CA  1 
ATOM   632  C  C   . GLU A 1 82 ? 19.496  -4.623  -1.701  1.00 76.63 ? 79  GLU A C   1 
ATOM   633  O  O   . GLU A 1 82 ? 18.937  -3.803  -0.969  1.00 76.66 ? 79  GLU A O   1 
ATOM   634  C  CB  . GLU A 1 82 ? 20.498  -4.121  -3.935  1.00 76.08 ? 79  GLU A CB  1 
ATOM   635  C  CG  . GLU A 1 82 ? 20.080  -2.730  -4.364  1.00 77.07 ? 79  GLU A CG  1 
ATOM   636  C  CD  . GLU A 1 82 ? 21.058  -1.653  -3.896  1.00 77.89 ? 79  GLU A CD  1 
ATOM   637  O  OE1 . GLU A 1 82 ? 22.294  -1.887  -3.935  1.00 78.82 ? 79  GLU A OE1 1 
ATOM   638  O  OE2 . GLU A 1 82 ? 20.583  -0.576  -3.481  1.00 77.30 ? 79  GLU A OE2 1 
ATOM   639  N  N   . LEU A 1 83 ? 19.045  -5.858  -1.895  1.00 77.22 ? 80  LEU A N   1 
ATOM   640  C  CA  . LEU A 1 83 ? 17.794  -6.327  -1.319  1.00 78.52 ? 80  LEU A CA  1 
ATOM   641  C  C   . LEU A 1 83 ? 17.700  -6.175  0.207   1.00 79.83 ? 80  LEU A C   1 
ATOM   642  O  O   . LEU A 1 83 ? 16.659  -5.743  0.731   1.00 79.73 ? 80  LEU A O   1 
ATOM   643  C  CB  . LEU A 1 83 ? 17.545  -7.771  -1.710  1.00 78.00 ? 80  LEU A CB  1 
ATOM   644  C  CG  . LEU A 1 83 ? 16.750  -8.070  -2.967  1.00 77.49 ? 80  LEU A CG  1 
ATOM   645  C  CD1 . LEU A 1 83 ? 16.514  -9.563  -2.996  1.00 77.26 ? 80  LEU A CD1 1 
ATOM   646  C  CD2 . LEU A 1 83 ? 15.426  -7.336  -2.989  1.00 77.42 ? 80  LEU A CD2 1 
ATOM   647  N  N   . ASN A 1 84 ? 18.779  -6.523  0.911   1.00 81.22 ? 81  ASN A N   1 
ATOM   648  C  CA  . ASN A 1 84 ? 18.842  -6.326  2.365   1.00 82.96 ? 81  ASN A CA  1 
ATOM   649  C  C   . ASN A 1 84 ? 19.461  -4.971  2.766   1.00 83.99 ? 81  ASN A C   1 
ATOM   650  O  O   . ASN A 1 84 ? 20.257  -4.898  3.709   1.00 84.27 ? 81  ASN A O   1 
ATOM   651  C  CB  . ASN A 1 84 ? 19.570  -7.496  3.063   1.00 83.00 ? 81  ASN A CB  1 
ATOM   652  C  CG  . ASN A 1 84 ? 19.456  -8.815  2.295   1.00 83.50 ? 81  ASN A CG  1 
ATOM   653  O  OD1 . ASN A 1 84 ? 18.358  -9.278  1.951   1.00 82.57 ? 81  ASN A OD1 1 
ATOM   654  N  ND2 . ASN A 1 84 ? 20.607  -9.423  2.017   1.00 84.33 ? 81  ASN A ND2 1 
ATOM   655  N  N   . GLN A 1 85 ? 19.079  -3.915  2.045   1.00 85.03 ? 82  GLN A N   1 
ATOM   656  C  CA  . GLN A 1 85 ? 19.497  -2.520  2.309   1.00 86.27 ? 82  GLN A CA  1 
ATOM   657  C  C   . GLN A 1 85 ? 20.972  -2.216  2.050   1.00 86.29 ? 82  GLN A C   1 
ATOM   658  O  O   . GLN A 1 85 ? 21.304  -1.138  1.542   1.00 86.33 ? 82  GLN A O   1 
ATOM   659  C  CB  . GLN A 1 85 ? 19.060  -2.043  3.712   1.00 86.77 ? 82  GLN A CB  1 
ATOM   660  C  CG  . GLN A 1 85 ? 17.727  -1.254  3.749   1.00 89.47 ? 82  GLN A CG  1 
ATOM   661  C  CD  . GLN A 1 85 ? 16.636  -1.824  2.822   1.00 92.05 ? 82  GLN A CD  1 
ATOM   662  O  OE1 . GLN A 1 85 ? 16.813  -1.915  1.595   1.00 92.43 ? 82  GLN A OE1 1 
ATOM   663  N  NE2 . GLN A 1 85 ? 15.495  -2.189  3.412   1.00 92.64 ? 82  GLN A NE2 1 
HETATM 664  N  N   . MSE B 1 4  ? 39.139  -14.781 -32.680 1.00 85.83 ? 1   MSE B N   1 
HETATM 665  C  CA  . MSE B 1 4  ? 38.238  -13.792 -33.354 1.00 85.88 ? 1   MSE B CA  1 
HETATM 666  C  C   . MSE B 1 4  ? 37.625  -12.787 -32.352 1.00 84.45 ? 1   MSE B C   1 
HETATM 667  O  O   . MSE B 1 4  ? 37.324  -13.169 -31.210 1.00 84.38 ? 1   MSE B O   1 
HETATM 668  C  CB  . MSE B 1 4  ? 37.128  -14.566 -34.082 1.00 85.90 ? 1   MSE B CB  1 
HETATM 669  C  CG  . MSE B 1 4  ? 36.189  -13.708 -34.943 1.00 86.56 ? 1   MSE B CG  1 
HETATM 670  SE SE  . MSE B 1 4  ? 34.528  -14.691 -35.317 0.50 88.20 ? 1   MSE B SE  1 
HETATM 671  C  CE  . MSE B 1 4  ? 35.175  -15.790 -36.814 1.00 87.50 ? 1   MSE B CE  1 
ATOM   672  N  N   . ASP B 1 5  ? 37.431  -11.521 -32.749 1.00 83.16 ? 2   ASP B N   1 
ATOM   673  C  CA  . ASP B 1 5  ? 36.441  -10.705 -31.996 1.00 81.69 ? 2   ASP B CA  1 
ATOM   674  C  C   . ASP B 1 5  ? 34.999  -10.986 -32.357 1.00 80.08 ? 2   ASP B C   1 
ATOM   675  O  O   . ASP B 1 5  ? 34.644  -11.229 -33.522 1.00 79.86 ? 2   ASP B O   1 
ATOM   676  C  CB  . ASP B 1 5  ? 36.775  -9.220  -31.690 1.00 82.23 ? 2   ASP B CB  1 
ATOM   677  C  CG  . ASP B 1 5  ? 37.620  -8.535  -32.763 1.00 84.00 ? 2   ASP B CG  1 
ATOM   678  O  OD1 . ASP B 1 5  ? 37.765  -9.063  -33.889 1.00 86.93 ? 2   ASP B OD1 1 
ATOM   679  O  OD2 . ASP B 1 5  ? 38.145  -7.441  -32.462 1.00 83.97 ? 2   ASP B OD2 1 
ATOM   680  N  N   . GLU B 1 6  ? 34.165  -10.897 -31.324 1.00 78.24 ? 3   GLU B N   1 
ATOM   681  C  CA  . GLU B 1 6  ? 33.271  -11.975 -30.919 1.00 75.36 ? 3   GLU B CA  1 
ATOM   682  C  C   . GLU B 1 6  ? 33.693  -12.083 -29.444 1.00 73.02 ? 3   GLU B C   1 
ATOM   683  O  O   . GLU B 1 6  ? 32.884  -12.392 -28.553 1.00 71.90 ? 3   GLU B O   1 
ATOM   684  C  CB  . GLU B 1 6  ? 33.642  -13.249 -31.674 1.00 75.82 ? 3   GLU B CB  1 
ATOM   685  C  CG  . GLU B 1 6  ? 32.602  -13.895 -32.621 1.00 77.33 ? 3   GLU B CG  1 
ATOM   686  C  CD  . GLU B 1 6  ? 31.308  -13.113 -32.886 1.00 79.81 ? 3   GLU B CD  1 
ATOM   687  O  OE1 . GLU B 1 6  ? 31.202  -11.896 -32.533 1.00 79.59 ? 3   GLU B OE1 1 
ATOM   688  O  OE2 . GLU B 1 6  ? 30.388  -13.763 -33.472 1.00 78.76 ? 3   GLU B OE2 1 
ATOM   689  N  N   . GLY B 1 7  ? 35.001  -11.845 -29.231 1.00 70.36 ? 4   GLY B N   1 
ATOM   690  C  CA  . GLY B 1 7  ? 35.509  -11.093 -28.080 1.00 66.50 ? 4   GLY B CA  1 
ATOM   691  C  C   . GLY B 1 7  ? 34.750  -9.754  -28.023 1.00 63.65 ? 4   GLY B C   1 
ATOM   692  O  O   . GLY B 1 7  ? 34.628  -9.167  -26.960 1.00 63.58 ? 4   GLY B O   1 
ATOM   693  N  N   . ILE B 1 8  ? 34.245  -9.290  -29.173 1.00 60.31 ? 5   ILE B N   1 
ATOM   694  C  CA  . ILE B 1 8  ? 33.371  -8.121  -29.278 1.00 57.93 ? 5   ILE B CA  1 
ATOM   695  C  C   . ILE B 1 8  ? 31.993  -8.433  -28.658 1.00 55.91 ? 5   ILE B C   1 
ATOM   696  O  O   . ILE B 1 8  ? 31.526  -7.724  -27.763 1.00 54.28 ? 5   ILE B O   1 
ATOM   697  C  CB  . ILE B 1 8  ? 33.212  -7.642  -30.761 1.00 57.68 ? 5   ILE B CB  1 
ATOM   698  C  CG1 . ILE B 1 8  ? 34.444  -6.866  -31.201 1.00 57.90 ? 5   ILE B CG1 1 
ATOM   699  C  CG2 . ILE B 1 8  ? 31.966  -6.746  -30.959 1.00 56.91 ? 5   ILE B CG2 1 
ATOM   700  C  CD1 . ILE B 1 8  ? 34.513  -6.692  -32.686 1.00 56.95 ? 5   ILE B CD1 1 
ATOM   701  N  N   . SER B 1 9  ? 31.372  -9.507  -29.143 1.00 53.75 ? 6   SER B N   1 
ATOM   702  C  CA  . SER B 1 9  ? 30.138  -10.003 -28.571 1.00 52.26 ? 6   SER B CA  1 
ATOM   703  C  C   . SER B 1 9  ? 30.249  -10.313 -27.066 1.00 51.18 ? 6   SER B C   1 
ATOM   704  O  O   . SER B 1 9  ? 29.401  -9.867  -26.293 1.00 50.78 ? 6   SER B O   1 
ATOM   705  C  CB  . SER B 1 9  ? 29.613  -11.194 -29.365 1.00 52.30 ? 6   SER B CB  1 
ATOM   706  O  OG  . SER B 1 9  ? 29.024  -10.781 -30.585 1.00 51.79 ? 6   SER B OG  1 
ATOM   707  N  N   . LYS B 1 10 ? 31.306  -11.007 -26.642 1.00 49.76 ? 7   LYS B N   1 
ATOM   708  C  CA  . LYS B 1 10 ? 31.512  -11.270 -25.207 1.00 49.39 ? 7   LYS B CA  1 
ATOM   709  C  C   . LYS B 1 10 ? 31.612  -9.969  -24.395 1.00 49.28 ? 7   LYS B C   1 
ATOM   710  O  O   . LYS B 1 10 ? 30.960  -9.835  -23.333 1.00 49.52 ? 7   LYS B O   1 
ATOM   711  C  CB  . LYS B 1 10 ? 32.731  -12.186 -24.954 1.00 49.48 ? 7   LYS B CB  1 
ATOM   712  C  CG  . LYS B 1 10 ? 32.853  -12.670 -23.523 1.00 48.89 ? 7   LYS B CG  1 
ATOM   713  C  CD  . LYS B 1 10 ? 33.900  -13.766 -23.382 1.00 48.50 ? 7   LYS B CD  1 
ATOM   714  C  CE  . LYS B 1 10 ? 34.649  -13.648 -22.053 1.00 45.63 ? 7   LYS B CE  1 
ATOM   715  N  NZ  . LYS B 1 10 ? 35.199  -14.951 -21.590 1.00 40.53 ? 7   LYS B NZ  1 
ATOM   716  N  N   . LYS B 1 11 ? 32.417  -9.022  -24.892 1.00 48.52 ? 8   LYS B N   1 
ATOM   717  C  CA  . LYS B 1 11 ? 32.540  -7.704  -24.289 1.00 47.47 ? 8   LYS B CA  1 
ATOM   718  C  C   . LYS B 1 11 ? 31.204  -6.979  -24.228 1.00 45.87 ? 8   LYS B C   1 
ATOM   719  O  O   . LYS B 1 11 ? 30.904  -6.353  -23.218 1.00 45.39 ? 8   LYS B O   1 
ATOM   720  C  CB  . LYS B 1 11 ? 33.527  -6.835  -25.043 1.00 47.71 ? 8   LYS B CB  1 
ATOM   721  C  CG  . LYS B 1 11 ? 34.987  -7.078  -24.694 1.00 52.27 ? 8   LYS B CG  1 
ATOM   722  C  CD  . LYS B 1 11 ? 35.903  -6.273  -25.639 1.00 56.57 ? 8   LYS B CD  1 
ATOM   723  C  CE  . LYS B 1 11 ? 37.065  -7.114  -26.226 1.00 61.49 ? 8   LYS B CE  1 
ATOM   724  N  NZ  . LYS B 1 11 ? 38.095  -7.564  -25.228 1.00 63.87 ? 8   LYS B NZ  1 
ATOM   725  N  N   . PHE B 1 12 ? 30.432  -7.033  -25.319 1.00 43.41 ? 9   PHE B N   1 
ATOM   726  C  CA  . PHE B 1 12 ? 29.132  -6.439  -25.318 1.00 42.00 ? 9   PHE B CA  1 
ATOM   727  C  C   . PHE B 1 12 ? 28.225  -7.108  -24.286 1.00 42.07 ? 9   PHE B C   1 
ATOM   728  O  O   . PHE B 1 12 ? 27.536  -6.424  -23.536 1.00 42.86 ? 9   PHE B O   1 
ATOM   729  C  CB  . PHE B 1 12 ? 28.483  -6.513  -26.688 1.00 40.65 ? 9   PHE B CB  1 
ATOM   730  C  CG  . PHE B 1 12 ? 27.064  -5.996  -26.681 1.00 42.28 ? 9   PHE B CG  1 
ATOM   731  C  CD1 . PHE B 1 12 ? 26.797  -4.616  -26.799 1.00 39.64 ? 9   PHE B CD1 1 
ATOM   732  C  CD2 . PHE B 1 12 ? 25.993  -6.877  -26.532 1.00 43.12 ? 9   PHE B CD2 1 
ATOM   733  C  CE1 . PHE B 1 12 ? 25.514  -4.137  -26.752 1.00 41.62 ? 9   PHE B CE1 1 
ATOM   734  C  CE2 . PHE B 1 12 ? 24.681  -6.398  -26.481 1.00 43.42 ? 9   PHE B CE2 1 
ATOM   735  C  CZ  . PHE B 1 12 ? 24.437  -5.020  -26.584 1.00 41.14 ? 9   PHE B CZ  1 
ATOM   736  N  N   . ALA B 1 13 ? 28.209  -8.449  -24.272 1.00 42.39 ? 10  ALA B N   1 
ATOM   737  C  CA  . ALA B 1 13 ? 27.339  -9.216  -23.374 1.00 42.48 ? 10  ALA B CA  1 
ATOM   738  C  C   . ALA B 1 13 ? 27.636  -8.917  -21.910 1.00 42.35 ? 10  ALA B C   1 
ATOM   739  O  O   . ALA B 1 13 ? 26.698  -8.712  -21.129 1.00 42.75 ? 10  ALA B O   1 
ATOM   740  C  CB  . ALA B 1 13 ? 27.409  -10.724 -23.663 1.00 41.78 ? 10  ALA B CB  1 
ATOM   741  N  N   . ILE B 1 14 ? 28.926  -8.849  -21.551 1.00 42.51 ? 11  ILE B N   1 
ATOM   742  C  CA  . ILE B 1 14 ? 29.334  -8.539  -20.171 1.00 41.97 ? 11  ILE B CA  1 
ATOM   743  C  C   . ILE B 1 14 ? 28.874  -7.138  -19.743 1.00 42.98 ? 11  ILE B C   1 
ATOM   744  O  O   . ILE B 1 14 ? 28.310  -6.991  -18.649 1.00 42.83 ? 11  ILE B O   1 
ATOM   745  C  CB  . ILE B 1 14 ? 30.865  -8.705  -19.955 1.00 42.30 ? 11  ILE B CB  1 
ATOM   746  C  CG1 . ILE B 1 14 ? 31.309  -10.163 -20.154 1.00 42.89 ? 11  ILE B CG1 1 
ATOM   747  C  CG2 . ILE B 1 14 ? 31.275  -8.205  -18.578 1.00 42.67 ? 11  ILE B CG2 1 
ATOM   748  C  CD1 . ILE B 1 14 ? 32.867  -10.339 -20.286 1.00 40.99 ? 11  ILE B CD1 1 
ATOM   749  N  N   . GLN B 1 15 ? 29.106  -6.107  -20.585 1.00 41.79 ? 12  GLN B N   1 
ATOM   750  C  CA  . GLN B 1 15 ? 28.656  -4.758  -20.237 1.00 40.29 ? 12  GLN B CA  1 
ATOM   751  C  C   . GLN B 1 15 ? 27.124  -4.583  -20.227 1.00 40.69 ? 12  GLN B C   1 
ATOM   752  O  O   . GLN B 1 15 ? 26.593  -3.851  -19.388 1.00 39.57 ? 12  GLN B O   1 
ATOM   753  C  CB  . GLN B 1 15 ? 29.379  -3.654  -21.068 1.00 40.84 ? 12  GLN B CB  1 
ATOM   754  C  CG  . GLN B 1 15 ? 29.006  -3.585  -22.533 1.00 40.21 ? 12  GLN B CG  1 
ATOM   755  C  CD  . GLN B 1 15 ? 27.632  -2.931  -22.829 1.00 39.24 ? 12  GLN B CD  1 
ATOM   756  O  OE1 . GLN B 1 15 ? 26.924  -3.357  -23.728 1.00 43.33 ? 12  GLN B OE1 1 
ATOM   757  N  NE2 . GLN B 1 15 ? 27.294  -1.885  -22.118 1.00 40.56 ? 12  GLN B NE2 1 
ATOM   758  N  N   . LEU B 1 16 ? 26.418  -5.236  -21.156 1.00 40.81 ? 13  LEU B N   1 
ATOM   759  C  CA  . LEU B 1 16 ? 24.950  -5.288  -21.092 1.00 40.64 ? 13  LEU B CA  1 
ATOM   760  C  C   . LEU B 1 16 ? 24.459  -5.920  -19.775 1.00 41.90 ? 13  LEU B C   1 
ATOM   761  O  O   . LEU B 1 16 ? 23.550  -5.409  -19.114 1.00 42.49 ? 13  LEU B O   1 
ATOM   762  C  CB  . LEU B 1 16 ? 24.373  -6.063  -22.294 1.00 40.52 ? 13  LEU B CB  1 
ATOM   763  C  CG  . LEU B 1 16 ? 22.836  -6.207  -22.230 1.00 38.62 ? 13  LEU B CG  1 
ATOM   764  C  CD1 . LEU B 1 16 ? 22.146  -4.852  -22.036 1.00 39.49 ? 13  LEU B CD1 1 
ATOM   765  C  CD2 . LEU B 1 16 ? 22.335  -6.929  -23.491 1.00 38.92 ? 13  LEU B CD2 1 
ATOM   766  N  N   . LEU B 1 17 ? 25.073  -7.024  -19.380 1.00 42.53 ? 14  LEU B N   1 
ATOM   767  C  CA  . LEU B 1 17 ? 24.710  -7.663  -18.121 1.00 42.51 ? 14  LEU B CA  1 
ATOM   768  C  C   . LEU B 1 17 ? 24.935  -6.699  -16.942 1.00 42.83 ? 14  LEU B C   1 
ATOM   769  O  O   . LEU B 1 17 ? 24.124  -6.617  -16.035 1.00 43.45 ? 14  LEU B O   1 
ATOM   770  C  CB  . LEU B 1 17 ? 25.523  -8.939  -17.943 1.00 41.57 ? 14  LEU B CB  1 
ATOM   771  C  CG  . LEU B 1 17 ? 24.953  -10.212 -18.627 1.00 43.55 ? 14  LEU B CG  1 
ATOM   772  C  CD1 . LEU B 1 17 ? 26.001  -11.338 -18.704 1.00 38.30 ? 14  LEU B CD1 1 
ATOM   773  C  CD2 . LEU B 1 17 ? 23.666  -10.719 -17.969 1.00 39.00 ? 14  LEU B CD2 1 
ATOM   774  N  N   . GLU B 1 18 ? 26.026  -5.953  -16.973 1.00 42.60 ? 15  GLU B N   1 
ATOM   775  C  CA  . GLU B 1 18 ? 26.335  -4.974  -15.916 1.00 43.64 ? 15  GLU B CA  1 
ATOM   776  C  C   . GLU B 1 18 ? 25.370  -3.807  -15.862 1.00 42.94 ? 15  GLU B C   1 
ATOM   777  O  O   . GLU B 1 18 ? 24.945  -3.371  -14.790 1.00 42.88 ? 15  GLU B O   1 
ATOM   778  C  CB  . GLU B 1 18 ? 27.771  -4.448  -16.048 1.00 42.73 ? 15  GLU B CB  1 
ATOM   779  C  CG  . GLU B 1 18 ? 28.803  -5.534  -15.710 1.00 45.12 ? 15  GLU B CG  1 
ATOM   780  C  CD  . GLU B 1 18 ? 30.220  -5.180  -16.145 1.00 49.75 ? 15  GLU B CD  1 
ATOM   781  O  OE1 . GLU B 1 18 ? 30.399  -4.281  -17.018 1.00 52.67 ? 15  GLU B OE1 1 
ATOM   782  O  OE2 . GLU B 1 18 ? 31.163  -5.796  -15.604 1.00 50.37 ? 15  GLU B OE2 1 
ATOM   783  N  N   . ASP B 1 19 ? 24.995  -3.328  -17.036 1.00 43.33 ? 16  ASP B N   1 
ATOM   784  C  CA  . ASP B 1 19 ? 24.098  -2.199  -17.124 1.00 42.63 ? 16  ASP B CA  1 
ATOM   785  C  C   . ASP B 1 19 ? 22.691  -2.697  -16.658 1.00 43.01 ? 16  ASP B C   1 
ATOM   786  O  O   . ASP B 1 19 ? 22.000  -2.007  -15.906 1.00 43.90 ? 16  ASP B O   1 
ATOM   787  C  CB  . ASP B 1 19 ? 24.137  -1.689  -18.566 1.00 42.04 ? 16  ASP B CB  1 
ATOM   788  C  CG  . ASP B 1 19 ? 23.326  -0.477  -18.770 1.00 41.64 ? 16  ASP B CG  1 
ATOM   789  O  OD1 . ASP B 1 19 ? 23.313  0.357   -17.860 1.00 41.90 ? 16  ASP B OD1 1 
ATOM   790  O  OD2 . ASP B 1 19 ? 22.691  -0.345  -19.836 1.00 41.47 ? 16  ASP B OD2 1 
ATOM   791  N  N   . ASP B 1 20 ? 22.293  -3.905  -17.072 1.00 43.52 ? 17  ASP B N   1 
ATOM   792  C  CA  . ASP B 1 20 ? 21.035  -4.534  -16.645 1.00 41.83 ? 17  ASP B CA  1 
ATOM   793  C  C   . ASP B 1 20 ? 20.982  -4.715  -15.125 1.00 41.76 ? 17  ASP B C   1 
ATOM   794  O  O   . ASP B 1 20 ? 19.930  -4.559  -14.492 1.00 41.87 ? 17  ASP B O   1 
ATOM   795  C  CB  . ASP B 1 20 ? 20.884  -5.924  -17.281 1.00 42.15 ? 17  ASP B CB  1 
ATOM   796  C  CG  . ASP B 1 20 ? 20.311  -5.884  -18.686 1.00 43.58 ? 17  ASP B CG  1 
ATOM   797  O  OD1 . ASP B 1 20 ? 19.650  -4.879  -19.093 1.00 44.60 ? 17  ASP B OD1 1 
ATOM   798  O  OD2 . ASP B 1 20 ? 20.487  -6.889  -19.414 1.00 42.72 ? 17  ASP B OD2 1 
ATOM   799  N  N   . ALA B 1 21 ? 22.101  -5.118  -14.543 1.00 41.58 ? 18  ALA B N   1 
ATOM   800  C  CA  . ALA B 1 21 ? 22.230  -5.140  -13.092 1.00 41.42 ? 18  ALA B CA  1 
ATOM   801  C  C   . ALA B 1 21 ? 21.860  -3.791  -12.436 1.00 40.72 ? 18  ALA B C   1 
ATOM   802  O  O   . ALA B 1 21 ? 21.098  -3.764  -11.460 1.00 40.40 ? 18  ALA B O   1 
ATOM   803  C  CB  . ALA B 1 21 ? 23.648  -5.561  -12.704 1.00 41.71 ? 18  ALA B CB  1 
ATOM   804  N  N   . GLU B 1 22 ? 22.407  -2.677  -12.956 1.00 41.03 ? 19  GLU B N   1 
ATOM   805  C  CA  . GLU B 1 22 ? 22.023  -1.322  -12.511 1.00 39.93 ? 19  GLU B CA  1 
ATOM   806  C  C   . GLU B 1 22 ? 20.504  -1.024  -12.630 1.00 40.18 ? 19  GLU B C   1 
ATOM   807  O  O   . GLU B 1 22 ? 19.885  -0.474  -11.725 1.00 39.14 ? 19  GLU B O   1 
ATOM   808  C  CB  . GLU B 1 22 ? 22.850  -0.237  -13.253 1.00 41.30 ? 19  GLU B CB  1 
ATOM   809  C  CG  . GLU B 1 22 ? 24.344  -0.338  -13.069 1.00 40.64 ? 19  GLU B CG  1 
ATOM   810  C  CD  . GLU B 1 22 ? 24.762  -0.352  -11.597 1.00 45.47 ? 19  GLU B CD  1 
ATOM   811  O  OE1 . GLU B 1 22 ? 24.181  0.383   -10.781 1.00 44.22 ? 19  GLU B OE1 1 
ATOM   812  O  OE2 . GLU B 1 22 ? 25.674  -1.140  -11.244 1.00 50.94 ? 19  GLU B OE2 1 
ATOM   813  N  N   . ARG B 1 23 ? 19.893  -1.419  -13.741 1.00 40.66 ? 20  ARG B N   1 
ATOM   814  C  CA  . ARG B 1 23 ? 18.463  -1.254  -13.892 1.00 40.50 ? 20  ARG B CA  1 
ATOM   815  C  C   . ARG B 1 23 ? 17.685  -2.050  -12.831 1.00 41.18 ? 20  ARG B C   1 
ATOM   816  O  O   . ARG B 1 23 ? 16.691  -1.554  -12.267 1.00 42.26 ? 20  ARG B O   1 
ATOM   817  C  CB  . ARG B 1 23 ? 18.051  -1.668  -15.302 1.00 40.24 ? 20  ARG B CB  1 
ATOM   818  C  CG  . ARG B 1 23 ? 18.079  -0.521  -16.302 1.00 40.65 ? 20  ARG B CG  1 
ATOM   819  C  CD  . ARG B 1 23 ? 17.543  -0.933  -17.696 1.00 38.85 ? 20  ARG B CD  1 
ATOM   820  N  NE  . ARG B 1 23 ? 18.446  -1.793  -18.451 1.00 36.77 ? 20  ARG B NE  1 
ATOM   821  C  CZ  . ARG B 1 23 ? 19.587  -1.354  -19.002 1.00 41.98 ? 20  ARG B CZ  1 
ATOM   822  N  NH1 . ARG B 1 23 ? 20.369  -2.165  -19.723 1.00 35.33 ? 20  ARG B NH1 1 
ATOM   823  N  NH2 . ARG B 1 23 ? 19.940  -0.070  -18.856 1.00 41.29 ? 20  ARG B NH2 1 
ATOM   824  N  N   . ILE B 1 24 ? 18.151  -3.252  -12.517 1.00 41.01 ? 21  ILE B N   1 
ATOM   825  C  CA  . ILE B 1 24 ? 17.486  -4.075  -11.490 1.00 41.07 ? 21  ILE B CA  1 
ATOM   826  C  C   . ILE B 1 24 ? 17.737  -3.469  -10.110 1.00 42.32 ? 21  ILE B C   1 
ATOM   827  O  O   . ILE B 1 24 ? 16.808  -3.371  -9.311  1.00 42.14 ? 21  ILE B O   1 
ATOM   828  C  CB  . ILE B 1 24 ? 17.883  -5.603  -11.537 1.00 41.81 ? 21  ILE B CB  1 
ATOM   829  C  CG1 . ILE B 1 24 ? 17.404  -6.288  -12.851 1.00 38.56 ? 21  ILE B CG1 1 
ATOM   830  C  CG2 . ILE B 1 24 ? 17.406  -6.340  -10.241 1.00 39.26 ? 21  ILE B CG2 1 
ATOM   831  C  CD1 . ILE B 1 24 ? 15.878  -6.293  -13.048 1.00 38.90 ? 21  ILE B CD1 1 
ATOM   832  N  N   . LYS B 1 25 ? 18.960  -3.028  -9.828  1.00 43.46 ? 22  LYS B N   1 
ATOM   833  C  CA  . LYS B 1 25 ? 19.202  -2.335  -8.563  1.00 45.64 ? 22  LYS B CA  1 
ATOM   834  C  C   . LYS B 1 25 ? 18.381  -1.053  -8.396  1.00 46.57 ? 22  LYS B C   1 
ATOM   835  O  O   . LYS B 1 25 ? 17.891  -0.769  -7.291  1.00 46.04 ? 22  LYS B O   1 
ATOM   836  C  CB  . LYS B 1 25 ? 20.680  -2.068  -8.351  1.00 46.11 ? 22  LYS B CB  1 
ATOM   837  C  CG  . LYS B 1 25 ? 21.445  -3.338  -8.055  1.00 47.95 ? 22  LYS B CG  1 
ATOM   838  C  CD  . LYS B 1 25 ? 22.906  -3.050  -7.764  1.00 49.20 ? 22  LYS B CD  1 
ATOM   839  C  CE  . LYS B 1 25 ? 23.660  -2.685  -9.003  1.00 49.30 ? 22  LYS B CE  1 
ATOM   840  N  NZ  . LYS B 1 25 ? 25.108  -2.650  -8.673  1.00 50.05 ? 22  LYS B NZ  1 
HETATM 841  N  N   . MSE B 1 26 ? 18.210  -0.295  -9.485  1.00 48.43 ? 23  MSE B N   1 
HETATM 842  C  CA  . MSE B 1 26 ? 17.339  0.884   -9.475  1.00 49.84 ? 23  MSE B CA  1 
HETATM 843  C  C   . MSE B 1 26 ? 15.931  0.472   -9.046  1.00 48.43 ? 23  MSE B C   1 
HETATM 844  O  O   . MSE B 1 26 ? 15.354  1.093   -8.168  1.00 48.07 ? 23  MSE B O   1 
HETATM 845  C  CB  . MSE B 1 26 ? 17.314  1.576   -10.853 1.00 49.80 ? 23  MSE B CB  1 
HETATM 846  C  CG  . MSE B 1 26 ? 16.125  2.604   -11.054 1.00 49.95 ? 23  MSE B CG  1 
HETATM 847  SE SE  . MSE B 1 26 ? 16.014  3.492   -12.833 0.60 57.53 ? 23  MSE B SE  1 
HETATM 848  C  CE  . MSE B 1 26 ? 17.966  3.309   -13.364 1.00 49.32 ? 23  MSE B CE  1 
ATOM   849  N  N   . LEU B 1 27 ? 15.397  -0.599  -9.642  1.00 48.12 ? 24  LEU B N   1 
ATOM   850  C  CA  . LEU B 1 27 ? 14.045  -1.088  -9.266  1.00 47.32 ? 24  LEU B CA  1 
ATOM   851  C  C   . LEU B 1 27 ? 13.945  -1.463  -7.813  1.00 47.57 ? 24  LEU B C   1 
ATOM   852  O  O   . LEU B 1 27 ? 12.972  -1.107  -7.135  1.00 47.29 ? 24  LEU B O   1 
ATOM   853  C  CB  . LEU B 1 27 ? 13.540  -2.230  -10.143 1.00 46.22 ? 24  LEU B CB  1 
ATOM   854  C  CG  . LEU B 1 27 ? 13.255  -1.932  -11.612 1.00 44.89 ? 24  LEU B CG  1 
ATOM   855  C  CD1 . LEU B 1 27 ? 12.783  -3.223  -12.256 1.00 41.56 ? 24  LEU B CD1 1 
ATOM   856  C  CD2 . LEU B 1 27 ? 12.231  -0.865  -11.814 1.00 39.64 ? 24  LEU B CD2 1 
ATOM   857  N  N   . ILE B 1 28 ? 14.967  -2.144  -7.313  1.00 49.10 ? 25  ILE B N   1 
ATOM   858  C  CA  . ILE B 1 28 ? 14.982  -2.568  -5.911  1.00 50.49 ? 25  ILE B CA  1 
ATOM   859  C  C   . ILE B 1 28 ? 15.028  -1.354  -4.986  1.00 52.28 ? 25  ILE B C   1 
ATOM   860  O  O   . ILE B 1 28 ? 14.218  -1.264  -4.079  1.00 53.01 ? 25  ILE B O   1 
ATOM   861  C  CB  . ILE B 1 28 ? 16.127  -3.573  -5.580  1.00 51.17 ? 25  ILE B CB  1 
ATOM   862  C  CG1 . ILE B 1 28 ? 15.961  -4.886  -6.364  1.00 47.77 ? 25  ILE B CG1 1 
ATOM   863  C  CG2 . ILE B 1 28 ? 16.161  -3.866  -4.092  1.00 51.47 ? 25  ILE B CG2 1 
ATOM   864  C  CD1 . ILE B 1 28 ? 17.228  -5.764  -6.353  1.00 48.27 ? 25  ILE B CD1 1 
ATOM   865  N  N   . ARG B 1 29 ? 15.949  -0.415  -5.232  1.00 53.54 ? 26  ARG B N   1 
ATOM   866  C  CA  . ARG B 1 29 ? 16.021  0.810   -4.467  1.00 55.04 ? 26  ARG B CA  1 
ATOM   867  C  C   . ARG B 1 29 ? 14.683  1.550   -4.475  1.00 55.79 ? 26  ARG B C   1 
ATOM   868  O  O   . ARG B 1 29 ? 14.244  2.022   -3.438  1.00 55.55 ? 26  ARG B O   1 
ATOM   869  C  CB  . ARG B 1 29 ? 17.102  1.748   -5.035  1.00 55.48 ? 26  ARG B CB  1 
ATOM   870  C  CG  . ARG B 1 29 ? 18.515  1.369   -4.705  1.00 56.96 ? 26  ARG B CG  1 
ATOM   871  C  CD  . ARG B 1 29 ? 19.472  2.309   -5.387  1.00 62.15 ? 26  ARG B CD  1 
ATOM   872  N  NE  . ARG B 1 29 ? 20.707  1.627   -5.767  1.00 65.90 ? 26  ARG B NE  1 
ATOM   873  C  CZ  . ARG B 1 29 ? 21.301  1.769   -6.950  1.00 68.39 ? 26  ARG B CZ  1 
ATOM   874  N  NH1 . ARG B 1 29 ? 20.759  2.557   -7.883  1.00 68.02 ? 26  ARG B NH1 1 
ATOM   875  N  NH2 . ARG B 1 29 ? 22.427  1.109   -7.209  1.00 69.96 ? 26  ARG B NH2 1 
ATOM   876  N  N   . ASN B 1 30 ? 14.060  1.659   -5.647  1.00 57.16 ? 27  ASN B N   1 
ATOM   877  C  CA  . ASN B 1 30 ? 12.819  2.404   -5.820  1.00 59.28 ? 27  ASN B CA  1 
ATOM   878  C  C   . ASN B 1 30 ? 11.616  1.791   -5.080  1.00 60.61 ? 27  ASN B C   1 
ATOM   879  O  O   . ASN B 1 30 ? 10.647  2.495   -4.719  1.00 59.38 ? 27  ASN B O   1 
ATOM   880  C  CB  . ASN B 1 30 ? 12.508  2.595   -7.313  1.00 59.91 ? 27  ASN B CB  1 
ATOM   881  C  CG  . ASN B 1 30 ? 11.096  3.125   -7.554  1.00 62.61 ? 27  ASN B CG  1 
ATOM   882  O  OD1 . ASN B 1 30 ? 10.175  2.357   -7.858  1.00 66.77 ? 27  ASN B OD1 1 
ATOM   883  N  ND2 . ASN B 1 30 ? 10.906  4.434   -7.368  1.00 63.80 ? 27  ASN B ND2 1 
ATOM   884  N  N   . GLN B 1 31 ? 11.704  0.483   -4.849  1.00 62.10 ? 28  GLN B N   1 
ATOM   885  C  CA  . GLN B 1 31 ? 10.702  -0.235  -4.120  1.00 64.43 ? 28  GLN B CA  1 
ATOM   886  C  C   . GLN B 1 31 ? 11.041  -0.308  -2.616  1.00 66.05 ? 28  GLN B C   1 
ATOM   887  O  O   . GLN B 1 31 ? 10.141  -0.401  -1.769  1.00 66.55 ? 28  GLN B O   1 
ATOM   888  C  CB  . GLN B 1 31 ? 10.553  -1.615  -4.718  1.00 63.96 ? 28  GLN B CB  1 
ATOM   889  C  CG  . GLN B 1 31 ? 9.127   -2.019  -4.866  1.00 64.73 ? 28  GLN B CG  1 
ATOM   890  C  CD  . GLN B 1 31 ? 8.666   -2.820  -3.704  1.00 66.48 ? 28  GLN B CD  1 
ATOM   891  O  OE1 . GLN B 1 31 ? 7.552   -2.631  -3.211  1.00 68.10 ? 28  GLN B OE1 1 
ATOM   892  N  NE2 . GLN B 1 31 ? 9.524   -3.725  -3.227  1.00 68.20 ? 28  GLN B NE2 1 
ATOM   893  N  N   . LYS B 1 32 ? 12.330  -0.251  -2.280  1.00 66.85 ? 29  LYS B N   1 
ATOM   894  C  CA  . LYS B 1 32 ? 12.764  -0.271  -0.875  1.00 67.19 ? 29  LYS B CA  1 
ATOM   895  C  C   . LYS B 1 32 ? 12.594  1.138   -0.315  1.00 67.20 ? 29  LYS B C   1 
ATOM   896  O  O   . LYS B 1 32 ? 12.474  1.328   0.889   1.00 68.08 ? 29  LYS B O   1 
ATOM   897  C  CB  . LYS B 1 32 ? 14.231  -0.750  -0.764  1.00 67.65 ? 29  LYS B CB  1 
ATOM   898  C  CG  . LYS B 1 32 ? 14.479  -2.182  -0.184  1.00 68.55 ? 29  LYS B CG  1 
ATOM   899  C  CD  . LYS B 1 32 ? 13.706  -3.316  -0.848  1.00 70.34 ? 29  LYS B CD  1 
ATOM   900  C  CE  . LYS B 1 32 ? 13.393  -4.413  0.188   1.00 72.95 ? 29  LYS B CE  1 
ATOM   901  N  NZ  . LYS B 1 32 ? 12.698  -5.629  -0.380  1.00 73.93 ? 29  LYS B NZ  1 
ATOM   902  N  N   . ASN B 1 33 ? 12.597  2.126   -1.204  1.00 66.82 ? 30  ASN B N   1 
ATOM   903  C  CA  . ASN B 1 33 ? 12.288  3.503   -0.855  1.00 66.37 ? 30  ASN B CA  1 
ATOM   904  C  C   . ASN B 1 33 ? 10.831  3.811   -1.096  1.00 65.68 ? 30  ASN B C   1 
ATOM   905  O  O   . ASN B 1 33 ? 10.443  4.992   -1.115  1.00 66.12 ? 30  ASN B O   1 
ATOM   906  C  CB  . ASN B 1 33 ? 13.092  4.481   -1.704  1.00 66.48 ? 30  ASN B CB  1 
ATOM   907  C  CG  . ASN B 1 33 ? 14.546  4.540   -1.309  1.00 68.45 ? 30  ASN B CG  1 
ATOM   908  O  OD1 . ASN B 1 33 ? 14.871  4.620   -0.113  1.00 68.62 ? 30  ASN B OD1 1 
ATOM   909  N  ND2 . ASN B 1 33 ? 15.445  4.520   -2.320  1.00 69.27 ? 30  ASN B ND2 1 
ATOM   910  N  N   . SER B 1 34 ? 10.025  2.780   -1.317  1.00 64.34 ? 31  SER B N   1 
ATOM   911  C  CA  . SER B 1 34 ? 8.629   3.039   -1.556  1.00 63.14 ? 31  SER B CA  1 
ATOM   912  C  C   . SER B 1 34 ? 7.990   3.470   -0.254  1.00 62.42 ? 31  SER B C   1 
ATOM   913  O  O   . SER B 1 34 ? 8.187   2.859   0.804   1.00 62.47 ? 31  SER B O   1 
ATOM   914  C  CB  . SER B 1 34 ? 7.891   1.826   -2.104  1.00 63.50 ? 31  SER B CB  1 
ATOM   915  O  OG  . SER B 1 34 ? 6.787   2.277   -2.869  1.00 63.01 ? 31  SER B OG  1 
ATOM   916  N  N   . LEU B 1 35 ? 7.225   4.538   -0.345  1.00 60.43 ? 32  LEU B N   1 
ATOM   917  C  CA  . LEU B 1 35 ? 6.430   4.932   0.767   1.00 59.49 ? 32  LEU B CA  1 
ATOM   918  C  C   . LEU B 1 35 ? 5.061   4.316   0.523   1.00 57.78 ? 32  LEU B C   1 
ATOM   919  O  O   . LEU B 1 35 ? 4.080   4.736   1.126   1.00 57.39 ? 32  LEU B O   1 
ATOM   920  C  CB  . LEU B 1 35 ? 6.376   6.470   0.849   1.00 60.13 ? 32  LEU B CB  1 
ATOM   921  C  CG  . LEU B 1 35 ? 7.335   7.155   1.839   1.00 62.10 ? 32  LEU B CG  1 
ATOM   922  C  CD1 . LEU B 1 35 ? 8.362   6.182   2.489   1.00 63.04 ? 32  LEU B CD1 1 
ATOM   923  C  CD2 . LEU B 1 35 ? 8.019   8.377   1.195   1.00 64.48 ? 32  LEU B CD2 1 
ATOM   924  N  N   . CYS B 1 36 ? 5.017   3.304   -0.354  1.00 54.61 ? 33  CYS B N   1 
ATOM   925  C  CA  . CYS B 1 36 ? 3.748   2.747   -0.848  1.00 53.19 ? 33  CYS B CA  1 
ATOM   926  C  C   . CYS B 1 36 ? 2.832   2.247   0.285   1.00 52.67 ? 33  CYS B C   1 
ATOM   927  O  O   . CYS B 1 36 ? 1.719   2.797   0.470   1.00 51.45 ? 33  CYS B O   1 
ATOM   928  C  CB  . CYS B 1 36 ? 3.972   1.651   -1.912  1.00 52.66 ? 33  CYS B CB  1 
ATOM   929  S  SG  . CYS B 1 36 ? 2.486   1.370   -2.898  1.00 50.49 ? 33  CYS B SG  1 
ATOM   930  N  N   . ILE B 1 37 ? 3.299   1.250   1.041   1.00 51.77 ? 34  ILE B N   1 
ATOM   931  C  CA  . ILE B 1 37 ? 2.498   0.675   2.123   1.00 52.39 ? 34  ILE B CA  1 
ATOM   932  C  C   . ILE B 1 37 ? 2.168   1.771   3.172   1.00 52.51 ? 34  ILE B C   1 
ATOM   933  O  O   . ILE B 1 37 ? 1.042   1.864   3.630   1.00 52.03 ? 34  ILE B O   1 
ATOM   934  C  CB  . ILE B 1 37 ? 3.162   -0.578  2.766   1.00 52.33 ? 34  ILE B CB  1 
ATOM   935  C  CG1 . ILE B 1 37 ? 3.526   -1.654  1.713   1.00 54.67 ? 34  ILE B CG1 1 
ATOM   936  C  CG2 . ILE B 1 37 ? 2.283   -1.189  3.888   1.00 52.61 ? 34  ILE B CG2 1 
ATOM   937  C  CD1 . ILE B 1 37 ? 2.366   -2.591  1.258   1.00 56.79 ? 34  ILE B CD1 1 
ATOM   938  N  N   . SER B 1 38 ? 3.154   2.615   3.484   1.00 52.99 ? 35  SER B N   1 
ATOM   939  C  CA  . SER B 1 38 ? 3.045   3.681   4.470   1.00 53.36 ? 35  SER B CA  1 
ATOM   940  C  C   . SER B 1 38 ? 1.876   4.572   4.166   1.00 52.95 ? 35  SER B C   1 
ATOM   941  O  O   . SER B 1 38 ? 1.114   4.952   5.071   1.00 52.56 ? 35  SER B O   1 
ATOM   942  C  CB  . SER B 1 38 ? 4.292   4.571   4.431   1.00 53.78 ? 35  SER B CB  1 
ATOM   943  O  OG  . SER B 1 38 ? 5.248   4.182   5.406   1.00 57.88 ? 35  SER B OG  1 
ATOM   944  N  N   . GLN B 1 39 ? 1.770   4.940   2.887   1.00 51.62 ? 36  GLN B N   1 
ATOM   945  C  CA  . GLN B 1 39 ? 0.711   5.814   2.461   1.00 51.16 ? 36  GLN B CA  1 
ATOM   946  C  C   . GLN B 1 39 ? -0.653  5.162   2.594   1.00 48.85 ? 36  GLN B C   1 
ATOM   947  O  O   . GLN B 1 39 ? -1.618  5.842   2.945   1.00 48.79 ? 36  GLN B O   1 
ATOM   948  C  CB  . GLN B 1 39 ? 0.965   6.313   1.043   1.00 51.91 ? 36  GLN B CB  1 
ATOM   949  C  CG  . GLN B 1 39 ? 2.227   7.178   0.935   1.00 55.86 ? 36  GLN B CG  1 
ATOM   950  C  CD  . GLN B 1 39 ? 2.543   7.548   -0.499  1.00 62.56 ? 36  GLN B CD  1 
ATOM   951  O  OE1 . GLN B 1 39 ? 1.763   8.241   -1.180  1.00 66.02 ? 36  GLN B OE1 1 
ATOM   952  N  NE2 . GLN B 1 39 ? 3.690   7.079   -0.979  1.00 64.98 ? 36  GLN B NE2 1 
ATOM   953  N  N   . CYS B 1 40 ? -0.734  3.864   2.313   1.00 46.89 ? 37  CYS B N   1 
ATOM   954  C  CA  . CYS B 1 40 ? -1.973  3.100   2.525   1.00 46.13 ? 37  CYS B CA  1 
ATOM   955  C  C   . CYS B 1 40 ? -2.417  3.051   3.990   1.00 45.32 ? 37  CYS B C   1 
ATOM   956  O  O   . CYS B 1 40 ? -3.612  3.161   4.289   1.00 44.10 ? 37  CYS B O   1 
ATOM   957  C  CB  . CYS B 1 40 ? -1.809  1.661   2.054   1.00 45.40 ? 37  CYS B CB  1 
ATOM   958  S  SG  . CYS B 1 40 ? -1.494  1.469   0.302   1.00 44.38 ? 37  CYS B SG  1 
ATOM   959  N  N   . LYS B 1 41 ? -1.441  2.823   4.856   1.00 44.66 ? 38  LYS B N   1 
ATOM   960  C  CA  . LYS B 1 41 ? -1.630  2.763   6.300   1.00 46.06 ? 38  LYS B CA  1 
ATOM   961  C  C   . LYS B 1 41 ? -1.954  4.151   6.861   1.00 45.68 ? 38  LYS B C   1 
ATOM   962  O  O   . LYS B 1 41 ? -2.806  4.266   7.690   1.00 45.47 ? 38  LYS B O   1 
ATOM   963  C  CB  . LYS B 1 41 ? -0.410  2.132   7.006   1.00 45.08 ? 38  LYS B CB  1 
ATOM   964  C  CG  . LYS B 1 41 ? -0.067  0.674   6.563   1.00 49.73 ? 38  LYS B CG  1 
ATOM   965  C  CD  . LYS B 1 41 ? -1.165  -0.398  6.864   1.00 51.35 ? 38  LYS B CD  1 
ATOM   966  C  CE  . LYS B 1 41 ? -1.394  -0.548  8.417   1.00 54.78 ? 38  LYS B CE  1 
ATOM   967  N  NZ  . LYS B 1 41 ? -2.422  -1.605  8.857   1.00 53.24 ? 38  LYS B NZ  1 
ATOM   968  N  N   . ALA B 1 42 ? -1.306  5.205   6.367   1.00 46.63 ? 39  ALA B N   1 
ATOM   969  C  CA  . ALA B 1 42 ? -1.651  6.576   6.755   1.00 46.94 ? 39  ALA B CA  1 
ATOM   970  C  C   . ALA B 1 42 ? -3.122  6.909   6.498   1.00 47.74 ? 39  ALA B C   1 
ATOM   971  O  O   . ALA B 1 42 ? -3.791  7.476   7.366   1.00 47.57 ? 39  ALA B O   1 
ATOM   972  C  CB  . ALA B 1 42 ? -0.765  7.586   6.036   1.00 47.02 ? 39  ALA B CB  1 
ATOM   973  N  N   . PHE B 1 43 ? -3.624  6.568   5.313   1.00 47.70 ? 40  PHE B N   1 
ATOM   974  C  CA  . PHE B 1 43 ? -5.016  6.827   5.004   1.00 48.25 ? 40  PHE B CA  1 
ATOM   975  C  C   . PHE B 1 43 ? -5.994  6.021   5.892   1.00 47.51 ? 40  PHE B C   1 
ATOM   976  O  O   . PHE B 1 43 ? -7.025  6.536   6.393   1.00 47.73 ? 40  PHE B O   1 
ATOM   977  C  CB  . PHE B 1 43 ? -5.336  6.604   3.520   1.00 49.36 ? 40  PHE B CB  1 
ATOM   978  C  CG  . PHE B 1 43 ? -6.804  6.881   3.197   1.00 54.52 ? 40  PHE B CG  1 
ATOM   979  C  CD1 . PHE B 1 43 ? -7.369  8.125   3.468   1.00 56.32 ? 40  PHE B CD1 1 
ATOM   980  C  CD2 . PHE B 1 43 ? -7.631  5.880   2.690   1.00 58.80 ? 40  PHE B CD2 1 
ATOM   981  C  CE1 . PHE B 1 43 ? -8.724  8.375   3.218   1.00 58.08 ? 40  PHE B CE1 1 
ATOM   982  C  CE2 . PHE B 1 43 ? -8.991  6.121   2.426   1.00 60.14 ? 40  PHE B CE2 1 
ATOM   983  C  CZ  . PHE B 1 43 ? -9.538  7.370   2.675   1.00 56.22 ? 40  PHE B CZ  1 
ATOM   984  N  N   . GLU B 1 44 ? -5.692  4.743   6.030   1.00 46.25 ? 41  GLU B N   1 
ATOM   985  C  CA  . GLU B 1 44 ? -6.319  3.893   7.033   1.00 45.92 ? 41  GLU B CA  1 
ATOM   986  C  C   . GLU B 1 44 ? -6.377  4.570   8.398   1.00 44.20 ? 41  GLU B C   1 
ATOM   987  O  O   . GLU B 1 44 ? -7.410  4.558   9.036   1.00 44.28 ? 41  GLU B O   1 
ATOM   988  C  CB  . GLU B 1 44 ? -5.604  2.557   7.157   1.00 45.13 ? 41  GLU B CB  1 
ATOM   989  C  CG  . GLU B 1 44 ? -6.338  1.635   8.064   1.00 48.15 ? 41  GLU B CG  1 
ATOM   990  C  CD  . GLU B 1 44 ? -5.605  0.321   8.244   1.00 51.88 ? 41  GLU B CD  1 
ATOM   991  O  OE1 . GLU B 1 44 ? -4.405  0.339   8.650   1.00 49.04 ? 41  GLU B OE1 1 
ATOM   992  O  OE2 . GLU B 1 44 ? -6.270  -0.716  8.004   1.00 50.86 ? 41  GLU B OE2 1 
ATOM   993  N  N   . GLU B 1 45 ? -5.288  5.200   8.815   1.00 43.39 ? 42  GLU B N   1 
ATOM   994  C  CA  . GLU B 1 45 ? -5.296  5.929   10.056  1.00 43.06 ? 42  GLU B CA  1 
ATOM   995  C  C   . GLU B 1 45 ? -6.187  7.171   10.097  1.00 42.13 ? 42  GLU B C   1 
ATOM   996  O  O   . GLU B 1 45 ? -6.813  7.462   11.110  1.00 41.12 ? 42  GLU B O   1 
ATOM   997  C  CB  . GLU B 1 45 ? -3.892  6.314   10.384  1.00 44.22 ? 42  GLU B CB  1 
ATOM   998  C  CG  . GLU B 1 45 ? -3.701  6.790   11.775  1.00 47.74 ? 42  GLU B CG  1 
ATOM   999  C  CD  . GLU B 1 45 ? -2.250  6.804   12.062  1.00 57.51 ? 42  GLU B CD  1 
ATOM   1000 O  OE1 . GLU B 1 45 ? -1.657  5.695   12.185  1.00 59.13 ? 42  GLU B OE1 1 
ATOM   1001 O  OE2 . GLU B 1 45 ? -1.689  7.919   12.114  1.00 61.51 ? 42  GLU B OE2 1 
ATOM   1002 N  N   . VAL B 1 46 ? -6.240  7.930   8.997   1.00 42.58 ? 43  VAL B N   1 
ATOM   1003 C  CA  . VAL B 1 46 ? -7.184  9.039   8.886   1.00 41.28 ? 43  VAL B CA  1 
ATOM   1004 C  C   . VAL B 1 46 ? -8.633  8.543   9.072   1.00 40.86 ? 43  VAL B C   1 
ATOM   1005 O  O   . VAL B 1 46 ? -9.452  9.178   9.776   1.00 40.40 ? 43  VAL B O   1 
ATOM   1006 C  CB  . VAL B 1 46 ? -7.043  9.770   7.498   1.00 42.55 ? 43  VAL B CB  1 
ATOM   1007 C  CG1 . VAL B 1 46 ? -8.202  10.761  7.292   1.00 41.99 ? 43  VAL B CG1 1 
ATOM   1008 C  CG2 . VAL B 1 46 ? -5.717  10.498  7.397   1.00 40.56 ? 43  VAL B CG2 1 
ATOM   1009 N  N   . VAL B 1 47 ? -8.969  7.432   8.428   1.00 40.53 ? 44  VAL B N   1 
ATOM   1010 C  CA  . VAL B 1 47 ? -10.355 6.950   8.471   1.00 40.58 ? 44  VAL B CA  1 
ATOM   1011 C  C   . VAL B 1 47 ? -10.781 6.554   9.880   1.00 40.24 ? 44  VAL B C   1 
ATOM   1012 O  O   . VAL B 1 47 ? -11.895 6.950   10.309  1.00 38.74 ? 44  VAL B O   1 
ATOM   1013 C  CB  . VAL B 1 47 ? -10.642 5.813   7.476   1.00 41.90 ? 44  VAL B CB  1 
ATOM   1014 C  CG1 . VAL B 1 47 ? -12.001 5.232   7.708   1.00 41.17 ? 44  VAL B CG1 1 
ATOM   1015 C  CG2 . VAL B 1 47 ? -10.520 6.327   6.007   1.00 38.32 ? 44  VAL B CG2 1 
ATOM   1016 N  N   . ASP B 1 48 ? -9.928  5.756   10.566  1.00 39.58 ? 45  ASP B N   1 
ATOM   1017 C  CA  . ASP B 1 48 ? -10.116 5.429   11.971  1.00 39.46 ? 45  ASP B CA  1 
ATOM   1018 C  C   . ASP B 1 48 ? -10.380 6.640   12.842  1.00 37.91 ? 45  ASP B C   1 
ATOM   1019 O  O   . ASP B 1 48 ? -11.271 6.604   13.670  1.00 38.54 ? 45  ASP B O   1 
ATOM   1020 C  CB  . ASP B 1 48 ? -8.900  4.678   12.559  1.00 38.90 ? 45  ASP B CB  1 
ATOM   1021 C  CG  . ASP B 1 48 ? -8.769  3.257   12.005  1.00 41.59 ? 45  ASP B CG  1 
ATOM   1022 O  OD1 . ASP B 1 48 ? -9.780  2.662   11.595  1.00 42.24 ? 45  ASP B OD1 1 
ATOM   1023 O  OD2 . ASP B 1 48 ? -7.656  2.706   12.030  1.00 38.88 ? 45  ASP B OD2 1 
ATOM   1024 N  N   . THR B 1 49 ? -9.539  7.667   12.705  1.00 38.10 ? 46  THR B N   1 
ATOM   1025 C  CA  . THR B 1 49 ? -9.633  8.909   13.497  1.00 39.34 ? 46  THR B CA  1 
ATOM   1026 C  C   . THR B 1 49 ? -10.900 9.696   13.145  1.00 39.05 ? 46  THR B C   1 
ATOM   1027 O  O   . THR B 1 49 ? -11.548 10.284  14.042  1.00 40.19 ? 46  THR B O   1 
ATOM   1028 C  CB  . THR B 1 49 ? -8.419  9.795   13.217  1.00 39.15 ? 46  THR B CB  1 
ATOM   1029 O  OG1 . THR B 1 49 ? -7.266  9.146   13.755  1.00 44.24 ? 46  THR B OG1 1 
ATOM   1030 C  CG2 . THR B 1 49 ? -8.584  11.228  13.861  1.00 38.75 ? 46  THR B CG2 1 
ATOM   1031 N  N   . GLN B 1 50 ? -11.236 9.748   11.846  1.00 37.87 ? 47  GLN B N   1 
ATOM   1032 C  CA  . GLN B 1 50 ? -12.490 10.392  11.408  1.00 36.57 ? 47  GLN B CA  1 
ATOM   1033 C  C   . GLN B 1 50 ? -13.675 9.635   12.099  1.00 37.93 ? 47  GLN B C   1 
ATOM   1034 O  O   . GLN B 1 50 ? -14.546 10.224  12.750  1.00 36.13 ? 47  GLN B O   1 
ATOM   1035 C  CB  . GLN B 1 50 ? -12.596 10.281  9.898   1.00 36.02 ? 47  GLN B CB  1 
ATOM   1036 C  CG  . GLN B 1 50 ? -11.582 11.134  9.114   1.00 36.65 ? 47  GLN B CG  1 
ATOM   1037 C  CD  . GLN B 1 50 ? -12.053 12.543  8.937   1.00 36.29 ? 47  GLN B CD  1 
ATOM   1038 O  OE1 . GLN B 1 50 ? -11.281 13.528  8.925   1.00 39.25 ? 47  GLN B OE1 1 
ATOM   1039 N  NE2 . GLN B 1 50 ? -13.335 12.669  8.850   1.00 33.39 ? 47  GLN B NE2 1 
HETATM 1040 N  N   . MSE B 1 51 ? -13.675 8.307   11.983  1.00 38.87 ? 48  MSE B N   1 
HETATM 1041 C  CA  . MSE B 1 51 ? -14.759 7.510   12.515  1.00 42.70 ? 48  MSE B CA  1 
HETATM 1042 C  C   . MSE B 1 51 ? -14.882 7.602   14.057  1.00 40.65 ? 48  MSE B C   1 
HETATM 1043 O  O   . MSE B 1 51 ? -15.980 7.662   14.608  1.00 39.68 ? 48  MSE B O   1 
HETATM 1044 C  CB  . MSE B 1 51 ? -14.499 6.094   12.067  1.00 41.87 ? 48  MSE B CB  1 
HETATM 1045 C  CG  . MSE B 1 51 ? -15.326 5.034   12.721  1.00 46.99 ? 48  MSE B CG  1 
HETATM 1046 SE SE  . MSE B 1 51 ? -14.758 3.252   12.084  0.75 54.91 ? 48  MSE B SE  1 
HETATM 1047 C  CE  . MSE B 1 51 ? -12.919 3.529   11.636  1.00 54.41 ? 48  MSE B CE  1 
ATOM   1048 N  N   . TYR B 1 52 ? -13.743 7.587   14.744  1.00 40.39 ? 49  TYR B N   1 
ATOM   1049 C  CA  . TYR B 1 52 ? -13.734 7.722   16.204  1.00 40.76 ? 49  TYR B CA  1 
ATOM   1050 C  C   . TYR B 1 52 ? -14.274 9.057   16.714  1.00 40.83 ? 49  TYR B C   1 
ATOM   1051 O  O   . TYR B 1 52 ? -15.007 9.093   17.708  1.00 40.99 ? 49  TYR B O   1 
ATOM   1052 C  CB  . TYR B 1 52 ? -12.344 7.443   16.770  1.00 39.89 ? 49  TYR B CB  1 
ATOM   1053 C  CG  . TYR B 1 52 ? -12.199 6.002   17.201  1.00 39.25 ? 49  TYR B CG  1 
ATOM   1054 C  CD1 . TYR B 1 52 ? -11.900 4.972   16.259  1.00 37.27 ? 49  TYR B CD1 1 
ATOM   1055 C  CD2 . TYR B 1 52 ? -12.320 5.650   18.561  1.00 36.71 ? 49  TYR B CD2 1 
ATOM   1056 C  CE1 . TYR B 1 52 ? -11.815 3.618   16.681  1.00 35.98 ? 49  TYR B CE1 1 
ATOM   1057 C  CE2 . TYR B 1 52 ? -12.193 4.348   18.971  1.00 36.72 ? 49  TYR B CE2 1 
ATOM   1058 C  CZ  . TYR B 1 52 ? -11.925 3.348   18.059  1.00 38.51 ? 49  TYR B CZ  1 
ATOM   1059 O  OH  . TYR B 1 52 ? -11.796 2.077   18.547  1.00 39.61 ? 49  TYR B OH  1 
ATOM   1060 N  N   . GLY B 1 53 ? -13.941 10.135  15.995  1.00 40.90 ? 50  GLY B N   1 
ATOM   1061 C  CA  . GLY B 1 53 ? -14.332 11.474  16.390  1.00 39.62 ? 50  GLY B CA  1 
ATOM   1062 C  C   . GLY B 1 53 ? -15.844 11.548  16.238  1.00 39.34 ? 50  GLY B C   1 
ATOM   1063 O  O   . GLY B 1 53 ? -16.527 12.069  17.095  1.00 38.88 ? 50  GLY B O   1 
ATOM   1064 N  N   . PHE B 1 54 ? -16.365 10.999  15.146  1.00 39.35 ? 51  PHE B N   1 
ATOM   1065 C  CA  . PHE B 1 54 ? -17.813 11.041  14.900  1.00 38.39 ? 51  PHE B CA  1 
ATOM   1066 C  C   . PHE B 1 54 ? -18.515 10.183  15.958  1.00 38.68 ? 51  PHE B C   1 
ATOM   1067 O  O   . PHE B 1 54 ? -19.522 10.575  16.553  1.00 39.52 ? 51  PHE B O   1 
ATOM   1068 C  CB  . PHE B 1 54 ? -18.126 10.453  13.522  1.00 36.20 ? 51  PHE B CB  1 
ATOM   1069 C  CG  . PHE B 1 54 ? -19.586 10.163  13.338  1.00 35.48 ? 51  PHE B CG  1 
ATOM   1070 C  CD1 . PHE B 1 54 ? -20.519 11.195  13.355  1.00 35.87 ? 51  PHE B CD1 1 
ATOM   1071 C  CD2 . PHE B 1 54 ? -20.038 8.872   13.164  1.00 33.55 ? 51  PHE B CD2 1 
ATOM   1072 C  CE1 . PHE B 1 54 ? -21.896 10.945  13.198  1.00 33.56 ? 51  PHE B CE1 1 
ATOM   1073 C  CE2 . PHE B 1 54 ? -21.387 8.619   13.041  1.00 33.54 ? 51  PHE B CE2 1 
ATOM   1074 C  CZ  . PHE B 1 54 ? -22.317 9.667   13.035  1.00 33.88 ? 51  PHE B CZ  1 
ATOM   1075 N  N   . SER B 1 55 ? -17.989 8.983   16.145  1.00 38.47 ? 52  SER B N   1 
ATOM   1076 C  CA  . SER B 1 55 ? -18.560 8.069   17.121  1.00 38.82 ? 52  SER B CA  1 
ATOM   1077 C  C   . SER B 1 55 ? -18.600 8.728   18.514  1.00 37.31 ? 52  SER B C   1 
ATOM   1078 O  O   . SER B 1 55 ? -19.579 8.645   19.228  1.00 37.67 ? 52  SER B O   1 
ATOM   1079 C  CB  . SER B 1 55 ? -17.811 6.720   17.060  1.00 37.43 ? 52  SER B CB  1 
ATOM   1080 O  OG  . SER B 1 55 ? -18.250 5.833   18.084  1.00 42.11 ? 52  SER B OG  1 
ATOM   1081 N  N   . ARG B 1 56 ? -17.558 9.471   18.867  1.00 39.08 ? 53  ARG B N   1 
ATOM   1082 C  CA  . ARG B 1 56 ? -17.518 10.193  20.139  1.00 39.46 ? 53  ARG B CA  1 
ATOM   1083 C  C   . ARG B 1 56 ? -18.723 11.149  20.265  1.00 40.80 ? 53  ARG B C   1 
ATOM   1084 O  O   . ARG B 1 56 ? -19.363 11.221  21.329  1.00 43.08 ? 53  ARG B O   1 
ATOM   1085 C  CB  . ARG B 1 56 ? -16.182 10.914  20.258  1.00 39.44 ? 53  ARG B CB  1 
ATOM   1086 C  CG  . ARG B 1 56 ? -16.012 11.663  21.534  1.00 39.97 ? 53  ARG B CG  1 
ATOM   1087 C  CD  . ARG B 1 56 ? -15.983 10.688  22.716  1.00 42.56 ? 53  ARG B CD  1 
ATOM   1088 N  NE  . ARG B 1 56 ? -16.006 11.339  24.008  1.00 38.64 ? 53  ARG B NE  1 
ATOM   1089 C  CZ  . ARG B 1 56 ? -17.083 11.561  24.760  1.00 39.36 ? 53  ARG B CZ  1 
ATOM   1090 N  NH1 . ARG B 1 56 ? -18.318 11.214  24.369  1.00 35.71 ? 53  ARG B NH1 1 
ATOM   1091 N  NH2 . ARG B 1 56 ? -16.903 12.145  25.968  1.00 42.93 ? 53  ARG B NH2 1 
ATOM   1092 N  N   . GLN B 1 57 ? -19.038 11.853  19.173  1.00 40.49 ? 54  GLN B N   1 
ATOM   1093 C  CA  . GLN B 1 57 ? -20.185 12.728  19.053  1.00 39.81 ? 54  GLN B CA  1 
ATOM   1094 C  C   . GLN B 1 57 ? -21.561 12.047  19.114  1.00 39.06 ? 54  GLN B C   1 
ATOM   1095 O  O   . GLN B 1 57 ? -22.466 12.569  19.766  1.00 37.86 ? 54  GLN B O   1 
ATOM   1096 C  CB  . GLN B 1 57 ? -20.059 13.572  17.786  1.00 39.10 ? 54  GLN B CB  1 
ATOM   1097 C  CG  . GLN B 1 57 ? -18.871 14.497  17.878  1.00 37.65 ? 54  GLN B CG  1 
ATOM   1098 C  CD  . GLN B 1 57 ? -19.168 15.776  18.663  1.00 35.55 ? 54  GLN B CD  1 
ATOM   1099 O  OE1 . GLN B 1 57 ? -20.234 15.961  19.266  1.00 34.15 ? 54  GLN B OE1 1 
ATOM   1100 N  NE2 . GLN B 1 57 ? -18.238 16.694  18.608  1.00 37.67 ? 54  GLN B NE2 1 
ATOM   1101 N  N   . VAL B 1 58 ? -21.726 10.912  18.442  1.00 38.65 ? 55  VAL B N   1 
ATOM   1102 C  CA  . VAL B 1 58 ? -22.938 10.106  18.654  1.00 38.57 ? 55  VAL B CA  1 
ATOM   1103 C  C   . VAL B 1 58 ? -23.128 9.820   20.161  1.00 39.39 ? 55  VAL B C   1 
ATOM   1104 O  O   . VAL B 1 58 ? -24.186 10.065  20.730  1.00 40.20 ? 55  VAL B O   1 
ATOM   1105 C  CB  . VAL B 1 58 ? -22.860 8.779   17.865  1.00 38.50 ? 55  VAL B CB  1 
ATOM   1106 C  CG1 . VAL B 1 58 ? -24.000 7.887   18.265  1.00 36.37 ? 55  VAL B CG1 1 
ATOM   1107 C  CG2 . VAL B 1 58 ? -22.841 9.034   16.359  1.00 36.01 ? 55  VAL B CG2 1 
ATOM   1108 N  N   . THR B 1 59 ? -22.080 9.331   20.822  1.00 40.42 ? 56  THR B N   1 
ATOM   1109 C  CA  . THR B 1 59 ? -22.140 9.096   22.272  1.00 40.49 ? 56  THR B CA  1 
ATOM   1110 C  C   . THR B 1 59 ? -22.488 10.341  23.070  1.00 41.69 ? 56  THR B C   1 
ATOM   1111 O  O   . THR B 1 59 ? -23.339 10.269  23.945  1.00 43.17 ? 56  THR B O   1 
ATOM   1112 C  CB  . THR B 1 59 ? -20.867 8.418   22.792  1.00 40.08 ? 56  THR B CB  1 
ATOM   1113 O  OG1 . THR B 1 59 ? -20.810 7.096   22.228  1.00 39.44 ? 56  THR B OG1 1 
ATOM   1114 C  CG2 . THR B 1 59 ? -20.816 8.318   24.354  1.00 38.65 ? 56  THR B CG2 1 
ATOM   1115 N  N   . TYR B 1 60 ? -21.861 11.474  22.763  1.00 41.94 ? 57  TYR B N   1 
ATOM   1116 C  CA  . TYR B 1 60 ? -22.109 12.717  23.476  1.00 41.93 ? 57  TYR B CA  1 
ATOM   1117 C  C   . TYR B 1 60 ? -23.586 13.110  23.290  1.00 42.61 ? 57  TYR B C   1 
ATOM   1118 O  O   . TYR B 1 60 ? -24.260 13.500  24.275  1.00 42.21 ? 57  TYR B O   1 
ATOM   1119 C  CB  . TYR B 1 60 ? -21.195 13.799  22.931  1.00 42.12 ? 57  TYR B CB  1 
ATOM   1120 C  CG  . TYR B 1 60 ? -21.289 15.165  23.585  1.00 42.89 ? 57  TYR B CG  1 
ATOM   1121 C  CD1 . TYR B 1 60 ? -21.660 15.307  24.937  1.00 40.96 ? 57  TYR B CD1 1 
ATOM   1122 C  CD2 . TYR B 1 60 ? -20.951 16.330  22.866  1.00 41.22 ? 57  TYR B CD2 1 
ATOM   1123 C  CE1 . TYR B 1 60 ? -21.716 16.564  25.553  1.00 38.57 ? 57  TYR B CE1 1 
ATOM   1124 C  CE2 . TYR B 1 60 ? -21.007 17.594  23.464  1.00 36.71 ? 57  TYR B CE2 1 
ATOM   1125 C  CZ  . TYR B 1 60 ? -21.373 17.705  24.814  1.00 41.33 ? 57  TYR B CZ  1 
ATOM   1126 O  OH  . TYR B 1 60 ? -21.407 18.957  25.423  1.00 39.90 ? 57  TYR B OH  1 
ATOM   1127 N  N   . ALA B 1 61 ? -24.103 12.976  22.064  1.00 42.81 ? 58  ALA B N   1 
ATOM   1128 C  CA  . ALA B 1 61 ? -25.520 13.304  21.774  1.00 43.43 ? 58  ALA B CA  1 
ATOM   1129 C  C   . ALA B 1 61 ? -26.476 12.409  22.543  1.00 43.14 ? 58  ALA B C   1 
ATOM   1130 O  O   . ALA B 1 61 ? -27.511 12.855  22.999  1.00 41.66 ? 58  ALA B O   1 
ATOM   1131 C  CB  . ALA B 1 61 ? -25.842 13.200  20.208  1.00 43.57 ? 58  ALA B CB  1 
ATOM   1132 N  N   . THR B 1 62 ? -26.127 11.138  22.680  1.00 45.47 ? 59  THR B N   1 
ATOM   1133 C  CA  . THR B 1 62 ? -26.956 10.222  23.453  1.00 47.30 ? 59  THR B CA  1 
ATOM   1134 C  C   . THR B 1 62 ? -26.943 10.647  24.922  1.00 48.14 ? 59  THR B C   1 
ATOM   1135 O  O   . THR B 1 62 ? -27.984 10.667  25.573  1.00 48.94 ? 59  THR B O   1 
ATOM   1136 C  CB  . THR B 1 62 ? -26.462 8.772   23.307  1.00 47.72 ? 59  THR B CB  1 
ATOM   1137 O  OG1 . THR B 1 62 ? -26.547 8.402   21.920  1.00 50.01 ? 59  THR B OG1 1 
ATOM   1138 C  CG2 . THR B 1 62 ? -27.327 7.800   24.121  1.00 47.11 ? 59  THR B CG2 1 
ATOM   1139 N  N   . ARG B 1 63 ? -25.777 11.024  25.448  1.00 48.30 ? 60  ARG B N   1 
ATOM   1140 C  CA  . ARG B 1 63 ? -25.720 11.468  26.853  1.00 47.97 ? 60  ARG B CA  1 
ATOM   1141 C  C   . ARG B 1 63 ? -26.615 12.685  27.121  1.00 48.31 ? 60  ARG B C   1 
ATOM   1142 O  O   . ARG B 1 63 ? -27.139 12.857  28.214  1.00 47.77 ? 60  ARG B O   1 
ATOM   1143 C  CB  . ARG B 1 63 ? -24.317 11.850  27.250  1.00 47.34 ? 60  ARG B CB  1 
ATOM   1144 C  CG  . ARG B 1 63 ? -23.329 10.702  27.396  1.00 49.81 ? 60  ARG B CG  1 
ATOM   1145 C  CD  . ARG B 1 63 ? -23.966 9.326   27.471  1.00 52.20 ? 60  ARG B CD  1 
ATOM   1146 N  NE  . ARG B 1 63 ? -22.912 8.342   27.553  1.00 56.17 ? 60  ARG B NE  1 
ATOM   1147 C  CZ  . ARG B 1 63 ? -23.080 7.032   27.674  1.00 60.24 ? 60  ARG B CZ  1 
ATOM   1148 N  NH1 . ARG B 1 63 ? -24.309 6.527   27.692  1.00 60.21 ? 60  ARG B NH1 1 
ATOM   1149 N  NH2 . ARG B 1 63 ? -22.000 6.229   27.776  1.00 57.98 ? 60  ARG B NH2 1 
ATOM   1150 N  N   . LEU B 1 64 ? -26.746 13.543  26.113  1.00 48.32 ? 61  LEU B N   1 
ATOM   1151 C  CA  . LEU B 1 64 ? -27.425 14.786  26.281  1.00 48.81 ? 61  LEU B CA  1 
ATOM   1152 C  C   . LEU B 1 64 ? -28.925 14.607  26.106  1.00 49.17 ? 61  LEU B C   1 
ATOM   1153 O  O   . LEU B 1 64 ? -29.671 15.529  26.429  1.00 50.26 ? 61  LEU B O   1 
ATOM   1154 C  CB  . LEU B 1 64 ? -26.905 15.798  25.250  1.00 49.24 ? 61  LEU B CB  1 
ATOM   1155 C  CG  . LEU B 1 64 ? -25.515 16.386  25.501  1.00 49.40 ? 61  LEU B CG  1 
ATOM   1156 C  CD1 . LEU B 1 64 ? -25.150 17.387  24.391  1.00 47.79 ? 61  LEU B CD1 1 
ATOM   1157 C  CD2 . LEU B 1 64 ? -25.432 17.003  26.903  1.00 44.43 ? 61  LEU B CD2 1 
ATOM   1158 N  N   . GLY B 1 65 ? -29.363 13.461  25.571  1.00 48.81 ? 62  GLY B N   1 
ATOM   1159 C  CA  . GLY B 1 65 ? -30.775 13.245  25.297  1.00 48.17 ? 62  GLY B CA  1 
ATOM   1160 C  C   . GLY B 1 65 ? -31.197 13.609  23.868  1.00 49.61 ? 62  GLY B C   1 
ATOM   1161 O  O   . GLY B 1 65 ? -32.372 13.471  23.510  1.00 49.06 ? 62  GLY B O   1 
ATOM   1162 N  N   . ILE B 1 66 ? -30.245 14.056  23.048  1.00 49.84 ? 63  ILE B N   1 
ATOM   1163 C  CA  . ILE B 1 66 ? -30.473 14.435  21.635  1.00 49.59 ? 63  ILE B CA  1 
ATOM   1164 C  C   . ILE B 1 66 ? -30.784 13.201  20.778  1.00 50.84 ? 63  ILE B C   1 
ATOM   1165 O  O   . ILE B 1 66 ? -31.613 13.258  19.866  1.00 51.16 ? 63  ILE B O   1 
ATOM   1166 C  CB  . ILE B 1 66 ? -29.268 15.248  21.085  1.00 49.52 ? 63  ILE B CB  1 
ATOM   1167 C  CG1 . ILE B 1 66 ? -29.147 16.546  21.883  1.00 48.93 ? 63  ILE B CG1 1 
ATOM   1168 C  CG2 . ILE B 1 66 ? -29.381 15.541  19.539  1.00 49.71 ? 63  ILE B CG2 1 
ATOM   1169 C  CD1 . ILE B 1 66 ? -27.999 17.387  21.457  1.00 50.66 ? 63  ILE B CD1 1 
ATOM   1170 N  N   . LEU B 1 67 ? -30.099 12.095  21.058  1.00 51.66 ? 64  LEU B N   1 
ATOM   1171 C  CA  . LEU B 1 67 ? -30.483 10.793  20.536  1.00 52.50 ? 64  LEU B CA  1 
ATOM   1172 C  C   . LEU B 1 67 ? -30.936 9.939   21.715  1.00 53.58 ? 64  LEU B C   1 
ATOM   1173 O  O   . LEU B 1 67 ? -30.403 10.092  22.805  1.00 54.25 ? 64  LEU B O   1 
ATOM   1174 C  CB  . LEU B 1 67 ? -29.294 10.117  19.848  1.00 51.46 ? 64  LEU B CB  1 
ATOM   1175 C  CG  . LEU B 1 67 ? -28.677 10.762  18.608  1.00 51.72 ? 64  LEU B CG  1 
ATOM   1176 C  CD1 . LEU B 1 67 ? -27.399 9.986   18.203  1.00 48.84 ? 64  LEU B CD1 1 
ATOM   1177 C  CD2 . LEU B 1 67 ? -29.695 10.896  17.430  1.00 48.80 ? 64  LEU B CD2 1 
ATOM   1178 N  N   . THR B 1 68 ? -31.900 9.048   21.519  1.00 54.89 ? 65  THR B N   1 
ATOM   1179 C  CA  . THR B 1 68 ? -32.231 8.062   22.552  1.00 56.57 ? 65  THR B CA  1 
ATOM   1180 C  C   . THR B 1 68 ? -31.151 7.031   22.476  1.00 57.49 ? 65  THR B C   1 
ATOM   1181 O  O   . THR B 1 68 ? -30.441 6.965   21.474  1.00 58.71 ? 65  THR B O   1 
ATOM   1182 C  CB  . THR B 1 68 ? -33.514 7.285   22.243  1.00 56.62 ? 65  THR B CB  1 
ATOM   1183 O  OG1 . THR B 1 68 ? -33.363 6.646   20.961  1.00 57.84 ? 65  THR B OG1 1 
ATOM   1184 C  CG2 . THR B 1 68 ? -34.740 8.205   22.246  1.00 56.80 ? 65  THR B CG2 1 
ATOM   1185 N  N   . ASN B 1 69 ? -31.047 6.195   23.498  1.00 58.65 ? 66  ASN B N   1 
ATOM   1186 C  CA  . ASN B 1 69 ? -30.065 5.124   23.493  1.00 59.54 ? 66  ASN B CA  1 
ATOM   1187 C  C   . ASN B 1 69 ? -30.112 4.200   22.280  1.00 59.46 ? 66  ASN B C   1 
ATOM   1188 O  O   . ASN B 1 69 ? -29.063 3.862   21.741  1.00 58.92 ? 66  ASN B O   1 
ATOM   1189 C  CB  . ASN B 1 69 ? -30.136 4.318   24.786  1.00 59.92 ? 66  ASN B CB  1 
ATOM   1190 C  CG  . ASN B 1 69 ? -29.022 4.679   25.739  1.00 62.50 ? 66  ASN B CG  1 
ATOM   1191 O  OD1 . ASN B 1 69 ? -27.838 4.425   25.461  1.00 65.41 ? 66  ASN B OD1 1 
ATOM   1192 N  ND2 . ASN B 1 69 ? -29.385 5.283   26.869  1.00 63.09 ? 66  ASN B ND2 1 
ATOM   1193 N  N   . ASP B 1 70 ? -31.313 3.801   21.858  1.00 59.49 ? 67  ASP B N   1 
ATOM   1194 C  CA  . ASP B 1 70 ? -31.467 2.968   20.667  1.00 60.48 ? 67  ASP B CA  1 
ATOM   1195 C  C   . ASP B 1 70 ? -30.993 3.678   19.394  1.00 60.78 ? 67  ASP B C   1 
ATOM   1196 O  O   . ASP B 1 70 ? -30.289 3.074   18.580  1.00 61.39 ? 67  ASP B O   1 
ATOM   1197 C  CB  . ASP B 1 70 ? -32.907 2.469   20.522  1.00 60.26 ? 67  ASP B CB  1 
ATOM   1198 C  CG  . ASP B 1 70 ? -33.361 1.665   21.727  1.00 62.48 ? 67  ASP B CG  1 
ATOM   1199 O  OD1 . ASP B 1 70 ? -32.479 1.129   22.436  1.00 63.69 ? 67  ASP B OD1 1 
ATOM   1200 O  OD2 . ASP B 1 70 ? -34.596 1.570   21.981  1.00 65.54 ? 67  ASP B OD2 1 
ATOM   1201 N  N   . GLU B 1 71 ? -31.350 4.956   19.230  1.00 61.03 ? 68  GLU B N   1 
ATOM   1202 C  CA  . GLU B 1 71 ? -30.852 5.754   18.099  1.00 61.03 ? 68  GLU B CA  1 
ATOM   1203 C  C   . GLU B 1 71 ? -29.329 5.775   18.070  1.00 61.19 ? 68  GLU B C   1 
ATOM   1204 O  O   . GLU B 1 71 ? -28.715 5.464   17.046  1.00 60.88 ? 68  GLU B O   1 
ATOM   1205 C  CB  . GLU B 1 71 ? -31.417 7.170   18.132  1.00 60.52 ? 68  GLU B CB  1 
ATOM   1206 C  CG  . GLU B 1 71 ? -32.880 7.225   17.753  1.00 61.94 ? 68  GLU B CG  1 
ATOM   1207 C  CD  . GLU B 1 71 ? -33.558 8.521   18.147  1.00 62.98 ? 68  GLU B CD  1 
ATOM   1208 O  OE1 . GLU B 1 71 ? -33.072 9.238   19.036  1.00 63.95 ? 68  GLU B OE1 1 
ATOM   1209 O  OE2 . GLU B 1 71 ? -34.612 8.817   17.570  1.00 65.45 ? 68  GLU B OE2 1 
ATOM   1210 N  N   . GLY B 1 72 ? -28.728 6.130   19.209  1.00 61.52 ? 69  GLY B N   1 
ATOM   1211 C  CA  . GLY B 1 72 ? -27.287 6.158   19.341  1.00 61.58 ? 69  GLY B CA  1 
ATOM   1212 C  C   . GLY B 1 72 ? -26.670 4.820   18.990  1.00 61.88 ? 69  GLY B C   1 
ATOM   1213 O  O   . GLY B 1 72 ? -25.685 4.737   18.240  1.00 62.19 ? 69  GLY B O   1 
ATOM   1214 N  N   . HIS B 1 73 ? -27.262 3.766   19.518  1.00 62.12 ? 70  HIS B N   1 
ATOM   1215 C  CA  . HIS B 1 73 ? -26.765 2.410   19.285  1.00 63.07 ? 70  HIS B CA  1 
ATOM   1216 C  C   . HIS B 1 73 ? -26.898 1.986   17.810  1.00 62.65 ? 70  HIS B C   1 
ATOM   1217 O  O   . HIS B 1 73 ? -25.988 1.366   17.258  1.00 62.54 ? 70  HIS B O   1 
ATOM   1218 C  CB  . HIS B 1 73 ? -27.467 1.437   20.234  1.00 63.83 ? 70  HIS B CB  1 
ATOM   1219 C  CG  . HIS B 1 73 ? -27.160 -0.006  19.973  1.00 67.06 ? 70  HIS B CG  1 
ATOM   1220 N  ND1 . HIS B 1 73 ? -27.965 -0.806  19.185  1.00 69.40 ? 70  HIS B ND1 1 
ATOM   1221 C  CD2 . HIS B 1 73 ? -26.149 -0.796  20.409  1.00 68.74 ? 70  HIS B CD2 1 
ATOM   1222 C  CE1 . HIS B 1 73 ? -27.463 -2.030  19.151  1.00 70.64 ? 70  HIS B CE1 1 
ATOM   1223 N  NE2 . HIS B 1 73 ? -26.360 -2.049  19.881  1.00 70.99 ? 70  HIS B NE2 1 
ATOM   1224 N  N   . ARG B 1 74 ? -28.017 2.342   17.179  1.00 62.21 ? 71  ARG B N   1 
ATOM   1225 C  CA  . ARG B 1 74 ? -28.225 2.070   15.767  1.00 62.06 ? 71  ARG B CA  1 
ATOM   1226 C  C   . ARG B 1 74 ? -27.121 2.687   14.903  1.00 61.28 ? 71  ARG B C   1 
ATOM   1227 O  O   . ARG B 1 74 ? -26.485 1.981   14.105  1.00 60.79 ? 71  ARG B O   1 
ATOM   1228 C  CB  . ARG B 1 74 ? -29.586 2.583   15.302  1.00 62.90 ? 71  ARG B CB  1 
ATOM   1229 C  CG  . ARG B 1 74 ? -29.663 2.736   13.778  1.00 65.93 ? 71  ARG B CG  1 
ATOM   1230 C  CD  . ARG B 1 74 ? -31.085 2.894   13.249  1.00 72.45 ? 71  ARG B CD  1 
ATOM   1231 N  NE  . ARG B 1 74 ? -31.081 2.816   11.786  1.00 76.23 ? 71  ARG B NE  1 
ATOM   1232 C  CZ  . ARG B 1 74 ? -31.178 1.670   11.089  1.00 79.12 ? 71  ARG B CZ  1 
ATOM   1233 N  NH1 . ARG B 1 74 ? -31.299 0.488   11.719  1.00 80.52 ? 71  ARG B NH1 1 
ATOM   1234 N  NH2 . ARG B 1 74 ? -31.162 1.701   9.755   1.00 79.42 ? 71  ARG B NH2 1 
ATOM   1235 N  N   . LEU B 1 75 ? -26.879 3.993   15.062  1.00 59.90 ? 72  LEU B N   1 
ATOM   1236 C  CA  . LEU B 1 75 ? -25.837 4.630   14.267  1.00 59.23 ? 72  LEU B CA  1 
ATOM   1237 C  C   . LEU B 1 75 ? -24.510 3.887   14.398  1.00 58.93 ? 72  LEU B C   1 
ATOM   1238 O  O   . LEU B 1 75 ? -23.889 3.545   13.396  1.00 58.26 ? 72  LEU B O   1 
ATOM   1239 C  CB  . LEU B 1 75 ? -25.664 6.100   14.625  1.00 58.75 ? 72  LEU B CB  1 
ATOM   1240 C  CG  . LEU B 1 75 ? -26.710 7.096   14.181  1.00 59.36 ? 72  LEU B CG  1 
ATOM   1241 C  CD1 . LEU B 1 75 ? -26.380 8.463   14.770  1.00 57.86 ? 72  LEU B CD1 1 
ATOM   1242 C  CD2 . LEU B 1 75 ? -26.805 7.144   12.623  1.00 57.83 ? 72  LEU B CD2 1 
ATOM   1243 N  N   . LEU B 1 76 ? -24.097 3.612   15.631  1.00 59.03 ? 73  LEU B N   1 
ATOM   1244 C  CA  . LEU B 1 76 ? -22.840 2.880   15.863  1.00 60.01 ? 73  LEU B CA  1 
ATOM   1245 C  C   . LEU B 1 76 ? -22.862 1.478   15.266  1.00 60.64 ? 73  LEU B C   1 
ATOM   1246 O  O   . LEU B 1 76 ? -21.874 1.006   14.688  1.00 61.10 ? 73  LEU B O   1 
ATOM   1247 C  CB  . LEU B 1 76 ? -22.491 2.841   17.363  1.00 60.13 ? 73  LEU B CB  1 
ATOM   1248 C  CG  . LEU B 1 76 ? -22.195 4.243   17.933  1.00 59.02 ? 73  LEU B CG  1 
ATOM   1249 C  CD1 . LEU B 1 76 ? -21.447 4.112   19.228  1.00 60.73 ? 73  LEU B CD1 1 
ATOM   1250 C  CD2 . LEU B 1 76 ? -21.412 5.107   16.921  1.00 57.24 ? 73  LEU B CD2 1 
ATOM   1251 N  N   . SER B 1 77 ? -24.008 0.829   15.390  1.00 61.08 ? 74  SER B N   1 
ATOM   1252 C  CA  . SER B 1 77 ? -24.210 -0.465  14.801  1.00 61.83 ? 74  SER B CA  1 
ATOM   1253 C  C   . SER B 1 77 ? -24.076 -0.413  13.264  1.00 62.30 ? 74  SER B C   1 
ATOM   1254 O  O   . SER B 1 77 ? -23.529 -1.341  12.684  1.00 62.86 ? 74  SER B O   1 
ATOM   1255 C  CB  . SER B 1 77 ? -25.553 -1.031  15.286  1.00 61.40 ? 74  SER B CB  1 
ATOM   1256 O  OG  . SER B 1 77 ? -26.161 -1.861  14.324  1.00 62.41 ? 74  SER B OG  1 
ATOM   1257 N  N   . ASP B 1 78 ? -24.550 0.662   12.615  1.00 62.90 ? 75  ASP B N   1 
ATOM   1258 C  CA  . ASP B 1 78 ? -24.414 0.845   11.144  1.00 63.35 ? 75  ASP B CA  1 
ATOM   1259 C  C   . ASP B 1 78 ? -22.969 1.013   10.682  1.00 63.90 ? 75  ASP B C   1 
ATOM   1260 O  O   . ASP B 1 78 ? -22.580 0.463   9.646   1.00 63.54 ? 75  ASP B O   1 
ATOM   1261 C  CB  . ASP B 1 78 ? -25.191 2.064   10.637  1.00 63.28 ? 75  ASP B CB  1 
ATOM   1262 C  CG  . ASP B 1 78 ? -26.702 1.882   10.688  1.00 63.21 ? 75  ASP B CG  1 
ATOM   1263 O  OD1 . ASP B 1 78 ? -27.184 0.728   10.673  1.00 60.12 ? 75  ASP B OD1 1 
ATOM   1264 O  OD2 . ASP B 1 78 ? -27.402 2.921   10.744  1.00 62.24 ? 75  ASP B OD2 1 
ATOM   1265 N  N   . LEU B 1 79 ? -22.197 1.800   11.429  1.00 64.62 ? 76  LEU B N   1 
ATOM   1266 C  CA  . LEU B 1 79 ? -20.783 1.968   11.155  1.00 66.04 ? 76  LEU B CA  1 
ATOM   1267 C  C   . LEU B 1 79 ? -20.071 0.645   11.349  1.00 67.46 ? 76  LEU B C   1 
ATOM   1268 O  O   . LEU B 1 79 ? -19.211 0.280   10.547  1.00 67.95 ? 76  LEU B O   1 
ATOM   1269 C  CB  . LEU B 1 79 ? -20.136 2.987   12.092  1.00 65.72 ? 76  LEU B CB  1 
ATOM   1270 C  CG  . LEU B 1 79 ? -20.519 4.460   12.153  1.00 66.57 ? 76  LEU B CG  1 
ATOM   1271 C  CD1 . LEU B 1 79 ? -19.575 5.152   13.133  1.00 64.94 ? 76  LEU B CD1 1 
ATOM   1272 C  CD2 . LEU B 1 79 ? -20.542 5.170   10.742  1.00 65.13 ? 76  LEU B CD2 1 
ATOM   1273 N  N   . GLU B 1 80 ? -20.419 -0.064  12.420  1.00 68.52 ? 77  GLU B N   1 
ATOM   1274 C  CA  . GLU B 1 80 ? -19.844 -1.378  12.706  1.00 70.12 ? 77  GLU B CA  1 
ATOM   1275 C  C   . GLU B 1 80 ? -20.090 -2.373  11.562  1.00 70.53 ? 77  GLU B C   1 
ATOM   1276 O  O   . GLU B 1 80 ? -19.207 -3.157  11.213  1.00 70.66 ? 77  GLU B O   1 
ATOM   1277 C  CB  . GLU B 1 80 ? -20.423 -1.933  14.006  1.00 70.25 ? 77  GLU B CB  1 
ATOM   1278 C  CG  . GLU B 1 80 ? -19.871 -3.294  14.413  1.00 73.47 ? 77  GLU B CG  1 
ATOM   1279 C  CD  . GLU B 1 80 ? -20.973 -4.335  14.662  1.00 78.28 ? 77  GLU B CD  1 
ATOM   1280 O  OE1 . GLU B 1 80 ? -20.895 -5.430  14.042  1.00 79.48 ? 77  GLU B OE1 1 
ATOM   1281 O  OE2 . GLU B 1 80 ? -21.915 -4.070  15.463  1.00 79.69 ? 77  GLU B OE2 1 
ATOM   1282 N  N   . ARG B 1 81 ? -21.300 -2.332  11.004  1.00 71.01 ? 78  ARG B N   1 
ATOM   1283 C  CA  . ARG B 1 81 ? -21.707 -3.182  9.890   1.00 71.86 ? 78  ARG B CA  1 
ATOM   1284 C  C   . ARG B 1 81 ? -20.911 -2.879  8.618   1.00 71.55 ? 78  ARG B C   1 
ATOM   1285 O  O   . ARG B 1 81 ? -20.483 -3.786  7.903   1.00 71.62 ? 78  ARG B O   1 
ATOM   1286 C  CB  . ARG B 1 81 ? -23.200 -2.999  9.628   1.00 72.13 ? 78  ARG B CB  1 
ATOM   1287 C  CG  . ARG B 1 81 ? -23.781 -3.942  8.584   1.00 75.28 ? 78  ARG B CG  1 
ATOM   1288 C  CD  . ARG B 1 81 ? -25.169 -3.488  8.161   1.00 80.19 ? 78  ARG B CD  1 
ATOM   1289 N  NE  . ARG B 1 81 ? -25.911 -2.953  9.309   1.00 83.57 ? 78  ARG B NE  1 
ATOM   1290 C  CZ  . ARG B 1 81 ? -27.134 -2.419  9.260   1.00 85.12 ? 78  ARG B CZ  1 
ATOM   1291 N  NH1 . ARG B 1 81 ? -27.802 -2.336  8.107   1.00 85.78 ? 78  ARG B NH1 1 
ATOM   1292 N  NH2 . ARG B 1 81 ? -27.695 -1.965  10.381  1.00 85.20 ? 78  ARG B NH2 1 
ATOM   1293 N  N   . GLU B 1 82 ? -20.719 -1.596  8.345   1.00 71.38 ? 79  GLU B N   1 
ATOM   1294 C  CA  . GLU B 1 82 ? -19.928 -1.169  7.218   1.00 71.52 ? 79  GLU B CA  1 
ATOM   1295 C  C   . GLU B 1 82 ? -18.495 -1.690  7.325   1.00 71.82 ? 79  GLU B C   1 
ATOM   1296 O  O   . GLU B 1 82 ? -17.917 -2.154  6.338   1.00 71.89 ? 79  GLU B O   1 
ATOM   1297 C  CB  . GLU B 1 82 ? -19.945 0.359   7.114   1.00 71.43 ? 79  GLU B CB  1 
ATOM   1298 C  CG  . GLU B 1 82 ? -19.675 0.870   5.724   1.00 71.79 ? 79  GLU B CG  1 
ATOM   1299 C  CD  . GLU B 1 82 ? -20.780 0.503   4.750   1.00 72.32 ? 79  GLU B CD  1 
ATOM   1300 O  OE1 . GLU B 1 82 ? -21.965 0.479   5.165   1.00 72.95 ? 79  GLU B OE1 1 
ATOM   1301 O  OE2 . GLU B 1 82 ? -20.465 0.239   3.573   1.00 71.53 ? 79  GLU B OE2 1 
ATOM   1302 N  N   . LEU B 1 83 ? -17.931 -1.615  8.527   1.00 72.28 ? 80  LEU B N   1 
ATOM   1303 C  CA  . LEU B 1 83 ? -16.579 -2.095  8.785   1.00 72.76 ? 80  LEU B CA  1 
ATOM   1304 C  C   . LEU B 1 83 ? -16.411 -3.581  8.466   1.00 73.56 ? 80  LEU B C   1 
ATOM   1305 O  O   . LEU B 1 83 ? -15.330 -4.015  8.059   1.00 73.56 ? 80  LEU B O   1 
ATOM   1306 C  CB  . LEU B 1 83 ? -16.190 -1.815  10.228  1.00 72.60 ? 80  LEU B CB  1 
ATOM   1307 C  CG  . LEU B 1 83 ? -15.665 -0.420  10.540  1.00 71.66 ? 80  LEU B CG  1 
ATOM   1308 C  CD1 . LEU B 1 83 ? -15.296 -0.375  12.001  1.00 72.57 ? 80  LEU B CD1 1 
ATOM   1309 C  CD2 . LEU B 1 83 ? -14.462 -0.083  9.696   1.00 71.11 ? 80  LEU B CD2 1 
ATOM   1310 N  N   . ASN B 1 84 ? -17.487 -4.347  8.649   1.00 74.31 ? 81  ASN B N   1 
ATOM   1311 C  CA  . ASN B 1 84 ? -17.541 -5.752  8.230   1.00 75.11 ? 81  ASN B CA  1 
ATOM   1312 C  C   . ASN B 1 84 ? -18.238 -5.963  6.874   1.00 75.92 ? 81  ASN B C   1 
ATOM   1313 O  O   . ASN B 1 84 ? -18.714 -7.064  6.574   1.00 75.90 ? 81  ASN B O   1 
ATOM   1314 C  CB  . ASN B 1 84 ? -18.207 -6.599  9.319   1.00 74.86 ? 81  ASN B CB  1 
ATOM   1315 C  CG  . ASN B 1 84 ? -17.268 -6.905  10.466  1.00 74.37 ? 81  ASN B CG  1 
ATOM   1316 O  OD1 . ASN B 1 84 ? -16.650 -7.979  10.504  1.00 74.21 ? 81  ASN B OD1 1 
ATOM   1317 N  ND2 . ASN B 1 84 ? -17.130 -5.955  11.395  1.00 72.20 ? 81  ASN B ND2 1 
ATOM   1318 N  N   . GLN B 1 85 ? -18.267 -4.901  6.062   1.00 76.83 ? 82  GLN B N   1 
ATOM   1319 C  CA  . GLN B 1 85 ? -18.976 -4.848  4.760   1.00 77.93 ? 82  GLN B CA  1 
ATOM   1320 C  C   . GLN B 1 85 ? -20.494 -5.062  4.873   1.00 78.00 ? 82  GLN B C   1 
ATOM   1321 O  O   . GLN B 1 85 ? -21.286 -4.430  4.159   1.00 77.96 ? 82  GLN B O   1 
ATOM   1322 C  CB  . GLN B 1 85 ? -18.355 -5.800  3.715   1.00 78.28 ? 82  GLN B CB  1 
ATOM   1323 C  CG  . GLN B 1 85 ? -16.977 -5.367  3.172   1.00 80.05 ? 82  GLN B CG  1 
ATOM   1324 C  CD  . GLN B 1 85 ? -15.796 -5.982  3.937   1.00 82.19 ? 82  GLN B CD  1 
ATOM   1325 O  OE1 . GLN B 1 85 ? -15.319 -5.411  4.931   1.00 83.22 ? 82  GLN B OE1 1 
ATOM   1326 N  NE2 . GLN B 1 85 ? -15.308 -7.138  3.462   1.00 80.72 ? 82  GLN B NE2 1 
HETATM 1327 O  O   . HOH C 2 .  ? 22.283  -18.304 -26.202 1.00 41.30 ? 102 HOH A O   1 
HETATM 1328 O  O   . HOH C 2 .  ? 17.595  -14.040 -7.572  1.00 46.68 ? 103 HOH A O   1 
HETATM 1329 O  O   . HOH C 2 .  ? 4.389   -11.301 -5.156  1.00 40.74 ? 104 HOH A O   1 
HETATM 1330 O  O   . HOH C 2 .  ? 15.684  -14.685 -17.852 1.00 35.80 ? 105 HOH A O   1 
HETATM 1331 O  O   . HOH C 2 .  ? 4.109   -8.824  -3.567  1.00 44.05 ? 106 HOH A O   1 
HETATM 1332 O  O   . HOH C 2 .  ? -18.847 16.391  8.360   1.00 45.13 ? 107 HOH A O   1 
HETATM 1333 O  O   . HOH C 2 .  ? 32.079  -18.318 -24.443 1.00 58.53 ? 108 HOH A O   1 
HETATM 1334 O  O   . HOH C 2 .  ? 15.983  -4.760  -17.495 0.50 50.76 ? 109 HOH A O   1 
HETATM 1335 O  O   . HOH C 2 .  ? -17.366 14.197  8.733   0.50 59.14 ? 110 HOH A O   1 
HETATM 1336 O  O   . HOH C 2 .  ? -5.440  -0.543  1.717   1.00 69.27 ? 111 HOH A O   1 
HETATM 1337 O  O   . HOH C 2 .  ? -34.029 14.943  11.916  1.00 53.79 ? 112 HOH A O   1 
HETATM 1338 O  O   . HOH C 2 .  ? -32.096 17.647  25.046  1.00 57.37 ? 113 HOH A O   1 
HETATM 1339 O  O   . HOH C 2 .  ? 10.521  -7.013  -4.726  1.00 46.16 ? 114 HOH A O   1 
HETATM 1340 O  O   . HOH C 2 .  ? -27.120 8.253   8.236   1.00 62.84 ? 115 HOH A O   1 
HETATM 1341 O  O   . HOH C 2 .  ? 14.111  -20.266 -17.380 1.00 50.83 ? 116 HOH A O   1 
HETATM 1342 O  O   . HOH C 2 .  ? 33.964  -13.108 -18.394 1.00 52.11 ? 117 HOH A O   1 
HETATM 1343 O  O   . HOH C 2 .  ? 25.681  -18.959 -10.143 1.00 60.38 ? 118 HOH A O   1 
HETATM 1344 O  O   . HOH C 2 .  ? 14.280  -3.766  -16.107 0.50 48.61 ? 119 HOH A O   1 
HETATM 1345 O  O   . HOH C 2 .  ? 1.828   -7.552  -10.999 1.00 54.15 ? 120 HOH A O   1 
HETATM 1346 O  O   . HOH C 2 .  ? -1.226  2.091   -3.690  1.00 37.39 ? 121 HOH A O   1 
HETATM 1347 O  O   . HOH C 2 .  ? 17.009  -18.188 -20.405 1.00 42.09 ? 122 HOH A O   1 
HETATM 1348 O  O   . HOH C 2 .  ? 17.445  -20.298 -21.463 1.00 53.07 ? 123 HOH A O   1 
HETATM 1349 O  O   . HOH C 2 .  ? 33.923  -10.252 -8.357  1.00 55.51 ? 124 HOH A O   1 
HETATM 1350 O  O   . HOH C 2 .  ? -5.897  -3.167  -1.790  1.00 50.84 ? 125 HOH A O   1 
HETATM 1351 O  O   . HOH C 2 .  ? -5.899  2.409   2.717   1.00 41.98 ? 126 HOH A O   1 
HETATM 1352 O  O   . HOH C 2 .  ? 18.654  -19.240 -19.709 1.00 69.14 ? 127 HOH A O   1 
HETATM 1353 O  O   . HOH C 2 .  ? -20.647 6.338   0.142   1.00 55.83 ? 128 HOH A O   1 
HETATM 1354 O  O   . HOH C 2 .  ? -33.838 16.072  24.155  1.00 66.17 ? 129 HOH A O   1 
HETATM 1355 O  O   . HOH C 2 .  ? -29.425 14.231  7.203   1.00 58.49 ? 130 HOH A O   1 
HETATM 1356 O  O   . HOH D 2 .  ? -20.074 11.837  26.500  1.00 32.38 ? 102 HOH B O   1 
HETATM 1357 O  O   . HOH D 2 .  ? -5.669  3.657   13.531  1.00 33.34 ? 103 HOH B O   1 
HETATM 1358 O  O   . HOH D 2 .  ? -3.300  3.444   12.338  1.00 37.53 ? 104 HOH B O   1 
HETATM 1359 O  O   . HOH D 2 .  ? -12.057 13.144  14.235  1.00 41.34 ? 105 HOH B O   1 
HETATM 1360 O  O   . HOH D 2 .  ? 18.448  2.414   -17.565 1.00 40.52 ? 106 HOH B O   1 
HETATM 1361 O  O   . HOH D 2 .  ? -22.521 20.871  23.812  1.00 42.39 ? 107 HOH B O   1 
HETATM 1362 O  O   . HOH D 2 .  ? 17.087  -3.901  -19.816 1.00 41.82 ? 108 HOH B O   1 
HETATM 1363 O  O   . HOH D 2 .  ? -33.847 11.714  19.459  1.00 47.81 ? 109 HOH B O   1 
HETATM 1364 O  O   . HOH D 2 .  ? 6.010   2.482   2.542   1.00 55.72 ? 110 HOH B O   1 
HETATM 1365 O  O   . HOH D 2 .  ? 32.228  -5.096  -27.590 1.00 48.65 ? 111 HOH B O   1 
HETATM 1366 O  O   . HOH D 2 .  ? -15.350 13.980  18.579  1.00 38.36 ? 112 HOH B O   1 
HETATM 1367 O  O   . HOH D 2 .  ? -9.838  2.314   8.923   1.00 45.40 ? 113 HOH B O   1 
HETATM 1368 O  O   . HOH D 2 .  ? 6.175   -0.166  0.389   1.00 57.35 ? 114 HOH B O   1 
HETATM 1369 O  O   . HOH D 2 .  ? -2.974  2.253   9.739   1.00 47.14 ? 115 HOH B O   1 
HETATM 1370 O  O   . HOH D 2 .  ? 34.165  -17.251 -23.378 1.00 59.91 ? 116 HOH B O   1 
HETATM 1371 O  O   . HOH D 2 .  ? 32.504  -4.465  -19.077 1.00 55.71 ? 117 HOH B O   1 
HETATM 1372 O  O   . HOH D 2 .  ? 26.441  -3.426  -12.552 1.00 62.86 ? 118 HOH B O   1 
HETATM 1373 O  O   . HOH D 2 .  ? -13.188 12.906  23.827  1.00 50.54 ? 119 HOH B O   1 
HETATM 1374 O  O   . HOH D 2 .  ? 0.367   3.388   10.782  1.00 58.39 ? 120 HOH B O   1 
HETATM 1375 O  O   . HOH D 2 .  ? -27.012 7.552   27.669  1.00 56.63 ? 121 HOH B O   1 
HETATM 1376 O  O   . HOH D 2 .  ? -16.591 3.157   16.819  1.00 53.61 ? 122 HOH B O   1 
HETATM 1377 O  O   . HOH D 2 .  ? -35.596 5.321   20.717  1.00 59.31 ? 123 HOH B O   1 
HETATM 1378 O  O   . HOH D 2 .  ? -11.966 10.181  20.254  1.00 52.68 ? 124 HOH B O   1 
HETATM 1379 O  O   . HOH D 2 .  ? 0.543   5.725   9.908   1.00 60.85 ? 125 HOH B O   1 
HETATM 1380 O  O   . HOH D 2 .  ? -17.066 -6.473  0.286   1.00 53.09 ? 126 HOH B O   1 
HETATM 1381 O  O   . HOH D 2 .  ? -10.755 15.218  14.897  1.00 47.08 ? 127 HOH B O   1 
HETATM 1382 O  O   . HOH D 2 .  ? 27.702  -1.285  -18.568 1.00 43.69 ? 128 HOH B O   1 
# 
